data_7RIL
# 
_entry.id   7RIL 
# 
_audit_conform.dict_name       mmcif_pdbx.dic 
_audit_conform.dict_version    5.389 
_audit_conform.dict_location   http://mmcif.pdb.org/dictionaries/ascii/mmcif_pdbx.dic 
# 
loop_
_database_2.database_id 
_database_2.database_code 
_database_2.pdbx_database_accession 
_database_2.pdbx_DOI 
PDB   7RIL         pdb_00007ril 10.2210/pdb7ril/pdb 
WWPDB D_1000258299 ?            ?                   
# 
loop_
_pdbx_audit_revision_history.ordinal 
_pdbx_audit_revision_history.data_content_type 
_pdbx_audit_revision_history.major_revision 
_pdbx_audit_revision_history.minor_revision 
_pdbx_audit_revision_history.revision_date 
1 'Structure model' 1 0 2022-01-12 
2 'Structure model' 1 1 2022-07-27 
3 'Structure model' 1 2 2024-03-13 
4 'Structure model' 1 3 2024-04-03 
# 
_pdbx_audit_revision_details.ordinal             1 
_pdbx_audit_revision_details.revision_ordinal    1 
_pdbx_audit_revision_details.data_content_type   'Structure model' 
_pdbx_audit_revision_details.provider            repository 
_pdbx_audit_revision_details.type                'Initial release' 
_pdbx_audit_revision_details.description         ? 
_pdbx_audit_revision_details.details             ? 
# 
loop_
_pdbx_audit_revision_group.ordinal 
_pdbx_audit_revision_group.revision_ordinal 
_pdbx_audit_revision_group.data_content_type 
_pdbx_audit_revision_group.group 
1 2 'Structure model' 'Database references'    
2 3 'Structure model' 'Data collection'        
3 3 'Structure model' 'Source and taxonomy'    
4 4 'Structure model' 'Refinement description' 
# 
loop_
_pdbx_audit_revision_category.ordinal 
_pdbx_audit_revision_category.revision_ordinal 
_pdbx_audit_revision_category.data_content_type 
_pdbx_audit_revision_category.category 
1 2 'Structure model' citation                      
2 2 'Structure model' citation_author               
3 3 'Structure model' chem_comp_atom                
4 3 'Structure model' chem_comp_bond                
5 3 'Structure model' entity_src_nat                
6 4 'Structure model' pdbx_initial_refinement_model 
# 
loop_
_pdbx_audit_revision_item.ordinal 
_pdbx_audit_revision_item.revision_ordinal 
_pdbx_audit_revision_item.data_content_type 
_pdbx_audit_revision_item.item 
1  2 'Structure model' '_citation.country'                 
2  2 'Structure model' '_citation.journal_abbrev'          
3  2 'Structure model' '_citation.journal_id_ASTM'         
4  2 'Structure model' '_citation.journal_id_CSD'          
5  2 'Structure model' '_citation.journal_id_ISSN'         
6  2 'Structure model' '_citation.journal_volume'          
7  2 'Structure model' '_citation.pdbx_database_id_DOI'    
8  2 'Structure model' '_citation.pdbx_database_id_PubMed' 
9  2 'Structure model' '_citation.title'                   
10 2 'Structure model' '_citation.year'                    
# 
_pdbx_database_status.status_code                     REL 
_pdbx_database_status.status_code_sf                  REL 
_pdbx_database_status.status_code_mr                  ? 
_pdbx_database_status.entry_id                        7RIL 
_pdbx_database_status.recvd_initial_deposition_date   2021-07-20 
_pdbx_database_status.SG_entry                        N 
_pdbx_database_status.deposit_site                    RCSB 
_pdbx_database_status.process_site                    RCSB 
_pdbx_database_status.status_code_cs                  ? 
_pdbx_database_status.status_code_nmr_data            ? 
_pdbx_database_status.methods_development_category    ? 
_pdbx_database_status.pdb_format_compatible           Y 
# 
loop_
_audit_author.name 
_audit_author.pdbx_ordinal 
_audit_author.identifier_ORCID 
'Oh, J.'       1 ? 
'Dervan, P.B.' 2 ? 
'Wang, D.'     3 ? 
# 
_citation.abstract                  ? 
_citation.abstract_id_CAS           ? 
_citation.book_id_ISBN              ? 
_citation.book_publisher            ? 
_citation.book_publisher_city       ? 
_citation.book_title                ? 
_citation.coordinate_linkage        ? 
_citation.country                   US 
_citation.database_id_Medline       ? 
_citation.details                   ? 
_citation.id                        primary 
_citation.journal_abbrev            Proc.Natl.Acad.Sci.USA 
_citation.journal_id_ASTM           PNASA6 
_citation.journal_id_CSD            0040 
_citation.journal_id_ISSN           1091-6490 
_citation.journal_full              ? 
_citation.journal_issue             ? 
_citation.journal_volume            119 
_citation.language                  ? 
_citation.page_first                ? 
_citation.page_last                 ? 
_citation.title                     
;RNA polymerase II trapped on a molecular treadmill: Structural basis of persistent transcriptional arrest by a minor groove DNA binder.
;
_citation.year                      2022 
_citation.database_id_CSD           ? 
_citation.pdbx_database_id_DOI      10.1073/pnas.2114065119 
_citation.pdbx_database_id_PubMed   35022237 
_citation.pdbx_database_id_patent   ? 
_citation.unpublished_flag          ? 
# 
loop_
_citation_author.citation_id 
_citation_author.name 
_citation_author.ordinal 
_citation_author.identifier_ORCID 
primary 'Oh, J.'       1 0000-0002-7625-2779 
primary 'Jia, T.'      2 0000-0002-9106-2842 
primary 'Xu, J.'       3 ?                   
primary 'Chong, J.'    4 ?                   
primary 'Dervan, P.B.' 5 ?                   
primary 'Wang, D.'     6 0000-0002-2829-1546 
# 
loop_
_entity.id 
_entity.type 
_entity.src_method 
_entity.pdbx_description 
_entity.formula_weight 
_entity.pdbx_number_of_molecules 
_entity.pdbx_ec 
_entity.pdbx_mutation 
_entity.pdbx_fragment 
_entity.details 
1 polymer     syn 'non-template DNA' 3029.993 1  ? ? ? ? 
2 polymer     syn 'template DNA' 3061.003 1  ? ? ? ? 
3 non-polymer nat 
;3-({3-[(3-{[4-({4-[(4-{[4-({(2R)-2-amino-4-[(1-methyl-4-{[1-methyl-4-({1-methyl-4-[(1-methyl-1H-imidazole-2-carbonyl)amino]-1H-imidazole-2-carbonyl}amino)-1H-pyrrole-2-carbonyl]amino}-1H-pyrrole-2-carbonyl)amino]butanoyl}amino)-1-methyl-1H-imidazole-2-carbonyl]amino}-1-methyl-1H-pyrrole-2-carbonyl)amino]-1-methyl-1H-pyrrole-2-carbonyl}amino)-1-methyl-1H-pyrrole-2-carbonyl]amino}propyl)(methyl)amino]propyl}carbamoyl)benzoic acid
;
1358.427 1  ? ? ? ? 
4 non-polymer nat 'ACETATE ION' 59.044   1  ? ? ? ? 
5 water       nat water 18.015   17 ? ? ? ? 
# 
loop_
_entity_poly.entity_id 
_entity_poly.type 
_entity_poly.nstd_linkage 
_entity_poly.nstd_monomer 
_entity_poly.pdbx_seq_one_letter_code 
_entity_poly.pdbx_seq_one_letter_code_can 
_entity_poly.pdbx_strand_id 
_entity_poly.pdbx_target_identifier 
1 polydeoxyribonucleotide no no '(DC)(DC)(DT)(DG)(DA)(DC)(DC)(DA)(DG)(DG)' CCTGACCAGG A ? 
2 polydeoxyribonucleotide no no '(DC)(DC)(DT)(DG)(DG)(DT)(DC)(DA)(DG)(DG)' CCTGGTCAGG B ? 
# 
loop_
_pdbx_entity_nonpoly.entity_id 
_pdbx_entity_nonpoly.name 
_pdbx_entity_nonpoly.comp_id 
3 
;3-({3-[(3-{[4-({4-[(4-{[4-({(2R)-2-amino-4-[(1-methyl-4-{[1-methyl-4-({1-methyl-4-[(1-methyl-1H-imidazole-2-carbonyl)amino]-1H-imidazole-2-carbonyl}amino)-1H-pyrrole-2-carbonyl]amino}-1H-pyrrole-2-carbonyl)amino]butanoyl}amino)-1-methyl-1H-imidazole-2-carbonyl]amino}-1-methyl-1H-pyrrole-2-carbonyl)amino]-1-methyl-1H-pyrrole-2-carbonyl}amino)-1-methyl-1H-pyrrole-2-carbonyl]amino}propyl)(methyl)amino]propyl}carbamoyl)benzoic acid
;
5N0 
4 'ACETATE ION' ACT 
5 water HOH 
# 
loop_
_entity_poly_seq.entity_id 
_entity_poly_seq.num 
_entity_poly_seq.mon_id 
_entity_poly_seq.hetero 
1 1  DC n 
1 2  DC n 
1 3  DT n 
1 4  DG n 
1 5  DA n 
1 6  DC n 
1 7  DC n 
1 8  DA n 
1 9  DG n 
1 10 DG n 
2 1  DC n 
2 2  DC n 
2 3  DT n 
2 4  DG n 
2 5  DG n 
2 6  DT n 
2 7  DC n 
2 8  DA n 
2 9  DG n 
2 10 DG n 
# 
loop_
_pdbx_entity_src_syn.entity_id 
_pdbx_entity_src_syn.pdbx_src_id 
_pdbx_entity_src_syn.pdbx_alt_source_flag 
_pdbx_entity_src_syn.pdbx_beg_seq_num 
_pdbx_entity_src_syn.pdbx_end_seq_num 
_pdbx_entity_src_syn.organism_scientific 
_pdbx_entity_src_syn.organism_common_name 
_pdbx_entity_src_syn.ncbi_taxonomy_id 
_pdbx_entity_src_syn.details 
1 1 sample 1 10 'synthetic construct' ? 32630 ? 
2 1 sample 1 10 'synthetic construct' ? 32630 ? 
# 
loop_
_chem_comp.id 
_chem_comp.type 
_chem_comp.mon_nstd_flag 
_chem_comp.name 
_chem_comp.pdbx_synonyms 
_chem_comp.formula 
_chem_comp.formula_weight 
5N0 non-polymer   . 
;3-({3-[(3-{[4-({4-[(4-{[4-({(2R)-2-amino-4-[(1-methyl-4-{[1-methyl-4-({1-methyl-4-[(1-methyl-1H-imidazole-2-carbonyl)amino]-1H-imidazole-2-carbonyl}amino)-1H-pyrrole-2-carbonyl]amino}-1H-pyrrole-2-carbonyl)amino]butanoyl}amino)-1-methyl-1H-imidazole-2-carbonyl]amino}-1-methyl-1H-pyrrole-2-carbonyl)amino]-1-methyl-1H-pyrrole-2-carbonyl}amino)-1-methyl-1H-pyrrole-2-carbonyl]amino}propyl)(methyl)amino]propyl}carbamoyl)benzoic acid
;
? 'C64 H75 N23 O12' 1358.427 
ACT non-polymer   . 'ACETATE ION' ? 'C2 H3 O2 -1'     59.044   
DA  'DNA linking' y "2'-DEOXYADENOSINE-5'-MONOPHOSPHATE" ? 'C10 H14 N5 O6 P' 331.222  
DC  'DNA linking' y "2'-DEOXYCYTIDINE-5'-MONOPHOSPHATE" ? 'C9 H14 N3 O7 P'  307.197  
DG  'DNA linking' y "2'-DEOXYGUANOSINE-5'-MONOPHOSPHATE" ? 'C10 H14 N5 O7 P' 347.221  
DT  'DNA linking' y "THYMIDINE-5'-MONOPHOSPHATE" ? 'C10 H15 N2 O8 P' 322.208  
HOH non-polymer   . WATER ? 'H2 O'            18.015   
# 
loop_
_pdbx_poly_seq_scheme.asym_id 
_pdbx_poly_seq_scheme.entity_id 
_pdbx_poly_seq_scheme.seq_id 
_pdbx_poly_seq_scheme.mon_id 
_pdbx_poly_seq_scheme.ndb_seq_num 
_pdbx_poly_seq_scheme.pdb_seq_num 
_pdbx_poly_seq_scheme.auth_seq_num 
_pdbx_poly_seq_scheme.pdb_mon_id 
_pdbx_poly_seq_scheme.auth_mon_id 
_pdbx_poly_seq_scheme.pdb_strand_id 
_pdbx_poly_seq_scheme.pdb_ins_code 
_pdbx_poly_seq_scheme.hetero 
A 1 1  DC 1  1  1  DC DC A . n 
A 1 2  DC 2  2  2  DC DC A . n 
A 1 3  DT 3  3  3  DT DT A . n 
A 1 4  DG 4  4  4  DG DG A . n 
A 1 5  DA 5  5  5  DA DA A . n 
A 1 6  DC 6  6  6  DC DC A . n 
A 1 7  DC 7  7  7  DC DC A . n 
A 1 8  DA 8  8  8  DA DA A . n 
A 1 9  DG 9  9  9  DG DG A . n 
A 1 10 DG 10 10 10 DG DG A . n 
B 2 1  DC 1  1  1  DC DC B . n 
B 2 2  DC 2  2  2  DC DC B . n 
B 2 3  DT 3  3  3  DT DT B . n 
B 2 4  DG 4  4  4  DG DG B . n 
B 2 5  DG 5  5  5  DG DG B . n 
B 2 6  DT 6  6  6  DT DT B . n 
B 2 7  DC 7  7  7  DC DC B . n 
B 2 8  DA 8  8  8  DA DA B . n 
B 2 9  DG 9  9  9  DG DG B . n 
B 2 10 DG 10 10 10 DG DG B . n 
# 
loop_
_pdbx_nonpoly_scheme.asym_id 
_pdbx_nonpoly_scheme.entity_id 
_pdbx_nonpoly_scheme.mon_id 
_pdbx_nonpoly_scheme.ndb_seq_num 
_pdbx_nonpoly_scheme.pdb_seq_num 
_pdbx_nonpoly_scheme.auth_seq_num 
_pdbx_nonpoly_scheme.pdb_mon_id 
_pdbx_nonpoly_scheme.auth_mon_id 
_pdbx_nonpoly_scheme.pdb_strand_id 
_pdbx_nonpoly_scheme.pdb_ins_code 
C 3 5N0 1  101 101 5N0 1P1 B . 
D 4 ACT 1  102 201 ACT ACT B . 
E 5 HOH 1  101 12  HOH HOH A . 
E 5 HOH 2  102 15  HOH HOH A . 
E 5 HOH 3  103 6   HOH HOH A . 
E 5 HOH 4  104 14  HOH HOH A . 
E 5 HOH 5  105 7   HOH HOH A . 
E 5 HOH 6  106 10  HOH HOH A . 
F 5 HOH 1  201 4   HOH HOH B . 
F 5 HOH 2  202 5   HOH HOH B . 
F 5 HOH 3  203 3   HOH HOH B . 
F 5 HOH 4  204 2   HOH HOH B . 
F 5 HOH 5  205 16  HOH HOH B . 
F 5 HOH 6  206 11  HOH HOH B . 
F 5 HOH 7  207 13  HOH HOH B . 
F 5 HOH 8  208 9   HOH HOH B . 
F 5 HOH 9  209 1   HOH HOH B . 
F 5 HOH 10 210 8   HOH HOH B . 
F 5 HOH 11 211 17  HOH HOH B . 
# 
loop_
_software.citation_id 
_software.classification 
_software.compiler_name 
_software.compiler_version 
_software.contact_author 
_software.contact_author_email 
_software.date 
_software.description 
_software.dependencies 
_software.hardware 
_software.language 
_software.location 
_software.mods 
_software.name 
_software.os 
_software.os_version 
_software.type 
_software.version 
_software.pdbx_ordinal 
? 'data scaling'    ? ? ? ? ? ? ? ? ? ? ? Aimless     ? ? ? 0.7.4     1 
? refinement        ? ? ? ? ? ? ? ? ? ? ? PHENIX      ? ? ? 1.13_2998 2 
? 'data extraction' ? ? ? ? ? ? ? ? ? ? ? PDB_EXTRACT ? ? ? 3.27      3 
? 'data reduction'  ? ? ? ? ? ? ? ? ? ? ? MOSFLM      ? ? ? .         4 
? phasing           ? ? ? ? ? ? ? ? ? ? ? PHASER      ? ? ? .         5 
# 
_cell.angle_alpha                  90.000 
_cell.angle_alpha_esd              ? 
_cell.angle_beta                   90.000 
_cell.angle_beta_esd               ? 
_cell.angle_gamma                  120.000 
_cell.angle_gamma_esd              ? 
_cell.entry_id                     7RIL 
_cell.details                      ? 
_cell.formula_units_Z              ? 
_cell.length_a                     33.910 
_cell.length_a_esd                 ? 
_cell.length_b                     33.910 
_cell.length_b_esd                 ? 
_cell.length_c                     47.461 
_cell.length_c_esd                 ? 
_cell.volume                       ? 
_cell.volume_esd                   ? 
_cell.Z_PDB                        3 
_cell.reciprocal_angle_alpha       ? 
_cell.reciprocal_angle_beta        ? 
_cell.reciprocal_angle_gamma       ? 
_cell.reciprocal_angle_alpha_esd   ? 
_cell.reciprocal_angle_beta_esd    ? 
_cell.reciprocal_angle_gamma_esd   ? 
_cell.reciprocal_length_a          ? 
_cell.reciprocal_length_b          ? 
_cell.reciprocal_length_c          ? 
_cell.reciprocal_length_a_esd      ? 
_cell.reciprocal_length_b_esd      ? 
_cell.reciprocal_length_c_esd      ? 
_cell.pdbx_unique_axis             ? 
# 
_symmetry.entry_id                         7RIL 
_symmetry.cell_setting                     ? 
_symmetry.Int_Tables_number                144 
_symmetry.space_group_name_Hall            ? 
_symmetry.space_group_name_H-M             'P 31' 
_symmetry.pdbx_full_space_group_name_H-M   ? 
# 
_exptl.absorpt_coefficient_mu     ? 
_exptl.absorpt_correction_T_max   ? 
_exptl.absorpt_correction_T_min   ? 
_exptl.absorpt_correction_type    ? 
_exptl.absorpt_process_details    ? 
_exptl.entry_id                   7RIL 
_exptl.crystals_number            1 
_exptl.details                    ? 
_exptl.method                     'X-RAY DIFFRACTION' 
_exptl.method_details             ? 
# 
_exptl_crystal.colour                      ? 
_exptl_crystal.density_diffrn              ? 
_exptl_crystal.density_Matthews            2.59 
_exptl_crystal.density_method              ? 
_exptl_crystal.density_percent_sol         52.45 
_exptl_crystal.description                 ? 
_exptl_crystal.F_000                       ? 
_exptl_crystal.id                          1 
_exptl_crystal.preparation                 ? 
_exptl_crystal.size_max                    ? 
_exptl_crystal.size_mid                    ? 
_exptl_crystal.size_min                    ? 
_exptl_crystal.size_rad                    ? 
_exptl_crystal.colour_lustre               ? 
_exptl_crystal.colour_modifier             ? 
_exptl_crystal.colour_primary              ? 
_exptl_crystal.density_meas                ? 
_exptl_crystal.density_meas_esd            ? 
_exptl_crystal.density_meas_gt             ? 
_exptl_crystal.density_meas_lt             ? 
_exptl_crystal.density_meas_temp           ? 
_exptl_crystal.density_meas_temp_esd       ? 
_exptl_crystal.density_meas_temp_gt        ? 
_exptl_crystal.density_meas_temp_lt        ? 
_exptl_crystal.pdbx_crystal_image_url      ? 
_exptl_crystal.pdbx_crystal_image_format   ? 
_exptl_crystal.pdbx_mosaicity              ? 
_exptl_crystal.pdbx_mosaicity_esd          ? 
# 
_exptl_crystal_grow.apparatus       ? 
_exptl_crystal_grow.atmosphere      ? 
_exptl_crystal_grow.crystal_id      1 
_exptl_crystal_grow.details         ? 
_exptl_crystal_grow.method          'VAPOR DIFFUSION, HANGING DROP' 
_exptl_crystal_grow.method_ref      ? 
_exptl_crystal_grow.pH              7.5 
_exptl_crystal_grow.pressure        ? 
_exptl_crystal_grow.pressure_esd    ? 
_exptl_crystal_grow.seeding         ? 
_exptl_crystal_grow.seeding_ref     ? 
_exptl_crystal_grow.temp            298 
_exptl_crystal_grow.temp_details    ? 
_exptl_crystal_grow.temp_esd        ? 
_exptl_crystal_grow.time            ? 
_exptl_crystal_grow.pdbx_details    '10 mM Tris pH 7.5, 24% 2-methyl-2,4-pentanediol (MPD) and 35 mM calcium acetate, with 35% MPD' 
_exptl_crystal_grow.pdbx_pH_range   ? 
# 
_diffrn.ambient_environment              ? 
_diffrn.ambient_temp                     100 
_diffrn.ambient_temp_details             ? 
_diffrn.ambient_temp_esd                 ? 
_diffrn.crystal_id                       1 
_diffrn.crystal_support                  ? 
_diffrn.crystal_treatment                ? 
_diffrn.details                          ? 
_diffrn.id                               1 
_diffrn.ambient_pressure                 ? 
_diffrn.ambient_pressure_esd             ? 
_diffrn.ambient_pressure_gt              ? 
_diffrn.ambient_pressure_lt              ? 
_diffrn.ambient_temp_gt                  ? 
_diffrn.ambient_temp_lt                  ? 
_diffrn.pdbx_serial_crystal_experiment   N 
# 
_diffrn_detector.details                      ? 
_diffrn_detector.detector                     CCD 
_diffrn_detector.diffrn_id                    1 
_diffrn_detector.type                         'ADSC QUANTUM 315r' 
_diffrn_detector.area_resol_mean              ? 
_diffrn_detector.dtime                        ? 
_diffrn_detector.pdbx_frames_total            ? 
_diffrn_detector.pdbx_collection_time_total   ? 
_diffrn_detector.pdbx_collection_date         2020-02-08 
_diffrn_detector.pdbx_frequency               ? 
# 
_diffrn_radiation.collimation                      ? 
_diffrn_radiation.diffrn_id                        1 
_diffrn_radiation.filter_edge                      ? 
_diffrn_radiation.inhomogeneity                    ? 
_diffrn_radiation.monochromator                    ? 
_diffrn_radiation.polarisn_norm                    ? 
_diffrn_radiation.polarisn_ratio                   ? 
_diffrn_radiation.probe                            ? 
_diffrn_radiation.type                             ? 
_diffrn_radiation.xray_symbol                      ? 
_diffrn_radiation.wavelength_id                    1 
_diffrn_radiation.pdbx_monochromatic_or_laue_m_l   M 
_diffrn_radiation.pdbx_wavelength_list             ? 
_diffrn_radiation.pdbx_wavelength                  ? 
_diffrn_radiation.pdbx_diffrn_protocol             'SINGLE WAVELENGTH' 
_diffrn_radiation.pdbx_analyzer                    ? 
_diffrn_radiation.pdbx_scattering_type             x-ray 
# 
_diffrn_radiation_wavelength.id           1 
_diffrn_radiation_wavelength.wavelength   0.97741 
_diffrn_radiation_wavelength.wt           1.0 
# 
_diffrn_source.current                     ? 
_diffrn_source.details                     ? 
_diffrn_source.diffrn_id                   1 
_diffrn_source.power                       ? 
_diffrn_source.size                        ? 
_diffrn_source.source                      SYNCHROTRON 
_diffrn_source.target                      ? 
_diffrn_source.type                        'ALS BEAMLINE 5.0.1' 
_diffrn_source.voltage                     ? 
_diffrn_source.take-off_angle              ? 
_diffrn_source.pdbx_wavelength_list        0.97741 
_diffrn_source.pdbx_wavelength             ? 
_diffrn_source.pdbx_synchrotron_beamline   5.0.1 
_diffrn_source.pdbx_synchrotron_site       ALS 
# 
_reflns.B_iso_Wilson_estimate                          47.460 
_reflns.entry_id                                       7RIL 
_reflns.data_reduction_details                         ? 
_reflns.data_reduction_method                          ? 
_reflns.d_resolution_high                              1.650 
_reflns.d_resolution_low                               47.460 
_reflns.details                                        ? 
_reflns.limit_h_max                                    ? 
_reflns.limit_h_min                                    ? 
_reflns.limit_k_max                                    ? 
_reflns.limit_k_min                                    ? 
_reflns.limit_l_max                                    ? 
_reflns.limit_l_min                                    ? 
_reflns.number_all                                     ? 
_reflns.number_obs                                     7383 
_reflns.observed_criterion                             ? 
_reflns.observed_criterion_F_max                       ? 
_reflns.observed_criterion_F_min                       ? 
_reflns.observed_criterion_I_max                       ? 
_reflns.observed_criterion_I_min                       ? 
_reflns.observed_criterion_sigma_F                     ? 
_reflns.observed_criterion_sigma_I                     ? 
_reflns.percent_possible_obs                           100.000 
_reflns.R_free_details                                 ? 
_reflns.Rmerge_F_all                                   ? 
_reflns.Rmerge_F_obs                                   ? 
_reflns.Friedel_coverage                               ? 
_reflns.number_gt                                      ? 
_reflns.threshold_expression                           ? 
_reflns.pdbx_redundancy                                8.800 
_reflns.pdbx_Rmerge_I_obs                              0.047 
_reflns.pdbx_Rmerge_I_all                              ? 
_reflns.pdbx_Rsym_value                                ? 
_reflns.pdbx_netI_over_av_sigmaI                       ? 
_reflns.pdbx_netI_over_sigmaI                          10.600 
_reflns.pdbx_res_netI_over_av_sigmaI_2                 ? 
_reflns.pdbx_res_netI_over_sigmaI_2                    ? 
_reflns.pdbx_chi_squared                               ? 
_reflns.pdbx_scaling_rejects                           9 
_reflns.pdbx_d_res_high_opt                            ? 
_reflns.pdbx_d_res_low_opt                             ? 
_reflns.pdbx_d_res_opt_method                          ? 
_reflns.phase_calculation_details                      ? 
_reflns.pdbx_Rrim_I_all                                0.050 
_reflns.pdbx_Rpim_I_all                                0.017 
_reflns.pdbx_d_opt                                     ? 
_reflns.pdbx_number_measured_all                       65231 
_reflns.pdbx_diffrn_id                                 1 
_reflns.pdbx_ordinal                                   1 
_reflns.pdbx_CC_half                                   1.000 
_reflns.pdbx_CC_star                                   ? 
_reflns.pdbx_R_split                                   ? 
_reflns.pdbx_aniso_diffraction_limit_axis_1_ortho[1]   ? 
_reflns.pdbx_aniso_diffraction_limit_axis_1_ortho[2]   ? 
_reflns.pdbx_aniso_diffraction_limit_axis_1_ortho[3]   ? 
_reflns.pdbx_aniso_diffraction_limit_axis_2_ortho[1]   ? 
_reflns.pdbx_aniso_diffraction_limit_axis_2_ortho[2]   ? 
_reflns.pdbx_aniso_diffraction_limit_axis_2_ortho[3]   ? 
_reflns.pdbx_aniso_diffraction_limit_axis_3_ortho[1]   ? 
_reflns.pdbx_aniso_diffraction_limit_axis_3_ortho[2]   ? 
_reflns.pdbx_aniso_diffraction_limit_axis_3_ortho[3]   ? 
_reflns.pdbx_aniso_diffraction_limit_1                 ? 
_reflns.pdbx_aniso_diffraction_limit_2                 ? 
_reflns.pdbx_aniso_diffraction_limit_3                 ? 
_reflns.pdbx_aniso_B_tensor_eigenvector_1_ortho[1]     ? 
_reflns.pdbx_aniso_B_tensor_eigenvector_1_ortho[2]     ? 
_reflns.pdbx_aniso_B_tensor_eigenvector_1_ortho[3]     ? 
_reflns.pdbx_aniso_B_tensor_eigenvector_2_ortho[1]     ? 
_reflns.pdbx_aniso_B_tensor_eigenvector_2_ortho[2]     ? 
_reflns.pdbx_aniso_B_tensor_eigenvector_2_ortho[3]     ? 
_reflns.pdbx_aniso_B_tensor_eigenvector_3_ortho[1]     ? 
_reflns.pdbx_aniso_B_tensor_eigenvector_3_ortho[2]     ? 
_reflns.pdbx_aniso_B_tensor_eigenvector_3_ortho[3]     ? 
_reflns.pdbx_aniso_B_tensor_eigenvalue_1               ? 
_reflns.pdbx_aniso_B_tensor_eigenvalue_2               ? 
_reflns.pdbx_aniso_B_tensor_eigenvalue_3               ? 
_reflns.pdbx_orthogonalization_convention              ? 
_reflns.pdbx_percent_possible_ellipsoidal              ? 
_reflns.pdbx_percent_possible_spherical                ? 
_reflns.pdbx_percent_possible_ellipsoidal_anomalous    ? 
_reflns.pdbx_percent_possible_spherical_anomalous      ? 
_reflns.pdbx_redundancy_anomalous                      ? 
_reflns.pdbx_CC_half_anomalous                         ? 
_reflns.pdbx_absDiff_over_sigma_anomalous              ? 
_reflns.pdbx_percent_possible_anomalous                ? 
_reflns.pdbx_observed_signal_threshold                 ? 
_reflns.pdbx_signal_type                               ? 
_reflns.pdbx_signal_details                            ? 
_reflns.pdbx_signal_software_id                        ? 
# 
loop_
_reflns_shell.d_res_high 
_reflns_shell.d_res_low 
_reflns_shell.meanI_over_sigI_all 
_reflns_shell.meanI_over_sigI_obs 
_reflns_shell.number_measured_all 
_reflns_shell.number_measured_obs 
_reflns_shell.number_possible 
_reflns_shell.number_unique_all 
_reflns_shell.number_unique_obs 
_reflns_shell.percent_possible_all 
_reflns_shell.percent_possible_obs 
_reflns_shell.Rmerge_F_all 
_reflns_shell.Rmerge_F_obs 
_reflns_shell.Rmerge_I_all 
_reflns_shell.Rmerge_I_obs 
_reflns_shell.meanI_over_sigI_gt 
_reflns_shell.meanI_over_uI_all 
_reflns_shell.meanI_over_uI_gt 
_reflns_shell.number_measured_gt 
_reflns_shell.number_unique_gt 
_reflns_shell.percent_possible_gt 
_reflns_shell.Rmerge_F_gt 
_reflns_shell.Rmerge_I_gt 
_reflns_shell.pdbx_redundancy 
_reflns_shell.pdbx_Rsym_value 
_reflns_shell.pdbx_chi_squared 
_reflns_shell.pdbx_netI_over_sigmaI_all 
_reflns_shell.pdbx_netI_over_sigmaI_obs 
_reflns_shell.pdbx_Rrim_I_all 
_reflns_shell.pdbx_Rpim_I_all 
_reflns_shell.pdbx_rejects 
_reflns_shell.pdbx_ordinal 
_reflns_shell.pdbx_diffrn_id 
_reflns_shell.pdbx_CC_half 
_reflns_shell.pdbx_CC_star 
_reflns_shell.pdbx_R_split 
_reflns_shell.pdbx_percent_possible_ellipsoidal 
_reflns_shell.pdbx_percent_possible_spherical 
_reflns_shell.pdbx_percent_possible_ellipsoidal_anomalous 
_reflns_shell.pdbx_percent_possible_spherical_anomalous 
_reflns_shell.pdbx_redundancy_anomalous 
_reflns_shell.pdbx_CC_half_anomalous 
_reflns_shell.pdbx_absDiff_over_sigma_anomalous 
_reflns_shell.pdbx_percent_possible_anomalous 
1.650 1.680  ? ? 3628 ? ? ? 398 100.000 ? ? ? ? 2.023 ? ? ? ? ? ? ? ? 9.100 ? ? ? 0.900  2.144 0.704 ? 1 1 0.485 ? ? ? ? ? ? ? ? ? 
? 
8.890 47.460 ? ? 486  ? ? ? 53  99.300  ? ? ? ? 0.027 ? ? ? ? ? ? ? ? 9.200 ? ? ? 43.000 0.028 0.010 ? 2 1 0.999 ? ? ? ? ? ? ? ? ? 
? 
# 
_refine.aniso_B[1][1]                            ? 
_refine.aniso_B[1][2]                            ? 
_refine.aniso_B[1][3]                            ? 
_refine.aniso_B[2][2]                            ? 
_refine.aniso_B[2][3]                            ? 
_refine.aniso_B[3][3]                            ? 
_refine.B_iso_max                                141.980 
_refine.B_iso_mean                               63.3494 
_refine.B_iso_min                                40.540 
_refine.correlation_coeff_Fo_to_Fc               ? 
_refine.correlation_coeff_Fo_to_Fc_free          ? 
_refine.details                                  ? 
_refine.diff_density_max                         ? 
_refine.diff_density_max_esd                     ? 
_refine.diff_density_min                         ? 
_refine.diff_density_min_esd                     ? 
_refine.diff_density_rms                         ? 
_refine.diff_density_rms_esd                     ? 
_refine.entry_id                                 7RIL 
_refine.pdbx_refine_id                           'X-RAY DIFFRACTION' 
_refine.ls_abs_structure_details                 ? 
_refine.ls_abs_structure_Flack                   ? 
_refine.ls_abs_structure_Flack_esd               ? 
_refine.ls_abs_structure_Rogers                  ? 
_refine.ls_abs_structure_Rogers_esd              ? 
_refine.ls_d_res_high                            1.8000 
_refine.ls_d_res_low                             29.3670 
_refine.ls_extinction_coef                       ? 
_refine.ls_extinction_coef_esd                   ? 
_refine.ls_extinction_expression                 ? 
_refine.ls_extinction_method                     ? 
_refine.ls_goodness_of_fit_all                   ? 
_refine.ls_goodness_of_fit_all_esd               ? 
_refine.ls_goodness_of_fit_obs                   ? 
_refine.ls_goodness_of_fit_obs_esd               ? 
_refine.ls_hydrogen_treatment                    ? 
_refine.ls_matrix_type                           ? 
_refine.ls_number_constraints                    ? 
_refine.ls_number_parameters                     ? 
_refine.ls_number_reflns_all                     ? 
_refine.ls_number_reflns_obs                     5648 
_refine.ls_number_reflns_R_free                  307 
_refine.ls_number_reflns_R_work                  5341 
_refine.ls_number_restraints                     ? 
_refine.ls_percent_reflns_obs                    99.7700 
_refine.ls_percent_reflns_R_free                 5.4400 
_refine.ls_R_factor_all                          ? 
_refine.ls_R_factor_obs                          0.2052 
_refine.ls_R_factor_R_free                       0.2283 
_refine.ls_R_factor_R_free_error                 ? 
_refine.ls_R_factor_R_free_error_details         ? 
_refine.ls_R_factor_R_work                       0.2034 
_refine.ls_R_Fsqd_factor_obs                     ? 
_refine.ls_R_I_factor_obs                        ? 
_refine.ls_redundancy_reflns_all                 ? 
_refine.ls_redundancy_reflns_obs                 ? 
_refine.ls_restrained_S_all                      ? 
_refine.ls_restrained_S_obs                      ? 
_refine.ls_shift_over_esd_max                    ? 
_refine.ls_shift_over_esd_mean                   ? 
_refine.ls_structure_factor_coef                 ? 
_refine.ls_weighting_details                     ? 
_refine.ls_weighting_scheme                      ? 
_refine.ls_wR_factor_all                         ? 
_refine.ls_wR_factor_obs                         ? 
_refine.ls_wR_factor_R_free                      ? 
_refine.ls_wR_factor_R_work                      ? 
_refine.occupancy_max                            ? 
_refine.occupancy_min                            ? 
_refine.solvent_model_details                    'FLAT BULK SOLVENT MODEL' 
_refine.solvent_model_param_bsol                 ? 
_refine.solvent_model_param_ksol                 ? 
_refine.pdbx_R_complete                          ? 
_refine.ls_R_factor_gt                           ? 
_refine.ls_goodness_of_fit_gt                    ? 
_refine.ls_goodness_of_fit_ref                   ? 
_refine.ls_shift_over_su_max                     ? 
_refine.ls_shift_over_su_max_lt                  ? 
_refine.ls_shift_over_su_mean                    ? 
_refine.ls_shift_over_su_mean_lt                 ? 
_refine.pdbx_ls_sigma_I                          ? 
_refine.pdbx_ls_sigma_F                          1.960 
_refine.pdbx_ls_sigma_Fsqd                       ? 
_refine.pdbx_data_cutoff_high_absF               ? 
_refine.pdbx_data_cutoff_high_rms_absF           ? 
_refine.pdbx_data_cutoff_low_absF                ? 
_refine.pdbx_isotropic_thermal_model             ? 
_refine.pdbx_ls_cross_valid_method               THROUGHOUT 
_refine.pdbx_method_to_determine_struct          'MOLECULAR REPLACEMENT' 
_refine.pdbx_starting_model                      'ideal duplex' 
_refine.pdbx_stereochemistry_target_values       ML 
_refine.pdbx_R_Free_selection_details            ? 
_refine.pdbx_stereochem_target_val_spec_case     ? 
_refine.pdbx_overall_ESU_R                       ? 
_refine.pdbx_overall_ESU_R_Free                  ? 
_refine.pdbx_solvent_vdw_probe_radii             1.1100 
_refine.pdbx_solvent_ion_probe_radii             ? 
_refine.pdbx_solvent_shrinkage_radii             0.9000 
_refine.pdbx_real_space_R                        ? 
_refine.pdbx_density_correlation                 ? 
_refine.pdbx_pd_number_of_powder_patterns        ? 
_refine.pdbx_pd_number_of_points                 ? 
_refine.pdbx_pd_meas_number_of_points            ? 
_refine.pdbx_pd_proc_ls_prof_R_factor            ? 
_refine.pdbx_pd_proc_ls_prof_wR_factor           ? 
_refine.pdbx_pd_Marquardt_correlation_coeff      ? 
_refine.pdbx_pd_Fsqrd_R_factor                   ? 
_refine.pdbx_pd_ls_matrix_band_width             ? 
_refine.pdbx_overall_phase_error                 45.9700 
_refine.pdbx_overall_SU_R_free_Cruickshank_DPI   ? 
_refine.pdbx_overall_SU_R_free_Blow_DPI          ? 
_refine.pdbx_overall_SU_R_Blow_DPI               ? 
_refine.pdbx_TLS_residual_ADP_flag               ? 
_refine.pdbx_diffrn_id                           1 
_refine.overall_SU_B                             ? 
_refine.overall_SU_ML                            0.3300 
_refine.overall_SU_R_Cruickshank_DPI             ? 
_refine.overall_SU_R_free                        ? 
_refine.overall_FOM_free_R_set                   ? 
_refine.overall_FOM_work_R_set                   ? 
_refine.pdbx_average_fsc_overall                 ? 
_refine.pdbx_average_fsc_work                    ? 
_refine.pdbx_average_fsc_free                    ? 
# 
_refine_hist.pdbx_refine_id                   'X-RAY DIFFRACTION' 
_refine_hist.cycle_id                         final 
_refine_hist.details                          ? 
_refine_hist.d_res_high                       1.8000 
_refine_hist.d_res_low                        29.3670 
_refine_hist.number_atoms_solvent             17 
_refine_hist.number_atoms_total               524 
_refine_hist.number_reflns_all                ? 
_refine_hist.number_reflns_obs                ? 
_refine_hist.number_reflns_R_free             ? 
_refine_hist.number_reflns_R_work             ? 
_refine_hist.R_factor_all                     ? 
_refine_hist.R_factor_obs                     ? 
_refine_hist.R_factor_R_free                  ? 
_refine_hist.R_factor_R_work                  ? 
_refine_hist.pdbx_number_residues_total       20 
_refine_hist.pdbx_B_iso_mean_ligand           73.50 
_refine_hist.pdbx_B_iso_mean_solvent          62.00 
_refine_hist.pdbx_number_atoms_protein        0 
_refine_hist.pdbx_number_atoms_nucleic_acid   404 
_refine_hist.pdbx_number_atoms_ligand         103 
_refine_hist.pdbx_number_atoms_lipid          ? 
_refine_hist.pdbx_number_atoms_carb           ? 
_refine_hist.pdbx_pseudo_atom_details         ? 
# 
loop_
_refine_ls_shell.pdbx_refine_id 
_refine_ls_shell.d_res_high 
_refine_ls_shell.d_res_low 
_refine_ls_shell.number_reflns_all 
_refine_ls_shell.number_reflns_obs 
_refine_ls_shell.number_reflns_R_free 
_refine_ls_shell.number_reflns_R_work 
_refine_ls_shell.percent_reflns_obs 
_refine_ls_shell.percent_reflns_R_free 
_refine_ls_shell.R_factor_all 
_refine_ls_shell.R_factor_obs 
_refine_ls_shell.R_factor_R_free 
_refine_ls_shell.R_factor_R_free_error 
_refine_ls_shell.R_factor_R_work 
_refine_ls_shell.redundancy_reflns_all 
_refine_ls_shell.redundancy_reflns_obs 
_refine_ls_shell.wR_factor_all 
_refine_ls_shell.wR_factor_obs 
_refine_ls_shell.wR_factor_R_free 
_refine_ls_shell.wR_factor_R_work 
_refine_ls_shell.pdbx_R_complete 
_refine_ls_shell.pdbx_total_number_of_bins_used 
_refine_ls_shell.pdbx_phase_error 
_refine_ls_shell.pdbx_fsc_work 
_refine_ls_shell.pdbx_fsc_free 
'X-RAY DIFFRACTION' 1.8002 2.2679  . . 128 2700 100.0000 . . . 0.3663 0.0000 0.3157 . . . . . . . . . . . 
'X-RAY DIFFRACTION' 2.2679 29.3670 . . 179 2641 100.0000 . . . 0.2193 0.0000 0.1900 . . . . . . . . . . . 
# 
_struct.entry_id                     7RIL 
_struct.title                        
;Crystal structure of hairpin polyamide Py-Im 1 bound to 5' CCTGACCAGG
;
_struct.pdbx_model_details           'RNA polymerase II, 5-guanidinohydantoin, elongation complex, DNA lesion' 
_struct.pdbx_formula_weight          ? 
_struct.pdbx_formula_weight_method   ? 
_struct.pdbx_model_type_details      ? 
_struct.pdbx_CASP_flag               N 
# 
_struct_keywords.entry_id        7RIL 
_struct_keywords.text            'Polyamide, small molecule, DNA binding molecule, anticancer agent, DNA' 
_struct_keywords.pdbx_keywords   DNA 
# 
loop_
_struct_asym.id 
_struct_asym.pdbx_blank_PDB_chainid_flag 
_struct_asym.pdbx_modified 
_struct_asym.entity_id 
_struct_asym.details 
A N N 1 ? 
B N N 2 ? 
C N N 3 ? 
D N N 4 ? 
E N N 5 ? 
F N N 5 ? 
# 
loop_
_struct_ref.id 
_struct_ref.db_name 
_struct_ref.db_code 
_struct_ref.pdbx_db_accession 
_struct_ref.pdbx_db_isoform 
_struct_ref.entity_id 
_struct_ref.pdbx_seq_one_letter_code 
_struct_ref.pdbx_align_begin 
1 PDB 7RIL 7RIL ? 1 ? 1 
2 PDB 7RIL 7RIL ? 2 ? 1 
# 
loop_
_struct_ref_seq.align_id 
_struct_ref_seq.ref_id 
_struct_ref_seq.pdbx_PDB_id_code 
_struct_ref_seq.pdbx_strand_id 
_struct_ref_seq.seq_align_beg 
_struct_ref_seq.pdbx_seq_align_beg_ins_code 
_struct_ref_seq.seq_align_end 
_struct_ref_seq.pdbx_seq_align_end_ins_code 
_struct_ref_seq.pdbx_db_accession 
_struct_ref_seq.db_align_beg 
_struct_ref_seq.pdbx_db_align_beg_ins_code 
_struct_ref_seq.db_align_end 
_struct_ref_seq.pdbx_db_align_end_ins_code 
_struct_ref_seq.pdbx_auth_seq_align_beg 
_struct_ref_seq.pdbx_auth_seq_align_end 
1 1 7RIL A 1 ? 10 ? 7RIL 1 ? 10 ? 1 10 
2 2 7RIL B 1 ? 10 ? 7RIL 1 ? 10 ? 1 10 
# 
_pdbx_struct_assembly.id                   1 
_pdbx_struct_assembly.details              author_and_software_defined_assembly 
_pdbx_struct_assembly.method_details       PISA 
_pdbx_struct_assembly.oligomeric_details   dimeric 
_pdbx_struct_assembly.oligomeric_count     2 
# 
loop_
_pdbx_struct_assembly_prop.biol_id 
_pdbx_struct_assembly_prop.type 
_pdbx_struct_assembly_prop.value 
_pdbx_struct_assembly_prop.details 
1 'ABSA (A^2)' 1660 ? 
1 MORE         -4   ? 
1 'SSA (A^2)'  3910 ? 
# 
_pdbx_struct_assembly_gen.assembly_id       1 
_pdbx_struct_assembly_gen.oper_expression   1 
_pdbx_struct_assembly_gen.asym_id_list      A,B,C,D,E,F 
# 
_pdbx_struct_assembly_auth_evidence.id                     1 
_pdbx_struct_assembly_auth_evidence.assembly_id            1 
_pdbx_struct_assembly_auth_evidence.experimental_support   none 
_pdbx_struct_assembly_auth_evidence.details                ? 
# 
_pdbx_struct_oper_list.id                   1 
_pdbx_struct_oper_list.type                 'identity operation' 
_pdbx_struct_oper_list.name                 1_555 
_pdbx_struct_oper_list.symmetry_operation   x,y,z 
_pdbx_struct_oper_list.matrix[1][1]         1.0000000000 
_pdbx_struct_oper_list.matrix[1][2]         0.0000000000 
_pdbx_struct_oper_list.matrix[1][3]         0.0000000000 
_pdbx_struct_oper_list.vector[1]            0.0000000000 
_pdbx_struct_oper_list.matrix[2][1]         0.0000000000 
_pdbx_struct_oper_list.matrix[2][2]         1.0000000000 
_pdbx_struct_oper_list.matrix[2][3]         0.0000000000 
_pdbx_struct_oper_list.vector[2]            0.0000000000 
_pdbx_struct_oper_list.matrix[3][1]         0.0000000000 
_pdbx_struct_oper_list.matrix[3][2]         0.0000000000 
_pdbx_struct_oper_list.matrix[3][3]         1.0000000000 
_pdbx_struct_oper_list.vector[3]            0.0000000000 
# 
loop_
_struct_conn.id 
_struct_conn.conn_type_id 
_struct_conn.pdbx_leaving_atom_flag 
_struct_conn.pdbx_PDB_id 
_struct_conn.ptnr1_label_asym_id 
_struct_conn.ptnr1_label_comp_id 
_struct_conn.ptnr1_label_seq_id 
_struct_conn.ptnr1_label_atom_id 
_struct_conn.pdbx_ptnr1_label_alt_id 
_struct_conn.pdbx_ptnr1_PDB_ins_code 
_struct_conn.pdbx_ptnr1_standard_comp_id 
_struct_conn.ptnr1_symmetry 
_struct_conn.ptnr2_label_asym_id 
_struct_conn.ptnr2_label_comp_id 
_struct_conn.ptnr2_label_seq_id 
_struct_conn.ptnr2_label_atom_id 
_struct_conn.pdbx_ptnr2_label_alt_id 
_struct_conn.pdbx_ptnr2_PDB_ins_code 
_struct_conn.ptnr1_auth_asym_id 
_struct_conn.ptnr1_auth_comp_id 
_struct_conn.ptnr1_auth_seq_id 
_struct_conn.ptnr2_auth_asym_id 
_struct_conn.ptnr2_auth_comp_id 
_struct_conn.ptnr2_auth_seq_id 
_struct_conn.ptnr2_symmetry 
_struct_conn.pdbx_ptnr3_label_atom_id 
_struct_conn.pdbx_ptnr3_label_seq_id 
_struct_conn.pdbx_ptnr3_label_comp_id 
_struct_conn.pdbx_ptnr3_label_asym_id 
_struct_conn.pdbx_ptnr3_label_alt_id 
_struct_conn.pdbx_ptnr3_PDB_ins_code 
_struct_conn.details 
_struct_conn.pdbx_dist_value 
_struct_conn.pdbx_value_order 
_struct_conn.pdbx_role 
hydrog1  hydrog ? ? A DC 1  N3 ? ? ? 1_555 B DG 10 N1 ? ? A DC 1  B DG 10 1_555 ? ? ? ? ? ? WATSON-CRICK ? ? ? 
hydrog2  hydrog ? ? A DC 1  N4 ? ? ? 1_555 B DG 10 O6 ? ? A DC 1  B DG 10 1_555 ? ? ? ? ? ? WATSON-CRICK ? ? ? 
hydrog3  hydrog ? ? A DC 1  O2 ? ? ? 1_555 B DG 10 N2 ? ? A DC 1  B DG 10 1_555 ? ? ? ? ? ? WATSON-CRICK ? ? ? 
hydrog4  hydrog ? ? A DC 2  N3 ? ? ? 1_555 B DG 9  N1 ? ? A DC 2  B DG 9  1_555 ? ? ? ? ? ? WATSON-CRICK ? ? ? 
hydrog5  hydrog ? ? A DC 2  N4 ? ? ? 1_555 B DG 9  O6 ? ? A DC 2  B DG 9  1_555 ? ? ? ? ? ? WATSON-CRICK ? ? ? 
hydrog6  hydrog ? ? A DC 2  O2 ? ? ? 1_555 B DG 9  N2 ? ? A DC 2  B DG 9  1_555 ? ? ? ? ? ? WATSON-CRICK ? ? ? 
hydrog7  hydrog ? ? A DT 3  N3 ? ? ? 1_555 B DA 8  N1 ? ? A DT 3  B DA 8  1_555 ? ? ? ? ? ? WATSON-CRICK ? ? ? 
hydrog8  hydrog ? ? A DT 3  O4 ? ? ? 1_555 B DA 8  N6 ? ? A DT 3  B DA 8  1_555 ? ? ? ? ? ? WATSON-CRICK ? ? ? 
hydrog9  hydrog ? ? A DG 4  N1 ? ? ? 1_555 B DC 7  N3 ? ? A DG 4  B DC 7  1_555 ? ? ? ? ? ? WATSON-CRICK ? ? ? 
hydrog10 hydrog ? ? A DG 4  N2 ? ? ? 1_555 B DC 7  O2 ? ? A DG 4  B DC 7  1_555 ? ? ? ? ? ? WATSON-CRICK ? ? ? 
hydrog11 hydrog ? ? A DG 4  O6 ? ? ? 1_555 B DC 7  N4 ? ? A DG 4  B DC 7  1_555 ? ? ? ? ? ? WATSON-CRICK ? ? ? 
hydrog12 hydrog ? ? A DA 5  N1 ? ? ? 1_555 B DT 6  N3 ? ? A DA 5  B DT 6  1_555 ? ? ? ? ? ? WATSON-CRICK ? ? ? 
hydrog13 hydrog ? ? A DA 5  N6 ? ? ? 1_555 B DT 6  O4 ? ? A DA 5  B DT 6  1_555 ? ? ? ? ? ? WATSON-CRICK ? ? ? 
hydrog14 hydrog ? ? A DC 6  N3 ? ? ? 1_555 B DG 5  N1 ? ? A DC 6  B DG 5  1_555 ? ? ? ? ? ? WATSON-CRICK ? ? ? 
hydrog15 hydrog ? ? A DC 6  N4 ? ? ? 1_555 B DG 5  O6 ? ? A DC 6  B DG 5  1_555 ? ? ? ? ? ? WATSON-CRICK ? ? ? 
hydrog16 hydrog ? ? A DC 6  O2 ? ? ? 1_555 B DG 5  N2 ? ? A DC 6  B DG 5  1_555 ? ? ? ? ? ? WATSON-CRICK ? ? ? 
hydrog17 hydrog ? ? A DC 7  N3 ? ? ? 1_555 B DG 4  N1 ? ? A DC 7  B DG 4  1_555 ? ? ? ? ? ? WATSON-CRICK ? ? ? 
hydrog18 hydrog ? ? A DC 7  N4 ? ? ? 1_555 B DG 4  O6 ? ? A DC 7  B DG 4  1_555 ? ? ? ? ? ? WATSON-CRICK ? ? ? 
hydrog19 hydrog ? ? A DC 7  O2 ? ? ? 1_555 B DG 4  N2 ? ? A DC 7  B DG 4  1_555 ? ? ? ? ? ? WATSON-CRICK ? ? ? 
hydrog20 hydrog ? ? A DA 8  N1 ? ? ? 1_555 B DT 3  N3 ? ? A DA 8  B DT 3  1_555 ? ? ? ? ? ? WATSON-CRICK ? ? ? 
hydrog21 hydrog ? ? A DA 8  N6 ? ? ? 1_555 B DT 3  O4 ? ? A DA 8  B DT 3  1_555 ? ? ? ? ? ? WATSON-CRICK ? ? ? 
hydrog22 hydrog ? ? A DG 9  N1 ? ? ? 1_555 B DC 2  N3 ? ? A DG 9  B DC 2  1_555 ? ? ? ? ? ? WATSON-CRICK ? ? ? 
hydrog23 hydrog ? ? A DG 9  N2 ? ? ? 1_555 B DC 2  O2 ? ? A DG 9  B DC 2  1_555 ? ? ? ? ? ? WATSON-CRICK ? ? ? 
hydrog24 hydrog ? ? A DG 9  O6 ? ? ? 1_555 B DC 2  N4 ? ? A DG 9  B DC 2  1_555 ? ? ? ? ? ? WATSON-CRICK ? ? ? 
hydrog25 hydrog ? ? A DG 10 N1 ? ? ? 1_555 B DC 1  N3 ? ? A DG 10 B DC 1  1_555 ? ? ? ? ? ? WATSON-CRICK ? ? ? 
hydrog26 hydrog ? ? A DG 10 N2 ? ? ? 1_555 B DC 1  O2 ? ? A DG 10 B DC 1  1_555 ? ? ? ? ? ? WATSON-CRICK ? ? ? 
hydrog27 hydrog ? ? A DG 10 O6 ? ? ? 1_555 B DC 1  N4 ? ? A DG 10 B DC 1  1_555 ? ? ? ? ? ? WATSON-CRICK ? ? ? 
# 
_struct_conn_type.id          hydrog 
_struct_conn_type.criteria    ? 
_struct_conn_type.reference   ? 
# 
loop_
_pdbx_validate_close_contact.id 
_pdbx_validate_close_contact.PDB_model_num 
_pdbx_validate_close_contact.auth_atom_id_1 
_pdbx_validate_close_contact.auth_asym_id_1 
_pdbx_validate_close_contact.auth_comp_id_1 
_pdbx_validate_close_contact.auth_seq_id_1 
_pdbx_validate_close_contact.PDB_ins_code_1 
_pdbx_validate_close_contact.label_alt_id_1 
_pdbx_validate_close_contact.auth_atom_id_2 
_pdbx_validate_close_contact.auth_asym_id_2 
_pdbx_validate_close_contact.auth_comp_id_2 
_pdbx_validate_close_contact.auth_seq_id_2 
_pdbx_validate_close_contact.PDB_ins_code_2 
_pdbx_validate_close_contact.label_alt_id_2 
_pdbx_validate_close_contact.dist 
1 1 O     B HOH 203 ? ? O B HOH 205 ? ? 2.05 
2 1 "O5'" B DC  1   ? ? O B HOH 201 ? ? 2.11 
# 
loop_
_pdbx_validate_rmsd_bond.id 
_pdbx_validate_rmsd_bond.PDB_model_num 
_pdbx_validate_rmsd_bond.auth_atom_id_1 
_pdbx_validate_rmsd_bond.auth_asym_id_1 
_pdbx_validate_rmsd_bond.auth_comp_id_1 
_pdbx_validate_rmsd_bond.auth_seq_id_1 
_pdbx_validate_rmsd_bond.PDB_ins_code_1 
_pdbx_validate_rmsd_bond.label_alt_id_1 
_pdbx_validate_rmsd_bond.auth_atom_id_2 
_pdbx_validate_rmsd_bond.auth_asym_id_2 
_pdbx_validate_rmsd_bond.auth_comp_id_2 
_pdbx_validate_rmsd_bond.auth_seq_id_2 
_pdbx_validate_rmsd_bond.PDB_ins_code_2 
_pdbx_validate_rmsd_bond.label_alt_id_2 
_pdbx_validate_rmsd_bond.bond_value 
_pdbx_validate_rmsd_bond.bond_target_value 
_pdbx_validate_rmsd_bond.bond_deviation 
_pdbx_validate_rmsd_bond.bond_standard_deviation 
_pdbx_validate_rmsd_bond.linker_flag 
1 1 "O3'" A DA 5 ? ? "C3'" A DA 5 ? ? 1.374 1.419 -0.045 0.006 N 
2 1 "O3'" A DC 7 ? ? "C3'" A DC 7 ? ? 1.374 1.419 -0.045 0.006 N 
3 1 "O3'" A DG 9 ? ? "C3'" A DG 9 ? ? 1.368 1.419 -0.051 0.006 N 
4 1 "O3'" B DG 5 ? ? "C3'" B DG 5 ? ? 1.361 1.419 -0.058 0.006 N 
5 1 "O3'" B DA 8 ? ? "C3'" B DA 8 ? ? 1.372 1.419 -0.047 0.006 N 
# 
loop_
_pdbx_validate_rmsd_angle.id 
_pdbx_validate_rmsd_angle.PDB_model_num 
_pdbx_validate_rmsd_angle.auth_atom_id_1 
_pdbx_validate_rmsd_angle.auth_asym_id_1 
_pdbx_validate_rmsd_angle.auth_comp_id_1 
_pdbx_validate_rmsd_angle.auth_seq_id_1 
_pdbx_validate_rmsd_angle.PDB_ins_code_1 
_pdbx_validate_rmsd_angle.label_alt_id_1 
_pdbx_validate_rmsd_angle.auth_atom_id_2 
_pdbx_validate_rmsd_angle.auth_asym_id_2 
_pdbx_validate_rmsd_angle.auth_comp_id_2 
_pdbx_validate_rmsd_angle.auth_seq_id_2 
_pdbx_validate_rmsd_angle.PDB_ins_code_2 
_pdbx_validate_rmsd_angle.label_alt_id_2 
_pdbx_validate_rmsd_angle.auth_atom_id_3 
_pdbx_validate_rmsd_angle.auth_asym_id_3 
_pdbx_validate_rmsd_angle.auth_comp_id_3 
_pdbx_validate_rmsd_angle.auth_seq_id_3 
_pdbx_validate_rmsd_angle.PDB_ins_code_3 
_pdbx_validate_rmsd_angle.label_alt_id_3 
_pdbx_validate_rmsd_angle.angle_value 
_pdbx_validate_rmsd_angle.angle_target_value 
_pdbx_validate_rmsd_angle.angle_deviation 
_pdbx_validate_rmsd_angle.angle_standard_deviation 
_pdbx_validate_rmsd_angle.linker_flag 
1 1 "O4'" A DT 3 ? ? "C1'" A DT 3 ? ? N1 A DT 3 ? ? 113.55 108.30 5.25  0.30 N 
2 1 "O4'" A DG 9 ? ? "C1'" A DG 9 ? ? N9 A DG 9 ? ? 111.08 108.30 2.78  0.30 N 
3 1 "O4'" B DC 7 ? ? "C1'" B DC 7 ? ? N1 B DC 7 ? ? 102.54 108.00 -5.46 0.70 N 
# 
loop_
_pdbx_refine_tls.id 
_pdbx_refine_tls.pdbx_refine_id 
_pdbx_refine_tls.details 
_pdbx_refine_tls.method 
_pdbx_refine_tls.origin_x 
_pdbx_refine_tls.origin_y 
_pdbx_refine_tls.origin_z 
_pdbx_refine_tls.T[1][1] 
_pdbx_refine_tls.T[1][1]_esd 
_pdbx_refine_tls.T[1][2] 
_pdbx_refine_tls.T[1][2]_esd 
_pdbx_refine_tls.T[1][3] 
_pdbx_refine_tls.T[1][3]_esd 
_pdbx_refine_tls.T[2][2] 
_pdbx_refine_tls.T[2][2]_esd 
_pdbx_refine_tls.T[2][3] 
_pdbx_refine_tls.T[2][3]_esd 
_pdbx_refine_tls.T[3][3] 
_pdbx_refine_tls.T[3][3]_esd 
_pdbx_refine_tls.L[1][1] 
_pdbx_refine_tls.L[1][1]_esd 
_pdbx_refine_tls.L[1][2] 
_pdbx_refine_tls.L[1][2]_esd 
_pdbx_refine_tls.L[1][3] 
_pdbx_refine_tls.L[1][3]_esd 
_pdbx_refine_tls.L[2][2] 
_pdbx_refine_tls.L[2][2]_esd 
_pdbx_refine_tls.L[2][3] 
_pdbx_refine_tls.L[2][3]_esd 
_pdbx_refine_tls.L[3][3] 
_pdbx_refine_tls.L[3][3]_esd 
_pdbx_refine_tls.S[1][1] 
_pdbx_refine_tls.S[1][1]_esd 
_pdbx_refine_tls.S[1][2] 
_pdbx_refine_tls.S[1][2]_esd 
_pdbx_refine_tls.S[1][3] 
_pdbx_refine_tls.S[1][3]_esd 
_pdbx_refine_tls.S[2][1] 
_pdbx_refine_tls.S[2][1]_esd 
_pdbx_refine_tls.S[2][2] 
_pdbx_refine_tls.S[2][2]_esd 
_pdbx_refine_tls.S[2][3] 
_pdbx_refine_tls.S[2][3]_esd 
_pdbx_refine_tls.S[3][1] 
_pdbx_refine_tls.S[3][1]_esd 
_pdbx_refine_tls.S[3][2] 
_pdbx_refine_tls.S[3][2]_esd 
_pdbx_refine_tls.S[3][3] 
_pdbx_refine_tls.S[3][3]_esd 
1 'X-RAY DIFFRACTION' ? refined 0.5355  0.9204  0.0699 0.4680 ? -0.0669 ? 0.0557 ? 0.3598 ? 0.1740 ? 0.6881 ? 3.5136 ? 0.3589 ? -1.4206 ? 4.9604 ? -2.6244 ? 7.5425 ? -0.2534 ? -0.1415 ? -0.2740 ? -0.3406 ? -0.5349 ? -0.8911 ? -0.2880 ? 0.8163  ? 0.8143  ? 
2 'X-RAY DIFFRACTION' ? refined -0.4683 -0.0199 0.7691 0.3717 ? 0.0343  ? 0.0802 ? 0.5630 ? 0.1750 ? 0.4579 ? 3.0352 ? 0.7176 ? 0.7606  ? 4.2879 ? 0.4241  ? 2.6959 ? 0.1684  ? 0.0696  ? -0.0479 ? -0.0071 ? -0.1425 ? -0.0444 ? 0.0003  ? -0.2187 ? -0.0247 ? 
# 
loop_
_pdbx_refine_tls_group.id 
_pdbx_refine_tls_group.pdbx_refine_id 
_pdbx_refine_tls_group.refine_tls_id 
_pdbx_refine_tls_group.beg_label_asym_id 
_pdbx_refine_tls_group.beg_label_seq_id 
_pdbx_refine_tls_group.beg_auth_asym_id 
_pdbx_refine_tls_group.beg_auth_seq_id 
_pdbx_refine_tls_group.beg_PDB_ins_code 
_pdbx_refine_tls_group.end_label_asym_id 
_pdbx_refine_tls_group.end_label_seq_id 
_pdbx_refine_tls_group.end_auth_asym_id 
_pdbx_refine_tls_group.end_auth_seq_id 
_pdbx_refine_tls_group.end_PDB_ins_code 
_pdbx_refine_tls_group.selection 
_pdbx_refine_tls_group.selection_details 
1 'X-RAY DIFFRACTION' 1 ? ? A 1 ? ? ? A 10 ? ? 
;chain 'A' and (resid 1 through 10 )
;
2 'X-RAY DIFFRACTION' 2 ? ? B 1 ? ? ? B 10 ? ? 
;chain 'B' and (resid 1 through 10 )
;
# 
_pdbx_entry_details.entry_id                 7RIL 
_pdbx_entry_details.has_ligand_of_interest   Y 
_pdbx_entry_details.compound_details         ? 
_pdbx_entry_details.source_details           ? 
_pdbx_entry_details.nonpolymer_details       ? 
_pdbx_entry_details.sequence_details         ? 
# 
loop_
_chem_comp_atom.comp_id 
_chem_comp_atom.atom_id 
_chem_comp_atom.type_symbol 
_chem_comp_atom.pdbx_aromatic_flag 
_chem_comp_atom.pdbx_stereo_config 
_chem_comp_atom.pdbx_ordinal 
5N0 C1     C N N 1   
5N0 N1     N Y N 2   
5N0 O1     O N N 3   
5N0 C2     C Y N 4   
5N0 N2     N Y N 5   
5N0 O2     O N N 6   
5N0 C3     C Y N 7   
5N0 N3     N N N 8   
5N0 O3     O N N 9   
5N0 C4     C Y N 10  
5N0 N4     N Y N 11  
5N0 O4     O N N 12  
5N0 C5     C N N 13  
5N0 N5     N Y N 14  
5N0 O5     O N N 15  
5N0 C6     C Y N 16  
5N0 N6     N N N 17  
5N0 O6     O N N 18  
5N0 C7     C N N 19  
5N0 N7     N Y N 20  
5N0 O7     O N N 21  
5N0 C8     C Y N 22  
5N0 N8     N N N 23  
5N0 O8     O N N 24  
5N0 C9     C Y N 25  
5N0 N9     N Y N 26  
5N0 O9     O N N 27  
5N0 C10    C N N 28  
5N0 N10    N N N 29  
5N0 C11    C Y N 30  
5N0 N11    N N N 31  
5N0 C12    C N N 32  
5N0 C13    C Y N 33  
5N0 C14    C Y N 34  
5N0 N14    N N N 35  
5N0 C15    C Y N 36  
5N0 N15    N Y N 37  
5N0 C16    C N N 38  
5N0 N16    N Y N 39  
5N0 C17    C Y N 40  
5N0 N17    N N N 41  
5N0 C18    C N N 42  
5N0 N18    N Y N 43  
5N0 C19    C Y N 44  
5N0 N19    N N N 45  
5N0 C20    C Y N 46  
5N0 N20    N Y N 47  
5N0 C21    C Y N 48  
5N0 N21    N N N 49  
5N0 C22    C N N 50  
5N0 N22    N Y N 51  
5N0 C23    C N N 52  
5N0 N23    N N N 53  
5N0 C24    C N N 54  
5N0 C25    C N R 55  
5N0 C26    C N N 56  
5N0 C27    C N N 57  
5N0 C28    C Y N 58  
5N0 C29    C Y N 59  
5N0 C30    C Y N 60  
5N0 C31    C N N 61  
5N0 C32    C Y N 62  
5N0 C33    C N N 63  
5N0 C34    C Y N 64  
5N0 C35    C Y N 65  
5N0 C36    C Y N 66  
5N0 C37    C N N 67  
5N0 C38    C Y N 68  
5N0 C39    C Y N 69  
5N0 C40    C N N 70  
5N0 C41    C Y N 71  
5N0 C42    C Y N 72  
5N0 C43    C N N 73  
5N0 C44    C Y N 74  
5N0 C45    C N N 75  
5N0 C46    C Y N 76  
5N0 C47    C Y N 77  
5N0 C48    C Y N 78  
5N0 C49    C N N 79  
5N0 C50    C N N 80  
5N0 C51    C N N 81  
5N0 C52    C N N 82  
5N0 C53    C N N 83  
5N0 C54    C N N 84  
5N0 C55    C N N 85  
5N0 C56    C N N 86  
5N0 C57    C Y N 87  
5N0 C58    C Y N 88  
5N0 C59    C Y N 89  
5N0 C60    C Y N 90  
5N0 C61    C Y N 91  
5N0 C62    C Y N 92  
5N0 C63    C N N 93  
5N0 C64    C N N 94  
5N0 N24    N N N 95  
5N0 N25    N N N 96  
5N0 O10    O N N 97  
5N0 O11    O N N 98  
5N0 O12    O N N 99  
5N0 H1     H N N 100 
5N0 H2     H N N 101 
5N0 H3     H N N 102 
5N0 H4     H N N 103 
5N0 H5     H N N 104 
5N0 H6     H N N 105 
5N0 H7     H N N 106 
5N0 H8     H N N 107 
5N0 H9     H N N 108 
5N0 H10    H N N 109 
5N0 H11    H N N 110 
5N0 H12    H N N 111 
5N0 H13    H N N 112 
5N0 H14    H N N 113 
5N0 H15    H N N 114 
5N0 H17    H N N 115 
5N0 H18    H N N 116 
5N0 H19    H N N 117 
5N0 H20    H N N 118 
5N0 H21    H N N 119 
5N0 H22    H N N 120 
5N0 H23    H N N 121 
5N0 H24    H N N 122 
5N0 H25    H N N 123 
5N0 H26    H N N 124 
5N0 H27    H N N 125 
5N0 H28    H N N 126 
5N0 H29    H N N 127 
5N0 H30    H N N 128 
5N0 H31    H N N 129 
5N0 H32    H N N 130 
5N0 H33    H N N 131 
5N0 H34    H N N 132 
5N0 H35    H N N 133 
5N0 H36    H N N 134 
5N0 H37    H N N 135 
5N0 H38    H N N 136 
5N0 H39    H N N 137 
5N0 H40    H N N 138 
5N0 H41    H N N 139 
5N0 H42    H N N 140 
5N0 H43    H N N 141 
5N0 H44    H N N 142 
5N0 H45    H N N 143 
5N0 H46    H N N 144 
5N0 H47    H N N 145 
5N0 H48    H N N 146 
5N0 H49    H N N 147 
5N0 H50    H N N 148 
5N0 H51    H N N 149 
5N0 H52    H N N 150 
5N0 H53    H N N 151 
5N0 H54    H N N 152 
5N0 H55    H N N 153 
5N0 H56    H N N 154 
5N0 H57    H N N 155 
5N0 H58    H N N 156 
5N0 H59    H N N 157 
5N0 H60    H N N 158 
5N0 H61    H N N 159 
5N0 H62    H N N 160 
5N0 H63    H N N 161 
5N0 H64    H N N 162 
5N0 H65    H N N 163 
5N0 H66    H N N 164 
5N0 H67    H N N 165 
5N0 H68    H N N 166 
5N0 H69    H N N 167 
5N0 H70    H N N 168 
5N0 H71    H N N 169 
5N0 H72    H N N 170 
5N0 H73    H N N 171 
5N0 H74    H N N 172 
5N0 H76    H N N 173 
5N0 H77    H N N 174 
ACT C      C N N 175 
ACT O      O N N 176 
ACT OXT    O N N 177 
ACT CH3    C N N 178 
ACT H1     H N N 179 
ACT H2     H N N 180 
ACT H3     H N N 181 
DA  OP3    O N N 182 
DA  P      P N N 183 
DA  OP1    O N N 184 
DA  OP2    O N N 185 
DA  "O5'"  O N N 186 
DA  "C5'"  C N N 187 
DA  "C4'"  C N R 188 
DA  "O4'"  O N N 189 
DA  "C3'"  C N S 190 
DA  "O3'"  O N N 191 
DA  "C2'"  C N N 192 
DA  "C1'"  C N R 193 
DA  N9     N Y N 194 
DA  C8     C Y N 195 
DA  N7     N Y N 196 
DA  C5     C Y N 197 
DA  C6     C Y N 198 
DA  N6     N N N 199 
DA  N1     N Y N 200 
DA  C2     C Y N 201 
DA  N3     N Y N 202 
DA  C4     C Y N 203 
DA  HOP3   H N N 204 
DA  HOP2   H N N 205 
DA  "H5'"  H N N 206 
DA  "H5''" H N N 207 
DA  "H4'"  H N N 208 
DA  "H3'"  H N N 209 
DA  "HO3'" H N N 210 
DA  "H2'"  H N N 211 
DA  "H2''" H N N 212 
DA  "H1'"  H N N 213 
DA  H8     H N N 214 
DA  H61    H N N 215 
DA  H62    H N N 216 
DA  H2     H N N 217 
DC  OP3    O N N 218 
DC  P      P N N 219 
DC  OP1    O N N 220 
DC  OP2    O N N 221 
DC  "O5'"  O N N 222 
DC  "C5'"  C N N 223 
DC  "C4'"  C N R 224 
DC  "O4'"  O N N 225 
DC  "C3'"  C N S 226 
DC  "O3'"  O N N 227 
DC  "C2'"  C N N 228 
DC  "C1'"  C N R 229 
DC  N1     N N N 230 
DC  C2     C N N 231 
DC  O2     O N N 232 
DC  N3     N N N 233 
DC  C4     C N N 234 
DC  N4     N N N 235 
DC  C5     C N N 236 
DC  C6     C N N 237 
DC  HOP3   H N N 238 
DC  HOP2   H N N 239 
DC  "H5'"  H N N 240 
DC  "H5''" H N N 241 
DC  "H4'"  H N N 242 
DC  "H3'"  H N N 243 
DC  "HO3'" H N N 244 
DC  "H2'"  H N N 245 
DC  "H2''" H N N 246 
DC  "H1'"  H N N 247 
DC  H41    H N N 248 
DC  H42    H N N 249 
DC  H5     H N N 250 
DC  H6     H N N 251 
DG  OP3    O N N 252 
DG  P      P N N 253 
DG  OP1    O N N 254 
DG  OP2    O N N 255 
DG  "O5'"  O N N 256 
DG  "C5'"  C N N 257 
DG  "C4'"  C N R 258 
DG  "O4'"  O N N 259 
DG  "C3'"  C N S 260 
DG  "O3'"  O N N 261 
DG  "C2'"  C N N 262 
DG  "C1'"  C N R 263 
DG  N9     N Y N 264 
DG  C8     C Y N 265 
DG  N7     N Y N 266 
DG  C5     C Y N 267 
DG  C6     C N N 268 
DG  O6     O N N 269 
DG  N1     N N N 270 
DG  C2     C N N 271 
DG  N2     N N N 272 
DG  N3     N N N 273 
DG  C4     C Y N 274 
DG  HOP3   H N N 275 
DG  HOP2   H N N 276 
DG  "H5'"  H N N 277 
DG  "H5''" H N N 278 
DG  "H4'"  H N N 279 
DG  "H3'"  H N N 280 
DG  "HO3'" H N N 281 
DG  "H2'"  H N N 282 
DG  "H2''" H N N 283 
DG  "H1'"  H N N 284 
DG  H8     H N N 285 
DG  H1     H N N 286 
DG  H21    H N N 287 
DG  H22    H N N 288 
DT  OP3    O N N 289 
DT  P      P N N 290 
DT  OP1    O N N 291 
DT  OP2    O N N 292 
DT  "O5'"  O N N 293 
DT  "C5'"  C N N 294 
DT  "C4'"  C N R 295 
DT  "O4'"  O N N 296 
DT  "C3'"  C N S 297 
DT  "O3'"  O N N 298 
DT  "C2'"  C N N 299 
DT  "C1'"  C N R 300 
DT  N1     N N N 301 
DT  C2     C N N 302 
DT  O2     O N N 303 
DT  N3     N N N 304 
DT  C4     C N N 305 
DT  O4     O N N 306 
DT  C5     C N N 307 
DT  C7     C N N 308 
DT  C6     C N N 309 
DT  HOP3   H N N 310 
DT  HOP2   H N N 311 
DT  "H5'"  H N N 312 
DT  "H5''" H N N 313 
DT  "H4'"  H N N 314 
DT  "H3'"  H N N 315 
DT  "HO3'" H N N 316 
DT  "H2'"  H N N 317 
DT  "H2''" H N N 318 
DT  "H1'"  H N N 319 
DT  H3     H N N 320 
DT  H71    H N N 321 
DT  H72    H N N 322 
DT  H73    H N N 323 
DT  H6     H N N 324 
HOH O      O N N 325 
HOH H1     H N N 326 
HOH H2     H N N 327 
# 
loop_
_chem_comp_bond.comp_id 
_chem_comp_bond.atom_id_1 
_chem_comp_bond.atom_id_2 
_chem_comp_bond.value_order 
_chem_comp_bond.pdbx_aromatic_flag 
_chem_comp_bond.pdbx_stereo_config 
_chem_comp_bond.pdbx_ordinal 
5N0 O12   C63    doub N N 1   
5N0 O11   C63    sing N N 2   
5N0 C63   C59    sing N N 3   
5N0 C59   C58    doub Y N 4   
5N0 C59   C60    sing Y N 5   
5N0 C58   C57    sing Y N 6   
5N0 O10   C56    doub N N 7   
5N0 C60   C61    doub Y N 8   
5N0 C57   C56    sing N N 9   
5N0 C57   C62    doub Y N 10  
5N0 C56   N25    sing N N 11  
5N0 C61   C62    sing Y N 12  
5N0 N25   C55    sing N N 13  
5N0 C55   C54    sing N N 14  
5N0 C54   C53    sing N N 15  
5N0 C64   N24    sing N N 16  
5N0 N24   C53    sing N N 17  
5N0 N24   C52    sing N N 18  
5N0 C1    N1     sing N N 19  
5N0 C2    N1     sing Y N 20  
5N0 C2    C3     doub Y N 21  
5N0 C52   C51    sing N N 22  
5N0 N1    C4     sing Y N 23  
5N0 C3    N2     sing Y N 24  
5N0 O9    C49    doub N N 25  
5N0 C4    N2     doub Y N 26  
5N0 C4    C5     sing N N 27  
5N0 C51   C50    sing N N 28  
5N0 C45   N22    sing N N 29  
5N0 O1    C5     doub N N 30  
5N0 C50   N23    sing N N 31  
5N0 C49   N23    sing N N 32  
5N0 C49   C44    sing N N 33  
5N0 C5    N3     sing N N 34  
5N0 N22   C44    sing Y N 35  
5N0 N22   C46    sing Y N 36  
5N0 C44   C47    doub Y N 37  
5N0 N3    C9     sing N N 38  
5N0 C46   C48    doub Y N 39  
5N0 C47   C48    sing Y N 40  
5N0 C9    C8     doub Y N 41  
5N0 C9    N4     sing Y N 42  
5N0 C8    N5     sing Y N 43  
5N0 C48   N21    sing N N 44  
5N0 N5    C7     sing N N 45  
5N0 N5    C6     sing Y N 46  
5N0 N4    C6     doub Y N 47  
5N0 N21   C43    sing N N 48  
5N0 C6    C10    sing N N 49  
5N0 O8    C43    doub N N 50  
5N0 C43   C39    sing N N 51  
5N0 C10   N6     sing N N 52  
5N0 C10   O2     doub N N 53  
5N0 N6    C14    sing N N 54  
5N0 C39   C38    doub Y N 55  
5N0 C39   N20    sing Y N 56  
5N0 C38   C42    sing Y N 57  
5N0 C40   N20    sing N N 58  
5N0 N20   C41    sing Y N 59  
5N0 C14   C15    sing Y N 60  
5N0 C14   C13    doub Y N 61  
5N0 C24   C25    sing N N 62  
5N0 C24   C23    sing N N 63  
5N0 C25   N11    sing N N 64  
5N0 C25   C26    sing N N 65  
5N0 C15   C11    doub Y N 66  
5N0 C42   C41    doub Y N 67  
5N0 C42   N19    sing N N 68  
5N0 C13   N7     sing Y N 69  
5N0 N14   C26    sing N N 70  
5N0 N14   C29    sing N N 71  
5N0 C23   N10    sing N N 72  
5N0 N19   C37    sing N N 73  
5N0 C26   O5     doub N N 74  
5N0 N10   C22    sing N N 75  
5N0 C11   N7     sing Y N 76  
5N0 C11   C16    sing N N 77  
5N0 N8    C21    sing N N 78  
5N0 N8    C16    sing N N 79  
5N0 C20   C21    sing Y N 80  
5N0 C20   C17    doub Y N 81  
5N0 N7    C12    sing N N 82  
5N0 C29   N15    sing Y N 83  
5N0 C29   C28    doub Y N 84  
5N0 N15   C30    doub Y N 85  
5N0 C35   C32    doub Y N 86  
5N0 C35   C36    sing Y N 87  
5N0 C21   C19    doub Y N 88  
5N0 C16   O3     doub N N 89  
5N0 C37   O7     doub N N 90  
5N0 C37   C32    sing N N 91  
5N0 C22   C17    sing N N 92  
5N0 C22   O4     doub N N 93  
5N0 N17   C36    sing N N 94  
5N0 N17   C31    sing N N 95  
5N0 C17   N9     sing Y N 96  
5N0 C32   N18    sing Y N 97  
5N0 C36   C34    doub Y N 98  
5N0 C30   C31    sing N N 99  
5N0 C30   N16    sing Y N 100 
5N0 C28   N16    sing Y N 101 
5N0 C19   N9     sing Y N 102 
5N0 C31   O6     doub N N 103 
5N0 N9    C18    sing N N 104 
5N0 N16   C27    sing N N 105 
5N0 N18   C34    sing Y N 106 
5N0 N18   C33    sing N N 107 
5N0 C1    H1     sing N N 108 
5N0 C1    H2     sing N N 109 
5N0 C1    H3     sing N N 110 
5N0 C2    H4     sing N N 111 
5N0 C3    H5     sing N N 112 
5N0 N3    H6     sing N N 113 
5N0 N6    H7     sing N N 114 
5N0 C7    H8     sing N N 115 
5N0 C7    H9     sing N N 116 
5N0 C7    H10    sing N N 117 
5N0 C8    H11    sing N N 118 
5N0 N8    H12    sing N N 119 
5N0 N10   H13    sing N N 120 
5N0 N11   H14    sing N N 121 
5N0 N11   H15    sing N N 122 
5N0 C12   H17    sing N N 123 
5N0 C12   H18    sing N N 124 
5N0 C12   H19    sing N N 125 
5N0 C13   H20    sing N N 126 
5N0 N14   H21    sing N N 127 
5N0 C15   H22    sing N N 128 
5N0 N17   H23    sing N N 129 
5N0 C18   H24    sing N N 130 
5N0 C18   H25    sing N N 131 
5N0 C18   H26    sing N N 132 
5N0 C19   H27    sing N N 133 
5N0 N19   H28    sing N N 134 
5N0 C20   H29    sing N N 135 
5N0 N21   H30    sing N N 136 
5N0 C23   H31    sing N N 137 
5N0 C23   H32    sing N N 138 
5N0 N23   H33    sing N N 139 
5N0 C24   H34    sing N N 140 
5N0 C24   H35    sing N N 141 
5N0 C25   H36    sing N N 142 
5N0 C27   H37    sing N N 143 
5N0 C27   H38    sing N N 144 
5N0 C27   H39    sing N N 145 
5N0 C28   H40    sing N N 146 
5N0 C33   H41    sing N N 147 
5N0 C33   H42    sing N N 148 
5N0 C33   H43    sing N N 149 
5N0 C34   H44    sing N N 150 
5N0 C35   H45    sing N N 151 
5N0 C38   H46    sing N N 152 
5N0 C40   H47    sing N N 153 
5N0 C40   H48    sing N N 154 
5N0 C40   H49    sing N N 155 
5N0 C41   H50    sing N N 156 
5N0 C45   H51    sing N N 157 
5N0 C45   H52    sing N N 158 
5N0 C45   H53    sing N N 159 
5N0 C46   H54    sing N N 160 
5N0 C47   H55    sing N N 161 
5N0 C50   H56    sing N N 162 
5N0 C50   H57    sing N N 163 
5N0 C51   H58    sing N N 164 
5N0 C51   H59    sing N N 165 
5N0 C52   H60    sing N N 166 
5N0 C52   H61    sing N N 167 
5N0 C53   H62    sing N N 168 
5N0 C53   H63    sing N N 169 
5N0 C54   H64    sing N N 170 
5N0 C54   H65    sing N N 171 
5N0 C55   H66    sing N N 172 
5N0 C55   H67    sing N N 173 
5N0 C58   H68    sing N N 174 
5N0 C60   H69    sing N N 175 
5N0 C61   H70    sing N N 176 
5N0 C62   H71    sing N N 177 
5N0 C64   H72    sing N N 178 
5N0 C64   H73    sing N N 179 
5N0 C64   H74    sing N N 180 
5N0 N25   H76    sing N N 181 
5N0 O11   H77    sing N N 182 
ACT C     O      doub N N 183 
ACT C     OXT    sing N N 184 
ACT C     CH3    sing N N 185 
ACT CH3   H1     sing N N 186 
ACT CH3   H2     sing N N 187 
ACT CH3   H3     sing N N 188 
DA  OP3   P      sing N N 189 
DA  OP3   HOP3   sing N N 190 
DA  P     OP1    doub N N 191 
DA  P     OP2    sing N N 192 
DA  P     "O5'"  sing N N 193 
DA  OP2   HOP2   sing N N 194 
DA  "O5'" "C5'"  sing N N 195 
DA  "C5'" "C4'"  sing N N 196 
DA  "C5'" "H5'"  sing N N 197 
DA  "C5'" "H5''" sing N N 198 
DA  "C4'" "O4'"  sing N N 199 
DA  "C4'" "C3'"  sing N N 200 
DA  "C4'" "H4'"  sing N N 201 
DA  "O4'" "C1'"  sing N N 202 
DA  "C3'" "O3'"  sing N N 203 
DA  "C3'" "C2'"  sing N N 204 
DA  "C3'" "H3'"  sing N N 205 
DA  "O3'" "HO3'" sing N N 206 
DA  "C2'" "C1'"  sing N N 207 
DA  "C2'" "H2'"  sing N N 208 
DA  "C2'" "H2''" sing N N 209 
DA  "C1'" N9     sing N N 210 
DA  "C1'" "H1'"  sing N N 211 
DA  N9    C8     sing Y N 212 
DA  N9    C4     sing Y N 213 
DA  C8    N7     doub Y N 214 
DA  C8    H8     sing N N 215 
DA  N7    C5     sing Y N 216 
DA  C5    C6     sing Y N 217 
DA  C5    C4     doub Y N 218 
DA  C6    N6     sing N N 219 
DA  C6    N1     doub Y N 220 
DA  N6    H61    sing N N 221 
DA  N6    H62    sing N N 222 
DA  N1    C2     sing Y N 223 
DA  C2    N3     doub Y N 224 
DA  C2    H2     sing N N 225 
DA  N3    C4     sing Y N 226 
DC  OP3   P      sing N N 227 
DC  OP3   HOP3   sing N N 228 
DC  P     OP1    doub N N 229 
DC  P     OP2    sing N N 230 
DC  P     "O5'"  sing N N 231 
DC  OP2   HOP2   sing N N 232 
DC  "O5'" "C5'"  sing N N 233 
DC  "C5'" "C4'"  sing N N 234 
DC  "C5'" "H5'"  sing N N 235 
DC  "C5'" "H5''" sing N N 236 
DC  "C4'" "O4'"  sing N N 237 
DC  "C4'" "C3'"  sing N N 238 
DC  "C4'" "H4'"  sing N N 239 
DC  "O4'" "C1'"  sing N N 240 
DC  "C3'" "O3'"  sing N N 241 
DC  "C3'" "C2'"  sing N N 242 
DC  "C3'" "H3'"  sing N N 243 
DC  "O3'" "HO3'" sing N N 244 
DC  "C2'" "C1'"  sing N N 245 
DC  "C2'" "H2'"  sing N N 246 
DC  "C2'" "H2''" sing N N 247 
DC  "C1'" N1     sing N N 248 
DC  "C1'" "H1'"  sing N N 249 
DC  N1    C2     sing N N 250 
DC  N1    C6     sing N N 251 
DC  C2    O2     doub N N 252 
DC  C2    N3     sing N N 253 
DC  N3    C4     doub N N 254 
DC  C4    N4     sing N N 255 
DC  C4    C5     sing N N 256 
DC  N4    H41    sing N N 257 
DC  N4    H42    sing N N 258 
DC  C5    C6     doub N N 259 
DC  C5    H5     sing N N 260 
DC  C6    H6     sing N N 261 
DG  OP3   P      sing N N 262 
DG  OP3   HOP3   sing N N 263 
DG  P     OP1    doub N N 264 
DG  P     OP2    sing N N 265 
DG  P     "O5'"  sing N N 266 
DG  OP2   HOP2   sing N N 267 
DG  "O5'" "C5'"  sing N N 268 
DG  "C5'" "C4'"  sing N N 269 
DG  "C5'" "H5'"  sing N N 270 
DG  "C5'" "H5''" sing N N 271 
DG  "C4'" "O4'"  sing N N 272 
DG  "C4'" "C3'"  sing N N 273 
DG  "C4'" "H4'"  sing N N 274 
DG  "O4'" "C1'"  sing N N 275 
DG  "C3'" "O3'"  sing N N 276 
DG  "C3'" "C2'"  sing N N 277 
DG  "C3'" "H3'"  sing N N 278 
DG  "O3'" "HO3'" sing N N 279 
DG  "C2'" "C1'"  sing N N 280 
DG  "C2'" "H2'"  sing N N 281 
DG  "C2'" "H2''" sing N N 282 
DG  "C1'" N9     sing N N 283 
DG  "C1'" "H1'"  sing N N 284 
DG  N9    C8     sing Y N 285 
DG  N9    C4     sing Y N 286 
DG  C8    N7     doub Y N 287 
DG  C8    H8     sing N N 288 
DG  N7    C5     sing Y N 289 
DG  C5    C6     sing N N 290 
DG  C5    C4     doub Y N 291 
DG  C6    O6     doub N N 292 
DG  C6    N1     sing N N 293 
DG  N1    C2     sing N N 294 
DG  N1    H1     sing N N 295 
DG  C2    N2     sing N N 296 
DG  C2    N3     doub N N 297 
DG  N2    H21    sing N N 298 
DG  N2    H22    sing N N 299 
DG  N3    C4     sing N N 300 
DT  OP3   P      sing N N 301 
DT  OP3   HOP3   sing N N 302 
DT  P     OP1    doub N N 303 
DT  P     OP2    sing N N 304 
DT  P     "O5'"  sing N N 305 
DT  OP2   HOP2   sing N N 306 
DT  "O5'" "C5'"  sing N N 307 
DT  "C5'" "C4'"  sing N N 308 
DT  "C5'" "H5'"  sing N N 309 
DT  "C5'" "H5''" sing N N 310 
DT  "C4'" "O4'"  sing N N 311 
DT  "C4'" "C3'"  sing N N 312 
DT  "C4'" "H4'"  sing N N 313 
DT  "O4'" "C1'"  sing N N 314 
DT  "C3'" "O3'"  sing N N 315 
DT  "C3'" "C2'"  sing N N 316 
DT  "C3'" "H3'"  sing N N 317 
DT  "O3'" "HO3'" sing N N 318 
DT  "C2'" "C1'"  sing N N 319 
DT  "C2'" "H2'"  sing N N 320 
DT  "C2'" "H2''" sing N N 321 
DT  "C1'" N1     sing N N 322 
DT  "C1'" "H1'"  sing N N 323 
DT  N1    C2     sing N N 324 
DT  N1    C6     sing N N 325 
DT  C2    O2     doub N N 326 
DT  C2    N3     sing N N 327 
DT  N3    C4     sing N N 328 
DT  N3    H3     sing N N 329 
DT  C4    O4     doub N N 330 
DT  C4    C5     sing N N 331 
DT  C5    C7     sing N N 332 
DT  C5    C6     doub N N 333 
DT  C7    H71    sing N N 334 
DT  C7    H72    sing N N 335 
DT  C7    H73    sing N N 336 
DT  C6    H6     sing N N 337 
HOH O     H1     sing N N 338 
HOH O     H2     sing N N 339 
# 
_ndb_struct_conf_na.entry_id   7RIL 
_ndb_struct_conf_na.feature    'b-form double helix' 
# 
loop_
_ndb_struct_na_base_pair.model_number 
_ndb_struct_na_base_pair.i_label_asym_id 
_ndb_struct_na_base_pair.i_label_comp_id 
_ndb_struct_na_base_pair.i_label_seq_id 
_ndb_struct_na_base_pair.i_symmetry 
_ndb_struct_na_base_pair.j_label_asym_id 
_ndb_struct_na_base_pair.j_label_comp_id 
_ndb_struct_na_base_pair.j_label_seq_id 
_ndb_struct_na_base_pair.j_symmetry 
_ndb_struct_na_base_pair.shear 
_ndb_struct_na_base_pair.stretch 
_ndb_struct_na_base_pair.stagger 
_ndb_struct_na_base_pair.buckle 
_ndb_struct_na_base_pair.propeller 
_ndb_struct_na_base_pair.opening 
_ndb_struct_na_base_pair.pair_number 
_ndb_struct_na_base_pair.pair_name 
_ndb_struct_na_base_pair.i_auth_asym_id 
_ndb_struct_na_base_pair.i_auth_seq_id 
_ndb_struct_na_base_pair.i_PDB_ins_code 
_ndb_struct_na_base_pair.j_auth_asym_id 
_ndb_struct_na_base_pair.j_auth_seq_id 
_ndb_struct_na_base_pair.j_PDB_ins_code 
_ndb_struct_na_base_pair.hbond_type_28 
_ndb_struct_na_base_pair.hbond_type_12 
1 A DC 1  1_555 B DG 10 1_555 0.285  -0.263 0.354  -10.120 -3.747  1.488   1  A_DC1:DG10_B A 1  ? B 10 ? 19 1 
1 A DC 2  1_555 B DG 9  1_555 0.235  -0.157 0.177  -1.433  -7.070  0.903   2  A_DC2:DG9_B  A 2  ? B 9  ? 19 1 
1 A DT 3  1_555 B DA 8  1_555 -0.066 -0.109 -0.064 -4.452  -11.596 -2.748  3  A_DT3:DA8_B  A 3  ? B 8  ? 20 1 
1 A DG 4  1_555 B DC 7  1_555 0.114  -0.397 -0.396 -3.592  -3.645  -1.864  4  A_DG4:DC7_B  A 4  ? B 7  ? 19 1 
1 A DA 5  1_555 B DT 6  1_555 0.147  -0.432 -0.257 2.135   -10.833 -11.380 5  A_DA5:DT6_B  A 5  ? B 6  ? 20 1 
1 A DC 6  1_555 B DG 5  1_555 -0.240 -0.106 -0.286 8.495   -12.744 -2.458  6  A_DC6:DG5_B  A 6  ? B 5  ? 19 1 
1 A DC 7  1_555 B DG 4  1_555 -0.520 -0.237 0.098  -3.864  -8.640  -5.933  7  A_DC7:DG4_B  A 7  ? B 4  ? 19 1 
1 A DA 8  1_555 B DT 3  1_555 0.062  -0.276 -0.163 -1.006  -8.960  1.969   8  A_DA8:DT3_B  A 8  ? B 3  ? 20 1 
1 A DG 9  1_555 B DC 2  1_555 -0.111 -0.123 0.099  4.224   -4.424  3.233   9  A_DG9:DC2_B  A 9  ? B 2  ? 19 1 
1 A DG 10 1_555 B DC 1  1_555 -0.299 -0.110 0.299  12.601  -5.846  0.921   10 A_DG10:DC1_B A 10 ? B 1  ? 19 1 
# 
loop_
_ndb_struct_na_base_pair_step.model_number 
_ndb_struct_na_base_pair_step.i_label_asym_id_1 
_ndb_struct_na_base_pair_step.i_label_comp_id_1 
_ndb_struct_na_base_pair_step.i_label_seq_id_1 
_ndb_struct_na_base_pair_step.i_symmetry_1 
_ndb_struct_na_base_pair_step.j_label_asym_id_1 
_ndb_struct_na_base_pair_step.j_label_comp_id_1 
_ndb_struct_na_base_pair_step.j_label_seq_id_1 
_ndb_struct_na_base_pair_step.j_symmetry_1 
_ndb_struct_na_base_pair_step.i_label_asym_id_2 
_ndb_struct_na_base_pair_step.i_label_comp_id_2 
_ndb_struct_na_base_pair_step.i_label_seq_id_2 
_ndb_struct_na_base_pair_step.i_symmetry_2 
_ndb_struct_na_base_pair_step.j_label_asym_id_2 
_ndb_struct_na_base_pair_step.j_label_comp_id_2 
_ndb_struct_na_base_pair_step.j_label_seq_id_2 
_ndb_struct_na_base_pair_step.j_symmetry_2 
_ndb_struct_na_base_pair_step.shift 
_ndb_struct_na_base_pair_step.slide 
_ndb_struct_na_base_pair_step.rise 
_ndb_struct_na_base_pair_step.tilt 
_ndb_struct_na_base_pair_step.roll 
_ndb_struct_na_base_pair_step.twist 
_ndb_struct_na_base_pair_step.x_displacement 
_ndb_struct_na_base_pair_step.y_displacement 
_ndb_struct_na_base_pair_step.helical_rise 
_ndb_struct_na_base_pair_step.inclination 
_ndb_struct_na_base_pair_step.tip 
_ndb_struct_na_base_pair_step.helical_twist 
_ndb_struct_na_base_pair_step.step_number 
_ndb_struct_na_base_pair_step.step_name 
_ndb_struct_na_base_pair_step.i_auth_asym_id_1 
_ndb_struct_na_base_pair_step.i_auth_seq_id_1 
_ndb_struct_na_base_pair_step.i_PDB_ins_code_1 
_ndb_struct_na_base_pair_step.j_auth_asym_id_1 
_ndb_struct_na_base_pair_step.j_auth_seq_id_1 
_ndb_struct_na_base_pair_step.j_PDB_ins_code_1 
_ndb_struct_na_base_pair_step.i_auth_asym_id_2 
_ndb_struct_na_base_pair_step.i_auth_seq_id_2 
_ndb_struct_na_base_pair_step.i_PDB_ins_code_2 
_ndb_struct_na_base_pair_step.j_auth_asym_id_2 
_ndb_struct_na_base_pair_step.j_auth_seq_id_2 
_ndb_struct_na_base_pair_step.j_PDB_ins_code_2 
1 A DC 1 1_555 B DG 10 1_555 A DC 2  1_555 B DG 9 1_555 -0.668 0.079 2.999 0.748  4.324  31.320 -0.589 1.353  2.966 7.961  -1.377 
31.619 1 AA_DC1DC2:DG9DG10_BB A 1 ? B 10 ? A 2  ? B 9 ? 
1 A DC 2 1_555 B DG 9  1_555 A DT 3  1_555 B DA 8 1_555 0.531  0.223 3.411 2.669  6.825  32.180 -0.834 -0.456 3.417 12.117 -4.739 
32.982 2 AA_DC2DT3:DA8DG9_BB  A 2 ? B 9  ? A 3  ? B 8 ? 
1 A DT 3 1_555 B DA 8  1_555 A DG 4  1_555 B DC 7 1_555 -0.670 0.613 3.429 1.028  9.399  31.826 -0.620 1.359  3.443 16.686 -1.825 
33.166 3 AA_DT3DG4:DC7DA8_BB  A 3 ? B 8  ? A 4  ? B 7 ? 
1 A DG 4 1_555 B DC 7  1_555 A DA 5  1_555 B DT 6 1_555 -1.497 1.058 3.250 -5.334 5.147  39.723 0.928  1.542  3.519 7.495  7.768  
40.382 4 AA_DG4DA5:DT6DC7_BB  A 4 ? B 7  ? A 5  ? B 6 ? 
1 A DA 5 1_555 B DT 6  1_555 A DC 6  1_555 B DG 5 1_555 0.281  0.049 3.036 -0.091 -2.402 31.381 0.506  -0.534 3.023 -4.432 0.168  
31.471 5 AA_DA5DC6:DG5DT6_BB  A 5 ? B 6  ? A 6  ? B 5 ? 
1 A DC 6 1_555 B DG 5  1_555 A DC 7  1_555 B DG 4 1_555 0.842  0.912 3.587 1.858  3.744  35.293 0.883  -1.077 3.700 6.149  -3.051 
35.532 6 AA_DC6DC7:DG4DG5_BB  A 6 ? B 5  ? A 7  ? B 4 ? 
1 A DC 7 1_555 B DG 4  1_555 A DA 8  1_555 B DT 3 1_555 1.474  0.919 3.269 6.240  5.897  40.001 0.633  -1.389 3.545 8.502  -8.997 
40.875 7 AA_DC7DA8:DT3DG4_BB  A 7 ? B 4  ? A 8  ? B 3 ? 
1 A DA 8 1_555 B DT 3  1_555 A DG 9  1_555 B DC 2 1_555 0.333  0.115 3.224 -3.725 12.114 25.371 -2.540 -1.534 2.900 25.641 7.885  
28.314 8 AA_DA8DG9:DC2DT3_BB  A 8 ? B 3  ? A 9  ? B 2 ? 
1 A DG 9 1_555 B DC 2  1_555 A DG 10 1_555 B DC 1 1_555 -0.061 0.064 3.095 -3.018 4.925  35.239 -0.571 -0.315 3.070 8.068  4.944  
35.695 9 AA_DG9DG10:DC1DC2_BB A 9 ? B 2  ? A 10 ? B 1 ? 
# 
_pdbx_audit_support.funding_organization   
'National Institutes of Health/National Institute of General Medical Sciences (NIH/NIGMS)' 
_pdbx_audit_support.country                'United States' 
_pdbx_audit_support.grant_number           GM102362 
_pdbx_audit_support.ordinal                1 
# 
_pdbx_entity_instance_feature.ordinal        1 
_pdbx_entity_instance_feature.comp_id        5N0 
_pdbx_entity_instance_feature.asym_id        ? 
_pdbx_entity_instance_feature.seq_num        ? 
_pdbx_entity_instance_feature.auth_comp_id   5N0 
_pdbx_entity_instance_feature.auth_asym_id   ? 
_pdbx_entity_instance_feature.auth_seq_num   ? 
_pdbx_entity_instance_feature.feature_type   'SUBJECT OF INVESTIGATION' 
_pdbx_entity_instance_feature.details        ? 
# 
_pdbx_initial_refinement_model.accession_code   ? 
_pdbx_initial_refinement_model.id               1 
_pdbx_initial_refinement_model.entity_id_list   ? 
_pdbx_initial_refinement_model.type             'in silico model' 
_pdbx_initial_refinement_model.source_name      Other 
_pdbx_initial_refinement_model.details          'ideal duplex' 
# 
_atom_sites.entry_id                    7RIL 
_atom_sites.Cartn_transf_matrix[1][1]   ? 
_atom_sites.Cartn_transf_matrix[1][2]   ? 
_atom_sites.Cartn_transf_matrix[1][3]   ? 
_atom_sites.Cartn_transf_matrix[2][1]   ? 
_atom_sites.Cartn_transf_matrix[2][2]   ? 
_atom_sites.Cartn_transf_matrix[2][3]   ? 
_atom_sites.Cartn_transf_matrix[3][1]   ? 
_atom_sites.Cartn_transf_matrix[3][2]   ? 
_atom_sites.Cartn_transf_matrix[3][3]   ? 
_atom_sites.Cartn_transf_vector[1]      ? 
_atom_sites.Cartn_transf_vector[2]      ? 
_atom_sites.Cartn_transf_vector[3]      ? 
_atom_sites.fract_transf_matrix[1][1]   -0.00927814 
_atom_sites.fract_transf_matrix[1][2]   -0.02016605 
_atom_sites.fract_transf_matrix[1][3]   -0.02582230 
_atom_sites.fract_transf_matrix[2][1]   0.00580214 
_atom_sites.fract_transf_matrix[2][2]   0.00970841 
_atom_sites.fract_transf_matrix[2][3]   -0.03211885 
_atom_sites.fract_transf_matrix[3][1]   0.01885032 
_atom_sites.fract_transf_matrix[3][2]   -0.00939633 
_atom_sites.fract_transf_matrix[3][3]   0.00056505 
_atom_sites.fract_transf_vector[1]      0.252803 
_atom_sites.fract_transf_vector[2]      -0.039849 
_atom_sites.fract_transf_vector[3]      -0.014854 
_atom_sites.solution_primary            ? 
_atom_sites.solution_secondary          ? 
_atom_sites.solution_hydrogens          ? 
_atom_sites.special_details             ? 
# 
loop_
_atom_type.symbol 
C 
N 
O 
P 
# 
loop_
_atom_site.group_PDB 
_atom_site.id 
_atom_site.type_symbol 
_atom_site.label_atom_id 
_atom_site.label_alt_id 
_atom_site.label_comp_id 
_atom_site.label_asym_id 
_atom_site.label_entity_id 
_atom_site.label_seq_id 
_atom_site.pdbx_PDB_ins_code 
_atom_site.Cartn_x 
_atom_site.Cartn_y 
_atom_site.Cartn_z 
_atom_site.occupancy 
_atom_site.B_iso_or_equiv 
_atom_site.pdbx_formal_charge 
_atom_site.auth_seq_id 
_atom_site.auth_comp_id 
_atom_site.auth_asym_id 
_atom_site.auth_atom_id 
_atom_site.pdbx_PDB_model_num 
ATOM   1   O "O5'" . DC  A 1 1  ? -12.866 -6.670  10.435  1.00 84.34  ? 1   DC  A "O5'" 1 
ATOM   2   C "C5'" . DC  A 1 1  ? -12.857 -7.183  11.808  1.00 85.69  ? 1   DC  A "C5'" 1 
ATOM   3   C "C4'" . DC  A 1 1  ? -11.833 -6.459  12.697  1.00 74.09  ? 1   DC  A "C4'" 1 
ATOM   4   O "O4'" . DC  A 1 1  ? -10.564 -7.181  12.698  1.00 69.94  ? 1   DC  A "O4'" 1 
ATOM   5   C "C3'" . DC  A 1 1  ? -11.492 -5.067  12.259  1.00 67.00  ? 1   DC  A "C3'" 1 
ATOM   6   O "O3'" . DC  A 1 1  ? -11.061 -4.288  13.371  1.00 68.05  ? 1   DC  A "O3'" 1 
ATOM   7   C "C2'" . DC  A 1 1  ? -10.349 -5.327  11.258  1.00 71.62  ? 1   DC  A "C2'" 1 
ATOM   8   C "C1'" . DC  A 1 1  ? -9.599  -6.498  11.909  1.00 55.78  ? 1   DC  A "C1'" 1 
ATOM   9   N N1    . DC  A 1 1  ? -8.966  -7.506  10.923  1.00 53.54  ? 1   DC  A N1    1 
ATOM   10  C C2    . DC  A 1 1  ? -7.628  -7.895  11.085  1.00 54.99  ? 1   DC  A C2    1 
ATOM   11  O O2    . DC  A 1 1  ? -6.981  -7.399  12.005  1.00 57.73  ? 1   DC  A O2    1 
ATOM   12  N N3    . DC  A 1 1  ? -7.077  -8.809  10.226  1.00 53.78  ? 1   DC  A N3    1 
ATOM   13  C C4    . DC  A 1 1  ? -7.822  -9.355  9.273   1.00 53.60  ? 1   DC  A C4    1 
ATOM   14  N N4    . DC  A 1 1  ? -7.251  -10.252 8.451   1.00 48.10  ? 1   DC  A N4    1 
ATOM   15  C C5    . DC  A 1 1  ? -9.187  -8.991  9.101   1.00 57.24  ? 1   DC  A C5    1 
ATOM   16  C C6    . DC  A 1 1  ? -9.719  -8.080  9.942   1.00 54.08  ? 1   DC  A C6    1 
ATOM   17  P P     . DC  A 1 2  ? -10.908 -2.692  13.181  1.00 72.79  ? 2   DC  A P     1 
ATOM   18  O OP1   . DC  A 1 2  ? -11.242 -1.986  14.438  1.00 70.01  ? 2   DC  A OP1   1 
ATOM   19  O OP2   . DC  A 1 2  ? -11.582 -2.413  11.883  1.00 67.44  ? 2   DC  A OP2   1 
ATOM   20  O "O5'" . DC  A 1 2  ? -9.332  -2.441  13.064  1.00 74.15  ? 2   DC  A "O5'" 1 
ATOM   21  C "C5'" . DC  A 1 2  ? -8.549  -2.546  14.230  1.00 70.90  ? 2   DC  A "C5'" 1 
ATOM   22  C "C4'" . DC  A 1 2  ? -7.064  -2.442  13.934  1.00 66.97  ? 2   DC  A "C4'" 1 
ATOM   23  O "O4'" . DC  A 1 2  ? -6.626  -3.539  13.092  1.00 65.69  ? 2   DC  A "O4'" 1 
ATOM   24  C "C3'" . DC  A 1 2  ? -6.599  -1.169  13.256  1.00 59.11  ? 2   DC  A "C3'" 1 
ATOM   25  O "O3'" . DC  A 1 2  ? -5.405  -0.792  13.862  1.00 65.37  ? 2   DC  A "O3'" 1 
ATOM   26  C "C2'" . DC  A 1 2  ? -6.366  -1.623  11.805  1.00 66.29  ? 2   DC  A "C2'" 1 
ATOM   27  C "C1'" . DC  A 1 2  ? -5.848  -3.033  12.012  1.00 57.99  ? 2   DC  A "C1'" 1 
ATOM   28  N N1    . DC  A 1 2  ? -6.014  -4.005  10.830  1.00 52.26  ? 2   DC  A N1    1 
ATOM   29  C C2    . DC  A 1 2  ? -4.970  -4.906  10.509  1.00 53.34  ? 2   DC  A C2    1 
ATOM   30  O O2    . DC  A 1 2  ? -3.914  -4.855  11.141  1.00 51.95  ? 2   DC  A O2    1 
ATOM   31  N N3    . DC  A 1 2  ? -5.150  -5.808  9.495   1.00 49.60  ? 2   DC  A N3    1 
ATOM   32  C C4    . DC  A 1 2  ? -6.303  -5.837  8.827   1.00 47.19  ? 2   DC  A C4    1 
ATOM   33  N N4    . DC  A 1 2  ? -6.415  -6.715  7.846   1.00 43.63  ? 2   DC  A N4    1 
ATOM   34  C C5    . DC  A 1 2  ? -7.388  -4.955  9.141   1.00 49.57  ? 2   DC  A C5    1 
ATOM   35  C C6    . DC  A 1 2  ? -7.210  -4.061  10.143  1.00 46.00  ? 2   DC  A C6    1 
ATOM   36  P P     . DT  A 1 3  ? -4.864  0.686   13.708  1.00 77.73  ? 3   DT  A P     1 
ATOM   37  O OP1   . DT  A 1 3  ? -4.451  1.133   15.061  1.00 80.67  ? 3   DT  A OP1   1 
ATOM   38  O OP2   . DT  A 1 3  ? -5.884  1.414   12.917  1.00 64.33  ? 3   DT  A OP2   1 
ATOM   39  O "O5'" . DT  A 1 3  ? -3.512  0.529   12.864  1.00 70.78  ? 3   DT  A "O5'" 1 
ATOM   40  C "C5'" . DT  A 1 3  ? -2.522  -0.438  13.235  1.00 75.91  ? 3   DT  A "C5'" 1 
ATOM   41  C "C4'" . DT  A 1 3  ? -1.568  -0.651  12.085  1.00 74.11  ? 3   DT  A "C4'" 1 
ATOM   42  O "O4'" . DT  A 1 3  ? -2.093  -1.708  11.218  1.00 76.07  ? 3   DT  A "O4'" 1 
ATOM   43  C "C3'" . DT  A 1 3  ? -1.451  0.581   11.181  1.00 70.27  ? 3   DT  A "C3'" 1 
ATOM   44  O "O3'" . DT  A 1 3  ? -0.175  0.654   10.597  1.00 73.92  ? 3   DT  A "O3'" 1 
ATOM   45  C "C2'" . DT  A 1 3  ? -2.499  0.291   10.128  1.00 63.26  ? 3   DT  A "C2'" 1 
ATOM   46  C "C1'" . DT  A 1 3  ? -2.189  -1.158  9.916   1.00 60.34  ? 3   DT  A "C1'" 1 
ATOM   47  N N1    . DT  A 1 3  ? -3.183  -1.884  9.020   1.00 52.26  ? 3   DT  A N1    1 
ATOM   48  C C2    . DT  A 1 3  ? -2.722  -2.922  8.288   1.00 53.15  ? 3   DT  A C2    1 
ATOM   49  O O2    . DT  A 1 3  ? -1.585  -3.378  8.443   1.00 57.08  ? 3   DT  A O2    1 
ATOM   50  N N3    . DT  A 1 3  ? -3.645  -3.495  7.440   1.00 57.44  ? 3   DT  A N3    1 
ATOM   51  C C4    . DT  A 1 3  ? -4.940  -3.063  7.202   1.00 55.87  ? 3   DT  A C4    1 
ATOM   52  O O4    . DT  A 1 3  ? -5.686  -3.640  6.410   1.00 52.94  ? 3   DT  A O4    1 
ATOM   53  C C5    . DT  A 1 3  ? -5.345  -1.900  7.972   1.00 47.97  ? 3   DT  A C5    1 
ATOM   54  C C7    . DT  A 1 3  ? -6.729  -1.361  7.868   1.00 43.80  ? 3   DT  A C7    1 
ATOM   55  C C6    . DT  A 1 3  ? -4.447  -1.358  8.817   1.00 49.70  ? 3   DT  A C6    1 
ATOM   56  P P     . DG  A 1 4  ? 0.606   2.044   10.619  1.00 74.79  ? 4   DG  A P     1 
ATOM   57  O OP1   . DG  A 1 4  ? 0.893   2.055   12.066  1.00 74.33  ? 4   DG  A OP1   1 
ATOM   58  O OP2   . DG  A 1 4  ? -0.094  3.134   9.871   1.00 57.99  ? 4   DG  A OP2   1 
ATOM   59  O "O5'" . DG  A 1 4  ? 1.928   1.788   9.752   1.00 68.90  ? 4   DG  A "O5'" 1 
ATOM   60  C "C5'" . DG  A 1 4  ? 2.658   0.602   9.904   1.00 71.27  ? 4   DG  A "C5'" 1 
ATOM   61  C "C4'" . DG  A 1 4  ? 3.156   0.110   8.552   1.00 69.85  ? 4   DG  A "C4'" 1 
ATOM   62  O "O4'" . DG  A 1 4  ? 2.115   -0.669  7.903   1.00 67.29  ? 4   DG  A "O4'" 1 
ATOM   63  C "C3'" . DG  A 1 4  ? 3.527   1.191   7.545   1.00 80.91  ? 4   DG  A "C3'" 1 
ATOM   64  O "O3'" . DG  A 1 4  ? 4.556   0.717   6.692   1.00 85.74  ? 4   DG  A "O3'" 1 
ATOM   65  C "C2'" . DG  A 1 4  ? 2.238   1.336   6.752   1.00 83.59  ? 4   DG  A "C2'" 1 
ATOM   66  C "C1'" . DG  A 1 4  ? 1.855   -0.128  6.635   1.00 69.28  ? 4   DG  A "C1'" 1 
ATOM   67  N N9    . DG  A 1 4  ? 0.457   -0.352  6.286   1.00 58.48  ? 4   DG  A N9    1 
ATOM   68  C C8    . DG  A 1 4  ? -0.623  0.406   6.670   1.00 51.10  ? 4   DG  A C8    1 
ATOM   69  N N7    . DG  A 1 4  ? -1.754  -0.041  6.175   1.00 52.89  ? 4   DG  A N7    1 
ATOM   70  C C5    . DG  A 1 4  ? -1.395  -1.153  5.414   1.00 46.89  ? 4   DG  A C5    1 
ATOM   71  C C6    . DG  A 1 4  ? -2.199  -2.012  4.627   1.00 45.45  ? 4   DG  A C6    1 
ATOM   72  O O6    . DG  A 1 4  ? -3.443  -1.998  4.502   1.00 48.12  ? 4   DG  A O6    1 
ATOM   73  N N1    . DG  A 1 4  ? -1.443  -2.983  3.973   1.00 43.46  ? 4   DG  A N1    1 
ATOM   74  C C2    . DG  A 1 4  ? -0.077  -3.105  4.102   1.00 56.43  ? 4   DG  A C2    1 
ATOM   75  N N2    . DG  A 1 4  ? 0.498   -4.098  3.408   1.00 69.39  ? 4   DG  A N2    1 
ATOM   76  N N3    . DG  A 1 4  ? 0.677   -2.305  4.843   1.00 52.08  ? 4   DG  A N3    1 
ATOM   77  C C4    . DG  A 1 4  ? -0.046  -1.354  5.460   1.00 48.86  ? 4   DG  A C4    1 
ATOM   78  P P     . DA  A 1 5  ? 5.844   1.629   6.405   1.00 90.02  ? 5   DA  A P     1 
ATOM   79  O OP1   . DA  A 1 5  ? 6.633   1.384   7.636   1.00 99.87  ? 5   DA  A OP1   1 
ATOM   80  O OP2   . DA  A 1 5  ? 5.464   3.010   5.992   1.00 75.65  ? 5   DA  A OP2   1 
ATOM   81  O "O5'" . DA  A 1 5  ? 6.540   0.946   5.141   1.00 69.31  ? 5   DA  A "O5'" 1 
ATOM   82  C "C5'" . DA  A 1 5  ? 7.225   -0.263  5.292   1.00 62.41  ? 5   DA  A "C5'" 1 
ATOM   83  C "C4'" . DA  A 1 5  ? 7.193   -1.043  4.009   1.00 64.48  ? 5   DA  A "C4'" 1 
ATOM   84  O "O4'" . DA  A 1 5  ? 5.824   -1.373  3.632   1.00 75.82  ? 5   DA  A "O4'" 1 
ATOM   85  C "C3'" . DA  A 1 5  ? 7.790   -0.343  2.824   1.00 72.56  ? 5   DA  A "C3'" 1 
ATOM   86  O "O3'" . DA  A 1 5  ? 8.498   -1.288  2.120   1.00 78.96  ? 5   DA  A "O3'" 1 
ATOM   87  C "C2'" . DA  A 1 5  ? 6.569   0.210   2.045   1.00 63.34  ? 5   DA  A "C2'" 1 
ATOM   88  C "C1'" . DA  A 1 5  ? 5.487   -0.811  2.362   1.00 63.78  ? 5   DA  A "C1'" 1 
ATOM   89  N N9    . DA  A 1 5  ? 4.109   -0.292  2.486   1.00 65.06  ? 5   DA  A N9    1 
ATOM   90  C C8    . DA  A 1 5  ? 3.664   0.734   3.288   1.00 68.86  ? 5   DA  A C8    1 
ATOM   91  N N7    . DA  A 1 5  ? 2.345   0.918   3.257   1.00 61.18  ? 5   DA  A N7    1 
ATOM   92  C C5    . DA  A 1 5  ? 1.894   -0.077  2.404   1.00 55.79  ? 5   DA  A C5    1 
ATOM   93  C C6    . DA  A 1 5  ? 0.609   -0.415  1.950   1.00 56.37  ? 5   DA  A C6    1 
ATOM   94  N N6    . DA  A 1 5  ? -0.467  0.250   2.305   1.00 48.13  ? 5   DA  A N6    1 
ATOM   95  N N1    . DA  A 1 5  ? 0.482   -1.458  1.100   1.00 46.83  ? 5   DA  A N1    1 
ATOM   96  C C2    . DA  A 1 5  ? 1.573   -2.137  0.739   1.00 52.50  ? 5   DA  A C2    1 
ATOM   97  N N3    . DA  A 1 5  ? 2.844   -1.913  1.089   1.00 60.13  ? 5   DA  A N3    1 
ATOM   98  C C4    . DA  A 1 5  ? 2.943   -0.850  1.933   1.00 68.18  ? 5   DA  A C4    1 
ATOM   99  P P     . DC  A 1 6  ? 9.565   -0.829  1.035   1.00 102.20 ? 6   DC  A P     1 
ATOM   100 O OP1   . DC  A 1 6  ? 10.736  -1.674  1.340   1.00 106.87 ? 6   DC  A OP1   1 
ATOM   101 O OP2   . DC  A 1 6  ? 9.664   0.657   0.977   1.00 106.26 ? 6   DC  A OP2   1 
ATOM   102 O "O5'" . DC  A 1 6  ? 8.860   -1.310  -0.307  1.00 101.31 ? 6   DC  A "O5'" 1 
ATOM   103 C "C5'" . DC  A 1 6  ? 8.129   -2.496  -0.253  1.00 84.83  ? 6   DC  A "C5'" 1 
ATOM   104 C "C4'" . DC  A 1 6  ? 7.207   -2.642  -1.434  1.00 67.28  ? 6   DC  A "C4'" 1 
ATOM   105 O "O4'" . DC  A 1 6  ? 5.924   -2.052  -1.147  1.00 69.71  ? 6   DC  A "O4'" 1 
ATOM   106 C "C3'" . DC  A 1 6  ? 7.690   -2.061  -2.738  1.00 61.76  ? 6   DC  A "C3'" 1 
ATOM   107 O "O3'" . DC  A 1 6  ? 7.451   -3.056  -3.735  1.00 74.03  ? 6   DC  A "O3'" 1 
ATOM   108 C "C2'" . DC  A 1 6  ? 6.805   -0.793  -2.904  1.00 67.65  ? 6   DC  A "C2'" 1 
ATOM   109 C "C1'" . DC  A 1 6  ? 5.504   -1.244  -2.237  1.00 71.57  ? 6   DC  A "C1'" 1 
ATOM   110 N N1    . DC  A 1 6  ? 4.583   -0.155  -1.634  1.00 64.07  ? 6   DC  A N1    1 
ATOM   111 C C2    . DC  A 1 6  ? 3.178   -0.306  -1.721  1.00 62.99  ? 6   DC  A C2    1 
ATOM   112 O O2    . DC  A 1 6  ? 2.705   -1.253  -2.372  1.00 58.79  ? 6   DC  A O2    1 
ATOM   113 N N3    . DC  A 1 6  ? 2.389   0.592   -1.101  1.00 54.76  ? 6   DC  A N3    1 
ATOM   114 C C4    . DC  A 1 6  ? 2.954   1.598   -0.416  1.00 56.09  ? 6   DC  A C4    1 
ATOM   115 N N4    . DC  A 1 6  ? 2.148   2.469   0.181   1.00 62.97  ? 6   DC  A N4    1 
ATOM   116 C C5    . DC  A 1 6  ? 4.349   1.730   -0.284  1.00 56.92  ? 6   DC  A C5    1 
ATOM   117 C C6    . DC  A 1 6  ? 5.120   0.847   -0.894  1.00 63.37  ? 6   DC  A C6    1 
ATOM   118 P P     . DC  A 1 7  ? 8.383   -3.245  -5.051  1.00 88.57  ? 7   DC  A P     1 
ATOM   119 O OP1   . DC  A 1 7  ? 8.622   -4.686  -5.302  1.00 88.73  ? 7   DC  A OP1   1 
ATOM   120 O OP2   . DC  A 1 7  ? 9.561   -2.358  -5.023  1.00 92.12  ? 7   DC  A OP2   1 
ATOM   121 O "O5'" . DC  A 1 7  ? 7.366   -2.798  -6.174  1.00 80.67  ? 7   DC  A "O5'" 1 
ATOM   122 C "C5'" . DC  A 1 7  ? 6.077   -3.301  -6.098  1.00 76.12  ? 7   DC  A "C5'" 1 
ATOM   123 C "C4'" . DC  A 1 7  ? 5.102   -2.345  -6.684  1.00 65.78  ? 7   DC  A "C4'" 1 
ATOM   124 O "O4'" . DC  A 1 7  ? 4.749   -1.336  -5.730  1.00 68.04  ? 7   DC  A "O4'" 1 
ATOM   125 C "C3'" . DC  A 1 7  ? 5.575   -1.612  -7.919  1.00 67.11  ? 7   DC  A "C3'" 1 
ATOM   126 O "O3'" . DC  A 1 7  ? 4.661   -1.915  -8.899  1.00 75.10  ? 7   DC  A "O3'" 1 
ATOM   127 C "C2'" . DC  A 1 7  ? 5.499   -0.113  -7.526  1.00 59.34  ? 7   DC  A "C2'" 1 
ATOM   128 C "C1'" . DC  A 1 7  ? 4.418   -0.188  -6.444  1.00 65.57  ? 7   DC  A "C1'" 1 
ATOM   129 N N1    . DC  A 1 7  ? 4.342   0.987   -5.478  1.00 60.76  ? 7   DC  A N1    1 
ATOM   130 C C2    . DC  A 1 7  ? 3.064   1.508   -5.105  1.00 57.17  ? 7   DC  A C2    1 
ATOM   131 O O2    . DC  A 1 7  ? 1.995   1.007   -5.590  1.00 54.56  ? 7   DC  A O2    1 
ATOM   132 N N3    . DC  A 1 7  ? 3.018   2.543   -4.234  1.00 47.44  ? 7   DC  A N3    1 
ATOM   133 C C4    . DC  A 1 7  ? 4.133   3.034   -3.716  1.00 55.81  ? 7   DC  A C4    1 
ATOM   134 N N4    . DC  A 1 7  ? 4.001   4.033   -2.860  1.00 62.21  ? 7   DC  A N4    1 
ATOM   135 C C5    . DC  A 1 7  ? 5.438   2.522   -4.056  1.00 59.79  ? 7   DC  A C5    1 
ATOM   136 C C6    . DC  A 1 7  ? 5.497   1.505   -4.929  1.00 55.19  ? 7   DC  A C6    1 
ATOM   137 P P     . DA  A 1 8  ? 4.977   -1.640  -10.439 1.00 85.94  ? 8   DA  A P     1 
ATOM   138 O OP1   . DA  A 1 8  ? 4.425   -2.801  -11.187 1.00 77.21  ? 8   DA  A OP1   1 
ATOM   139 O OP2   . DA  A 1 8  ? 6.419   -1.270  -10.535 1.00 80.03  ? 8   DA  A OP2   1 
ATOM   140 O "O5'" . DA  A 1 8  ? 3.970   -0.446  -10.786 1.00 78.22  ? 8   DA  A "O5'" 1 
ATOM   141 C "C5'" . DA  A 1 8  ? 2.583   -0.647  -10.569 1.00 65.73  ? 8   DA  A "C5'" 1 
ATOM   142 C "C4'" . DA  A 1 8  ? 1.907   0.678   -10.421 1.00 59.32  ? 8   DA  A "C4'" 1 
ATOM   143 O "O4'" . DA  A 1 8  ? 2.514   1.391   -9.334  1.00 58.66  ? 8   DA  A "O4'" 1 
ATOM   144 C "C3'" . DA  A 1 8  ? 2.052   1.568   -11.635 1.00 57.61  ? 8   DA  A "C3'" 1 
ATOM   145 O "O3'" . DA  A 1 8  ? 0.759   1.689   -12.215 1.00 64.54  ? 8   DA  A "O3'" 1 
ATOM   146 C "C2'" . DA  A 1 8  ? 2.607   2.922   -11.063 1.00 53.85  ? 8   DA  A "C2'" 1 
ATOM   147 C "C1'" . DA  A 1 8  ? 2.361   2.750   -9.539  1.00 62.07  ? 8   DA  A "C1'" 1 
ATOM   148 N N9    . DA  A 1 8  ? 3.314   3.449   -8.636  1.00 53.39  ? 8   DA  A N9    1 
ATOM   149 C C8    . DA  A 1 8  ? 4.669   3.344   -8.653  1.00 55.02  ? 8   DA  A C8    1 
ATOM   150 N N7    . DA  A 1 8  ? 5.273   4.067   -7.736  1.00 66.66  ? 8   DA  A N7    1 
ATOM   151 C C5    . DA  A 1 8  ? 4.238   4.642   -7.018  1.00 59.32  ? 8   DA  A C5    1 
ATOM   152 C C6    . DA  A 1 8  ? 4.224   5.512   -5.898  1.00 64.89  ? 8   DA  A C6    1 
ATOM   153 N N6    . DA  A 1 8  ? 5.337   5.963   -5.313  1.00 60.90  ? 8   DA  A N6    1 
ATOM   154 N N1    . DA  A 1 8  ? 3.028   5.908   -5.417  1.00 48.42  ? 8   DA  A N1    1 
ATOM   155 C C2    . DA  A 1 8  ? 1.939   5.489   -6.050  1.00 52.18  ? 8   DA  A C2    1 
ATOM   156 N N3    . DA  A 1 8  ? 1.820   4.662   -7.097  1.00 51.32  ? 8   DA  A N3    1 
ATOM   157 C C4    . DA  A 1 8  ? 3.022   4.271   -7.545  1.00 58.66  ? 8   DA  A C4    1 
ATOM   158 P P     . DG  A 1 9  ? 0.574   2.222   -13.709 1.00 82.55  ? 9   DG  A P     1 
ATOM   159 O OP1   . DG  A 1 9  ? -0.629  1.584   -14.264 1.00 84.09  ? 9   DG  A OP1   1 
ATOM   160 O OP2   . DG  A 1 9  ? 1.872   2.103   -14.413 1.00 76.85  ? 9   DG  A OP2   1 
ATOM   161 O "O5'" . DG  A 1 9  ? 0.203   3.742   -13.485 1.00 79.54  ? 9   DG  A "O5'" 1 
ATOM   162 C "C5'" . DG  A 1 9  ? -0.772  4.059   -12.517 1.00 71.69  ? 9   DG  A "C5'" 1 
ATOM   163 C "C4'" . DG  A 1 9  ? -0.659  5.511   -12.130 1.00 71.68  ? 9   DG  A "C4'" 1 
ATOM   164 O "O4'" . DG  A 1 9  ? 0.338   5.666   -11.089 1.00 74.72  ? 9   DG  A "O4'" 1 
ATOM   165 C "C3'" . DG  A 1 9  ? -0.210  6.432   -13.255 1.00 73.79  ? 9   DG  A "C3'" 1 
ATOM   166 O "O3'" . DG  A 1 9  ? -0.887  7.616   -13.143 1.00 75.32  ? 9   DG  A "O3'" 1 
ATOM   167 C "C2'" . DG  A 1 9  ? 1.238   6.664   -12.908 1.00 78.92  ? 9   DG  A "C2'" 1 
ATOM   168 C "C1'" . DG  A 1 9  ? 1.090   6.774   -11.411 1.00 68.46  ? 9   DG  A "C1'" 1 
ATOM   169 N N9    . DG  A 1 9  ? 2.353   6.766   -10.711 1.00 64.91  ? 9   DG  A N9    1 
ATOM   170 C C8    . DG  A 1 9  ? 3.483   6.096   -11.069 1.00 62.57  ? 9   DG  A C8    1 
ATOM   171 N N7    . DG  A 1 9  ? 4.488   6.308   -10.264 1.00 71.96  ? 9   DG  A N7    1 
ATOM   172 C C5    . DG  A 1 9  ? 3.991   7.201   -9.327  1.00 69.65  ? 9   DG  A C5    1 
ATOM   173 C C6    . DG  A 1 9  ? 4.624   7.809   -8.205  1.00 69.65  ? 9   DG  A C6    1 
ATOM   174 O O6    . DG  A 1 9  ? 5.793   7.705   -7.819  1.00 57.56  ? 9   DG  A O6    1 
ATOM   175 N N1    . DG  A 1 9  ? 3.767   8.658   -7.550  1.00 63.14  ? 9   DG  A N1    1 
ATOM   176 C C2    . DG  A 1 9  ? 2.459   8.854   -7.895  1.00 63.57  ? 9   DG  A C2    1 
ATOM   177 N N2    . DG  A 1 9  ? 1.781   9.685   -7.123  1.00 66.74  ? 9   DG  A N2    1 
ATOM   178 N N3    . DG  A 1 9  ? 1.851   8.281   -8.921  1.00 63.66  ? 9   DG  A N3    1 
ATOM   179 C C4    . DG  A 1 9  ? 2.677   7.491   -9.598  1.00 63.46  ? 9   DG  A C4    1 
ATOM   180 P P     . DG  A 1 10 ? -1.874  8.102   -14.306 1.00 80.06  ? 10  DG  A P     1 
ATOM   181 O OP1   . DG  A 1 10 ? -3.066  7.226   -14.299 1.00 74.13  ? 10  DG  A OP1   1 
ATOM   182 O OP2   . DG  A 1 10 ? -1.078  8.244   -15.550 1.00 74.42  ? 10  DG  A OP2   1 
ATOM   183 O "O5'" . DG  A 1 10 ? -2.274  9.587   -13.832 1.00 73.63  ? 10  DG  A "O5'" 1 
ATOM   184 C "C5'" . DG  A 1 10 ? -2.606  9.842   -12.480 1.00 66.83  ? 10  DG  A "C5'" 1 
ATOM   185 C "C4'" . DG  A 1 10 ? -1.898  11.085  -11.955 1.00 63.43  ? 10  DG  A "C4'" 1 
ATOM   186 O "O4'" . DG  A 1 10 ? -0.608  10.715  -11.405 1.00 63.97  ? 10  DG  A "O4'" 1 
ATOM   187 C "C3'" . DG  A 1 10 ? -1.608  12.159  -13.000 1.00 62.37  ? 10  DG  A "C3'" 1 
ATOM   188 O "O3'" . DG  A 1 10 ? -1.914  13.428  -12.470 1.00 66.50  ? 10  DG  A "O3'" 1 
ATOM   189 C "C2'" . DG  A 1 10 ? -0.108  12.007  -13.241 1.00 63.53  ? 10  DG  A "C2'" 1 
ATOM   190 C "C1'" . DG  A 1 10 ? 0.349   11.651  -11.850 1.00 63.64  ? 10  DG  A "C1'" 1 
ATOM   191 N N9    . DG  A 1 10 ? 1.671   11.033  -11.775 1.00 68.04  ? 10  DG  A N9    1 
ATOM   192 C C8    . DG  A 1 10 ? 2.195   10.063  -12.588 1.00 66.53  ? 10  DG  A C8    1 
ATOM   193 N N7    . DG  A 1 10 ? 3.390   9.691   -12.241 1.00 64.50  ? 10  DG  A N7    1 
ATOM   194 C C5    . DG  A 1 10 ? 3.658   10.444  -11.110 1.00 68.85  ? 10  DG  A C5    1 
ATOM   195 C C6    . DG  A 1 10 ? 4.806   10.479  -10.277 1.00 73.42  ? 10  DG  A C6    1 
ATOM   196 O O6    . DG  A 1 10 ? 5.865   9.829   -10.387 1.00 65.82  ? 10  DG  A O6    1 
ATOM   197 N N1    . DG  A 1 10 ? 4.647   11.372  -9.220  1.00 64.43  ? 10  DG  A N1    1 
ATOM   198 C C2    . DG  A 1 10 ? 3.544   12.146  -9.016  1.00 71.00  ? 10  DG  A C2    1 
ATOM   199 N N2    . DG  A 1 10 ? 3.586   12.987  -7.970  1.00 59.89  ? 10  DG  A N2    1 
ATOM   200 N N3    . DG  A 1 10 ? 2.473   12.126  -9.794  1.00 76.53  ? 10  DG  A N3    1 
ATOM   201 C C4    . DG  A 1 10 ? 2.607   11.266  -10.817 1.00 68.18  ? 10  DG  A C4    1 
ATOM   202 O "O5'" . DC  B 2 1  ? 11.724  14.884  -4.836  1.00 98.54  ? 1   DC  B "O5'" 1 
ATOM   203 C "C5'" . DC  B 2 1  ? 11.081  15.342  -3.677  1.00 82.54  ? 1   DC  B "C5'" 1 
ATOM   204 C "C4'" . DC  B 2 1  ? 9.640   15.626  -3.980  1.00 68.29  ? 1   DC  B "C4'" 1 
ATOM   205 O "O4'" . DC  B 2 1  ? 9.293   14.972  -5.209  1.00 59.41  ? 1   DC  B "O4'" 1 
ATOM   206 C "C3'" . DC  B 2 1  ? 8.669   15.122  -2.934  1.00 65.16  ? 1   DC  B "C3'" 1 
ATOM   207 O "O3'" . DC  B 2 1  ? 7.789   16.147  -2.608  1.00 66.66  ? 1   DC  B "O3'" 1 
ATOM   208 C "C2'" . DC  B 2 1  ? 7.948   13.962  -3.619  1.00 67.87  ? 1   DC  B "C2'" 1 
ATOM   209 C "C1'" . DC  B 2 1  ? 8.078   14.306  -5.085  1.00 62.22  ? 1   DC  B "C1'" 1 
ATOM   210 N N1    . DC  B 2 1  ? 8.113   13.101  -5.991  1.00 58.14  ? 1   DC  B N1    1 
ATOM   211 C C2    . DC  B 2 1  ? 6.994   12.770  -6.731  1.00 62.32  ? 1   DC  B C2    1 
ATOM   212 O O2    . DC  B 2 1  ? 5.990   13.460  -6.604  1.00 72.39  ? 1   DC  B O2    1 
ATOM   213 N N3    . DC  B 2 1  ? 7.037   11.685  -7.564  1.00 54.18  ? 1   DC  B N3    1 
ATOM   214 C C4    . DC  B 2 1  ? 8.143   10.967  -7.660  1.00 53.25  ? 1   DC  B C4    1 
ATOM   215 N N4    . DC  B 2 1  ? 8.139   9.905   -8.478  1.00 49.99  ? 1   DC  B N4    1 
ATOM   216 C C5    . DC  B 2 1  ? 9.312   11.310  -6.937  1.00 61.88  ? 1   DC  B C5    1 
ATOM   217 C C6    . DC  B 2 1  ? 9.254   12.373  -6.119  1.00 70.35  ? 1   DC  B C6    1 
ATOM   218 P P     . DC  B 2 2  ? 6.988   16.110  -1.223  1.00 67.81  ? 2   DC  B P     1 
ATOM   219 O OP1   . DC  B 2 2  ? 6.676   17.527  -0.896  1.00 81.41  ? 2   DC  B OP1   1 
ATOM   220 O OP2   . DC  B 2 2  ? 7.610   15.135  -0.295  1.00 56.45  ? 2   DC  B OP2   1 
ATOM   221 O "O5'" . DC  B 2 2  ? 5.608   15.448  -1.602  1.00 70.06  ? 2   DC  B "O5'" 1 
ATOM   222 C "C5'" . DC  B 2 2  ? 4.849   15.986  -2.633  1.00 57.04  ? 2   DC  B "C5'" 1 
ATOM   223 C "C4'" . DC  B 2 2  ? 3.602   15.146  -2.794  1.00 60.87  ? 2   DC  B "C4'" 1 
ATOM   224 O "O4'" . DC  B 2 2  ? 3.897   14.035  -3.644  1.00 61.61  ? 2   DC  B "O4'" 1 
ATOM   225 C "C3'" . DC  B 2 2  ? 3.041   14.568  -1.509  1.00 59.62  ? 2   DC  B "C3'" 1 
ATOM   226 O "O3'" . DC  B 2 2  ? 1.663   14.875  -1.465  1.00 60.86  ? 2   DC  B "O3'" 1 
ATOM   227 C "C2'" . DC  B 2 2  ? 3.308   13.043  -1.628  1.00 62.28  ? 2   DC  B "C2'" 1 
ATOM   228 C "C1'" . DC  B 2 2  ? 3.371   12.850  -3.130  1.00 60.94  ? 2   DC  B "C1'" 1 
ATOM   229 N N1    . DC  B 2 2  ? 4.268   11.800  -3.637  1.00 48.85  ? 2   DC  B N1    1 
ATOM   230 C C2    . DC  B 2 2  ? 3.857   11.055  -4.742  1.00 46.36  ? 2   DC  B C2    1 
ATOM   231 O O2    . DC  B 2 2  ? 2.738   11.234  -5.182  1.00 51.24  ? 2   DC  B O2    1 
ATOM   232 N N3    . DC  B 2 2  ? 4.688   10.137  -5.288  1.00 52.49  ? 2   DC  B N3    1 
ATOM   233 C C4    . DC  B 2 2  ? 5.898   9.977   -4.794  1.00 55.79  ? 2   DC  B C4    1 
ATOM   234 N N4    . DC  B 2 2  ? 6.702   9.073   -5.396  1.00 56.56  ? 2   DC  B N4    1 
ATOM   235 C C5    . DC  B 2 2  ? 6.364   10.770  -3.691  1.00 57.28  ? 2   DC  B C5    1 
ATOM   236 C C6    . DC  B 2 2  ? 5.528   11.686  -3.174  1.00 55.91  ? 2   DC  B C6    1 
ATOM   237 P P     . DT  B 2 3  ? 0.730   14.260  -0.322  1.00 66.80  ? 3   DT  B P     1 
ATOM   238 O OP1   . DT  B 2 3  ? -0.495  15.098  -0.335  1.00 65.25  ? 3   DT  B OP1   1 
ATOM   239 O OP2   . DT  B 2 3  ? 1.604   13.951  0.843   1.00 73.13  ? 3   DT  B OP2   1 
ATOM   240 O "O5'" . DT  B 2 3  ? 0.253   12.830  -0.852  1.00 61.23  ? 3   DT  B "O5'" 1 
ATOM   241 C "C5'" . DT  B 2 3  ? -0.990  12.727  -1.480  1.00 56.32  ? 3   DT  B "C5'" 1 
ATOM   242 C "C4'" . DT  B 2 3  ? -1.331  11.273  -1.761  1.00 56.37  ? 3   DT  B "C4'" 1 
ATOM   243 O "O4'" . DT  B 2 3  ? -0.225  10.628  -2.431  1.00 55.77  ? 3   DT  B "O4'" 1 
ATOM   244 C "C3'" . DT  B 2 3  ? -1.608  10.398  -0.534  1.00 64.30  ? 3   DT  B "C3'" 1 
ATOM   245 O "O3'" . DT  B 2 3  ? -2.623  9.514   -0.865  1.00 70.67  ? 3   DT  B "O3'" 1 
ATOM   246 C "C2'" . DT  B 2 3  ? -0.300  9.631   -0.392  1.00 60.13  ? 3   DT  B "C2'" 1 
ATOM   247 C "C1'" . DT  B 2 3  ? -0.058  9.369   -1.852  1.00 53.97  ? 3   DT  B "C1'" 1 
ATOM   248 N N1    . DT  B 2 3  ? 1.247   8.885   -2.161  1.00 54.20  ? 3   DT  B N1    1 
ATOM   249 C C2    . DT  B 2 3  ? 1.410   8.085   -3.259  1.00 47.72  ? 3   DT  B C2    1 
ATOM   250 O O2    . DT  B 2 3  ? 0.501   7.830   -4.040  1.00 54.60  ? 3   DT  B O2    1 
ATOM   251 N N3    . DT  B 2 3  ? 2.679   7.660   -3.458  1.00 44.58  ? 3   DT  B N3    1 
ATOM   252 C C4    . DT  B 2 3  ? 3.779   7.983   -2.689  1.00 55.40  ? 3   DT  B C4    1 
ATOM   253 O O4    . DT  B 2 3  ? 4.889   7.553   -2.925  1.00 52.97  ? 3   DT  B O4    1 
ATOM   254 C C5    . DT  B 2 3  ? 3.513   8.805   -1.535  1.00 57.03  ? 3   DT  B C5    1 
ATOM   255 C C7    . DT  B 2 3  ? 4.609   9.187   -0.621  1.00 51.46  ? 3   DT  B C7    1 
ATOM   256 C C6    . DT  B 2 3  ? 2.280   9.213   -1.336  1.00 55.78  ? 3   DT  B C6    1 
ATOM   257 P P     . DG  B 2 4  ? -3.992  9.572   -0.071  1.00 70.00  ? 4   DG  B P     1 
ATOM   258 O OP1   . DG  B 2 4  ? -4.631  10.821  -0.496  1.00 54.72  ? 4   DG  B OP1   1 
ATOM   259 O OP2   . DG  B 2 4  ? -3.608  9.319   1.334   1.00 69.59  ? 4   DG  B OP2   1 
ATOM   260 O "O5'" . DG  B 2 4  ? -4.810  8.329   -0.649  1.00 70.44  ? 4   DG  B "O5'" 1 
ATOM   261 C "C5'" . DG  B 2 4  ? -5.287  8.376   -1.978  1.00 71.47  ? 4   DG  B "C5'" 1 
ATOM   262 C "C4'" . DG  B 2 4  ? -5.530  6.976   -2.525  1.00 66.71  ? 4   DG  B "C4'" 1 
ATOM   263 O "O4'" . DG  B 2 4  ? -4.278  6.387   -2.963  1.00 67.19  ? 4   DG  B "O4'" 1 
ATOM   264 C "C3'" . DG  B 2 4  ? -6.147  5.974   -1.560  1.00 65.07  ? 4   DG  B "C3'" 1 
ATOM   265 O "O3'" . DG  B 2 4  ? -6.958  5.121   -2.302  1.00 75.88  ? 4   DG  B "O3'" 1 
ATOM   266 C "C2'" . DG  B 2 4  ? -4.933  5.249   -0.975  1.00 56.07  ? 4   DG  B "C2'" 1 
ATOM   267 C "C1'" . DG  B 2 4  ? -3.915  5.302   -2.140  1.00 50.56  ? 4   DG  B "C1'" 1 
ATOM   268 N N9    . DG  B 2 4  ? -2.518  5.469   -1.745  1.00 55.29  ? 4   DG  B N9    1 
ATOM   269 C C8    . DG  B 2 4  ? -1.996  6.263   -0.735  1.00 56.64  ? 4   DG  B C8    1 
ATOM   270 N N7    . DG  B 2 4  ? -0.697  6.166   -0.633  1.00 57.84  ? 4   DG  B N7    1 
ATOM   271 C C5    . DG  B 2 4  ? -0.332  5.291   -1.658  1.00 45.30  ? 4   DG  B C5    1 
ATOM   272 C C6    . DG  B 2 4  ? 0.932   4.819   -2.039  1.00 46.39  ? 4   DG  B C6    1 
ATOM   273 O O6    . DG  B 2 4  ? 2.030   5.111   -1.560  1.00 60.38  ? 4   DG  B O6    1 
ATOM   274 N N1    . DG  B 2 4  ? 0.867   3.912   -3.103  1.00 46.77  ? 4   DG  B N1    1 
ATOM   275 C C2    . DG  B 2 4  ? -0.300  3.523   -3.730  1.00 56.63  ? 4   DG  B C2    1 
ATOM   276 N N2    . DG  B 2 4  ? -0.186  2.653   -4.763  1.00 64.04  ? 4   DG  B N2    1 
ATOM   277 N N3    . DG  B 2 4  ? -1.489  3.984   -3.399  1.00 57.68  ? 4   DG  B N3    1 
ATOM   278 C C4    . DG  B 2 4  ? -1.429  4.851   -2.339  1.00 53.34  ? 4   DG  B C4    1 
ATOM   279 P P     . DG  B 2 5  ? -7.991  4.126   -1.581  1.00 63.45  ? 5   DG  B P     1 
ATOM   280 O OP1   . DG  B 2 5  ? -9.312  4.633   -2.007  1.00 78.43  ? 5   DG  B OP1   1 
ATOM   281 O OP2   . DG  B 2 5  ? -7.660  3.899   -0.143  1.00 51.19  ? 5   DG  B OP2   1 
ATOM   282 O "O5'" . DG  B 2 5  ? -7.670  2.758   -2.356  1.00 65.22  ? 5   DG  B "O5'" 1 
ATOM   283 C "C5'" . DG  B 2 5  ? -7.700  2.768   -3.776  1.00 64.22  ? 5   DG  B "C5'" 1 
ATOM   284 C "C4'" . DG  B 2 5  ? -7.016  1.550   -4.316  1.00 55.03  ? 5   DG  B "C4'" 1 
ATOM   285 O "O4'" . DG  B 2 5  ? -5.630  1.616   -4.016  1.00 54.63  ? 5   DG  B "O4'" 1 
ATOM   286 C "C3'" . DG  B 2 5  ? -7.509  0.237   -3.755  1.00 45.77  ? 5   DG  B "C3'" 1 
ATOM   287 O "O3'" . DG  B 2 5  ? -7.545  -0.639  -4.795  1.00 52.01  ? 5   DG  B "O3'" 1 
ATOM   288 C "C2'" . DG  B 2 5  ? -6.463  -0.138  -2.709  1.00 56.33  ? 5   DG  B "C2'" 1 
ATOM   289 C "C1'" . DG  B 2 5  ? -5.198  0.529   -3.239  1.00 50.20  ? 5   DG  B "C1'" 1 
ATOM   290 N N9    . DG  B 2 5  ? -4.325  1.116   -2.228  1.00 57.79  ? 5   DG  B N9    1 
ATOM   291 C C8    . DG  B 2 5  ? -4.666  2.064   -1.307  1.00 62.66  ? 5   DG  B C8    1 
ATOM   292 N N7    . DG  B 2 5  ? -3.656  2.472   -0.594  1.00 64.49  ? 5   DG  B N7    1 
ATOM   293 C C5    . DG  B 2 5  ? -2.589  1.777   -1.101  1.00 55.04  ? 5   DG  B C5    1 
ATOM   294 C C6    . DG  B 2 5  ? -1.228  1.819   -0.735  1.00 53.67  ? 5   DG  B C6    1 
ATOM   295 O O6    . DG  B 2 5  ? -0.675  2.491   0.152   1.00 54.55  ? 5   DG  B O6    1 
ATOM   296 N N1    . DG  B 2 5  ? -0.494  0.952   -1.476  1.00 42.61  ? 5   DG  B N1    1 
ATOM   297 C C2    . DG  B 2 5  ? -0.996  0.170   -2.475  1.00 56.19  ? 5   DG  B C2    1 
ATOM   298 N N2    . DG  B 2 5  ? -0.119  -0.603  -3.111  1.00 65.55  ? 5   DG  B N2    1 
ATOM   299 N N3    . DG  B 2 5  ? -2.249  0.130   -2.831  1.00 51.26  ? 5   DG  B N3    1 
ATOM   300 C C4    . DG  B 2 5  ? -2.984  0.949   -2.104  1.00 55.24  ? 5   DG  B C4    1 
ATOM   301 P P     . DT  B 2 6  ? -8.346  -1.998  -4.688  1.00 61.51  ? 6   DT  B P     1 
ATOM   302 O OP1   . DT  B 2 6  ? -8.670  -2.400  -6.062  1.00 48.94  ? 6   DT  B OP1   1 
ATOM   303 O OP2   . DT  B 2 6  ? -9.344  -2.007  -3.577  1.00 61.65  ? 6   DT  B OP2   1 
ATOM   304 O "O5'" . DT  B 2 6  ? -7.202  -2.973  -4.216  1.00 50.39  ? 6   DT  B "O5'" 1 
ATOM   305 C "C5'" . DT  B 2 6  ? -6.125  -3.096  -5.026  1.00 51.37  ? 6   DT  B "C5'" 1 
ATOM   306 C "C4'" . DT  B 2 6  ? -5.002  -3.815  -4.327  1.00 47.72  ? 6   DT  B "C4'" 1 
ATOM   307 O "O4'" . DT  B 2 6  ? -4.399  -2.946  -3.362  1.00 46.77  ? 6   DT  B "O4'" 1 
ATOM   308 C "C3'" . DT  B 2 6  ? -5.358  -5.120  -3.589  1.00 52.74  ? 6   DT  B "C3'" 1 
ATOM   309 O "O3'" . DT  B 2 6  ? -4.852  -6.263  -4.369  1.00 57.52  ? 6   DT  B "O3'" 1 
ATOM   310 C "C2'" . DT  B 2 6  ? -4.649  -4.957  -2.209  1.00 58.59  ? 6   DT  B "C2'" 1 
ATOM   311 C "C1'" . DT  B 2 6  ? -3.717  -3.753  -2.445  1.00 48.30  ? 6   DT  B "C1'" 1 
ATOM   312 N N1    . DT  B 2 6  ? -3.434  -2.877  -1.270  1.00 52.34  ? 6   DT  B N1    1 
ATOM   313 C C2    . DT  B 2 6  ? -2.125  -2.645  -0.942  1.00 46.45  ? 6   DT  B C2    1 
ATOM   314 O O2    . DT  B 2 6  ? -1.201  -3.205  -1.512  1.00 53.11  ? 6   DT  B O2    1 
ATOM   315 N N3    . DT  B 2 6  ? -1.935  -1.759  0.091   1.00 46.00  ? 6   DT  B N3    1 
ATOM   316 C C4    . DT  B 2 6  ? -2.908  -1.102  0.796   1.00 54.22  ? 6   DT  B C4    1 
ATOM   317 O O4    . DT  B 2 6  ? -2.654  -0.344  1.722   1.00 56.59  ? 6   DT  B O4    1 
ATOM   318 C C5    . DT  B 2 6  ? -4.261  -1.363  0.382   1.00 46.69  ? 6   DT  B C5    1 
ATOM   319 C C7    . DT  B 2 6  ? -5.387  -0.671  1.089   1.00 66.51  ? 6   DT  B C7    1 
ATOM   320 C C6    . DT  B 2 6  ? -4.467  -2.232  -0.615  1.00 45.73  ? 6   DT  B C6    1 
ATOM   321 P P     . DC  B 2 7  ? -5.274  -7.788  -4.053  1.00 70.38  ? 7   DC  B P     1 
ATOM   322 O OP1   . DC  B 2 7  ? -5.085  -8.520  -5.328  1.00 61.81  ? 7   DC  B OP1   1 
ATOM   323 O OP2   . DC  B 2 7  ? -6.567  -7.877  -3.333  1.00 62.34  ? 7   DC  B OP2   1 
ATOM   324 O "O5'" . DC  B 2 7  ? -4.132  -8.234  -3.044  1.00 58.46  ? 7   DC  B "O5'" 1 
ATOM   325 C "C5'" . DC  B 2 7  ? -2.829  -7.844  -3.325  1.00 57.28  ? 7   DC  B "C5'" 1 
ATOM   326 C "C4'" . DC  B 2 7  ? -1.913  -8.087  -2.152  1.00 41.69  ? 7   DC  B "C4'" 1 
ATOM   327 O "O4'" . DC  B 2 7  ? -2.058  -7.027  -1.226  1.00 50.97  ? 7   DC  B "O4'" 1 
ATOM   328 C "C3'" . DC  B 2 7  ? -2.128  -9.394  -1.383  1.00 44.66  ? 7   DC  B "C3'" 1 
ATOM   329 O "O3'" . DC  B 2 7  ? -0.962  -10.186 -1.527  1.00 45.78  ? 7   DC  B "O3'" 1 
ATOM   330 C "C2'" . DC  B 2 7  ? -2.332  -8.951  0.068   1.00 44.59  ? 7   DC  B "C2'" 1 
ATOM   331 C "C1'" . DC  B 2 7  ? -1.830  -7.505  0.074   1.00 45.77  ? 7   DC  B "C1'" 1 
ATOM   332 N N1    . DC  B 2 7  ? -2.573  -6.554  0.897   1.00 42.58  ? 7   DC  B N1    1 
ATOM   333 C C2    . DC  B 2 7  ? -1.873  -5.541  1.564   1.00 48.61  ? 7   DC  B C2    1 
ATOM   334 O O2    . DC  B 2 7  ? -0.645  -5.582  1.609   1.00 43.16  ? 7   DC  B O2    1 
ATOM   335 N N3    . DC  B 2 7  ? -2.564  -4.621  2.241   1.00 45.80  ? 7   DC  B N3    1 
ATOM   336 C C4    . DC  B 2 7  ? -3.869  -4.591  2.172   1.00 52.90  ? 7   DC  B C4    1 
ATOM   337 N N4    . DC  B 2 7  ? -4.499  -3.619  2.836   1.00 48.48  ? 7   DC  B N4    1 
ATOM   338 C C5    . DC  B 2 7  ? -4.610  -5.568  1.453   1.00 55.07  ? 7   DC  B C5    1 
ATOM   339 C C6    . DC  B 2 7  ? -3.913  -6.504  0.803   1.00 48.11  ? 7   DC  B C6    1 
ATOM   340 P P     . DA  B 2 8  ? -0.936  -11.675 -0.954  1.00 55.98  ? 8   DA  B P     1 
ATOM   341 O OP1   . DA  B 2 8  ? -0.004  -12.513 -1.748  1.00 48.86  ? 8   DA  B OP1   1 
ATOM   342 O OP2   . DA  B 2 8  ? -2.282  -12.188 -0.682  1.00 52.04  ? 8   DA  B OP2   1 
ATOM   343 O "O5'" . DA  B 2 8  ? -0.221  -11.425 0.436   1.00 50.50  ? 8   DA  B "O5'" 1 
ATOM   344 C "C5'" . DA  B 2 8  ? 0.863   -10.520 0.473   1.00 48.08  ? 8   DA  B "C5'" 1 
ATOM   345 C "C4'" . DA  B 2 8  ? 1.159   -10.124 1.891   1.00 42.12  ? 8   DA  B "C4'" 1 
ATOM   346 O "O4'" . DA  B 2 8  ? 0.143   -9.226  2.352   1.00 45.80  ? 8   DA  B "O4'" 1 
ATOM   347 C "C3'" . DA  B 2 8  ? 1.119   -11.293 2.888   1.00 46.82  ? 8   DA  B "C3'" 1 
ATOM   348 O "O3'" . DA  B 2 8  ? 2.156   -11.135 3.772   1.00 60.53  ? 8   DA  B "O3'" 1 
ATOM   349 C "C2'" . DA  B 2 8  ? -0.225  -11.116 3.583   1.00 56.02  ? 8   DA  B "C2'" 1 
ATOM   350 C "C1'" . DA  B 2 8  ? -0.253  -9.609  3.644   1.00 45.99  ? 8   DA  B "C1'" 1 
ATOM   351 N N9    . DA  B 2 8  ? -1.561  -9.016  3.902   1.00 46.23  ? 8   DA  B N9    1 
ATOM   352 C C8    . DA  B 2 8  ? -2.760  -9.390  3.382   1.00 48.42  ? 8   DA  B C8    1 
ATOM   353 N N7    . DA  B 2 8  ? -3.762  -8.589  3.724   1.00 56.42  ? 8   DA  B N7    1 
ATOM   354 C C5    . DA  B 2 8  ? -3.137  -7.603  4.487   1.00 52.90  ? 8   DA  B C5    1 
ATOM   355 C C6    . DA  B 2 8  ? -3.626  -6.470  5.157   1.00 54.35  ? 8   DA  B C6    1 
ATOM   356 N N6    . DA  B 2 8  ? -4.919  -6.126  5.182   1.00 49.72  ? 8   DA  B N6    1 
ATOM   357 N N1    . DA  B 2 8  ? -2.736  -5.686  5.788   1.00 40.54  ? 8   DA  B N1    1 
ATOM   358 C C2    . DA  B 2 8  ? -1.462  -6.070  5.828   1.00 42.68  ? 8   DA  B C2    1 
ATOM   359 N N3    . DA  B 2 8  ? -0.868  -7.087  5.211   1.00 46.55  ? 8   DA  B N3    1 
ATOM   360 C C4    . DA  B 2 8  ? -1.787  -7.835  4.566   1.00 47.34  ? 8   DA  B C4    1 
ATOM   361 P P     . DG  B 2 9  ? 2.891   -12.429 4.395   1.00 59.13  ? 9   DG  B P     1 
ATOM   362 O OP1   . DG  B 2 9  ? 4.241   -12.488 3.775   1.00 76.32  ? 9   DG  B OP1   1 
ATOM   363 O OP2   . DG  B 2 9  ? 1.914   -13.530 4.495   1.00 51.21  ? 9   DG  B OP2   1 
ATOM   364 O "O5'" . DG  B 2 9  ? 3.175   -11.923 5.832   1.00 57.64  ? 9   DG  B "O5'" 1 
ATOM   365 C "C5'" . DG  B 2 9  ? 3.713   -10.689 5.978   1.00 44.72  ? 9   DG  B "C5'" 1 
ATOM   366 C "C4'" . DG  B 2 9  ? 3.425   -10.164 7.353   1.00 52.88  ? 9   DG  B "C4'" 1 
ATOM   367 O "O4'" . DG  B 2 9  ? 2.099   -9.627  7.425   1.00 53.11  ? 9   DG  B "O4'" 1 
ATOM   368 C "C3'" . DG  B 2 9  ? 3.515   -11.207 8.463   1.00 47.01  ? 9   DG  B "C3'" 1 
ATOM   369 O "O3'" . DG  B 2 9  ? 4.394   -10.692 9.408   1.00 54.28  ? 9   DG  B "O3'" 1 
ATOM   370 C "C2'" . DG  B 2 9  ? 2.082   -11.351 8.971   1.00 47.29  ? 9   DG  B "C2'" 1 
ATOM   371 C "C1'" . DG  B 2 9  ? 1.451   -10.037 8.602   1.00 45.43  ? 9   DG  B "C1'" 1 
ATOM   372 N N9    . DG  B 2 9  ? 0.038   -10.038 8.244   1.00 45.12  ? 9   DG  B N9    1 
ATOM   373 C C8    . DG  B 2 9  ? -0.579  -10.801 7.299   1.00 53.21  ? 9   DG  B C8    1 
ATOM   374 N N7    . DG  B 2 9  ? -1.838  -10.499 7.133   1.00 50.62  ? 9   DG  B N7    1 
ATOM   375 C C5    . DG  B 2 9  ? -2.040  -9.410  7.942   1.00 46.73  ? 9   DG  B C5    1 
ATOM   376 C C6    . DG  B 2 9  ? -3.172  -8.595  8.110   1.00 53.91  ? 9   DG  B C6    1 
ATOM   377 O O6    . DG  B 2 9  ? -4.299  -8.698  7.591   1.00 48.75  ? 9   DG  B O6    1 
ATOM   378 N N1    . DG  B 2 9  ? -2.938  -7.592  9.023   1.00 44.44  ? 9   DG  B N1    1 
ATOM   379 C C2    . DG  B 2 9  ? -1.770  -7.372  9.657   1.00 55.18  ? 9   DG  B C2    1 
ATOM   380 N N2    . DG  B 2 9  ? -1.757  -6.354  10.513  1.00 44.64  ? 9   DG  B N2    1 
ATOM   381 N N3    . DG  B 2 9  ? -0.688  -8.111  9.492   1.00 44.59  ? 9   DG  B N3    1 
ATOM   382 C C4    . DG  B 2 9  ? -0.884  -9.089  8.600   1.00 56.66  ? 9   DG  B C4    1 
ATOM   383 P P     . DG  B 2 10 ? 4.988   -11.607 10.568  1.00 54.30  ? 10  DG  B P     1 
ATOM   384 O OP1   . DG  B 2 10 ? 6.140   -10.743 11.071  1.00 50.24  ? 10  DG  B OP1   1 
ATOM   385 O OP2   . DG  B 2 10 ? 5.285   -12.960 10.075  1.00 53.69  ? 10  DG  B OP2   1 
ATOM   386 O "O5'" . DG  B 2 10 ? 3.781   -11.572 11.614  1.00 50.82  ? 10  DG  B "O5'" 1 
ATOM   387 C "C5'" . DG  B 2 10 ? 3.529   -10.356 12.318  1.00 58.65  ? 10  DG  B "C5'" 1 
ATOM   388 C "C4'" . DG  B 2 10 ? 2.267   -10.447 13.137  1.00 56.73  ? 10  DG  B "C4'" 1 
ATOM   389 O "O4'" . DG  B 2 10 ? 1.126   -10.057 12.361  1.00 62.47  ? 10  DG  B "O4'" 1 
ATOM   390 C "C3'" . DG  B 2 10 ? 1.952   -11.834 13.570  1.00 54.02  ? 10  DG  B "C3'" 1 
ATOM   391 O "O3'" . DG  B 2 10 ? 2.644   -12.119 14.803  1.00 82.76  ? 10  DG  B "O3'" 1 
ATOM   392 C "C2'" . DG  B 2 10 ? 0.457   -11.792 13.792  1.00 58.67  ? 10  DG  B "C2'" 1 
ATOM   393 C "C1'" . DG  B 2 10 ? -0.016  -10.615 12.976  1.00 55.44  ? 10  DG  B "C1'" 1 
ATOM   394 N N9    . DG  B 2 10 ? -0.972  -11.005 11.971  1.00 52.07  ? 10  DG  B N9    1 
ATOM   395 C C8    . DG  B 2 10 ? -0.874  -12.039 11.073  1.00 57.04  ? 10  DG  B C8    1 
ATOM   396 N N7    . DG  B 2 10 ? -1.942  -12.150 10.289  1.00 56.36  ? 10  DG  B N7    1 
ATOM   397 C C5    . DG  B 2 10 ? -2.780  -11.121 10.718  1.00 65.17  ? 10  DG  B C5    1 
ATOM   398 C C6    . DG  B 2 10 ? -4.086  -10.725 10.261  1.00 62.20  ? 10  DG  B C6    1 
ATOM   399 O O6    . DG  B 2 10 ? -4.787  -11.244 9.366   1.00 50.26  ? 10  DG  B O6    1 
ATOM   400 N N1    . DG  B 2 10 ? -4.574  -9.627  10.986  1.00 49.87  ? 10  DG  B N1    1 
ATOM   401 C C2    . DG  B 2 10 ? -3.888  -8.997  12.003  1.00 61.01  ? 10  DG  B C2    1 
ATOM   402 N N2    . DG  B 2 10 ? -4.518  -7.984  12.595  1.00 49.92  ? 10  DG  B N2    1 
ATOM   403 N N3    . DG  B 2 10 ? -2.684  -9.366  12.442  1.00 54.43  ? 10  DG  B N3    1 
ATOM   404 C C4    . DG  B 2 10 ? -2.194  -10.421 11.761  1.00 58.59  ? 10  DG  B C4    1 
HETATM 405 C C1    . 5N0 C 3 .  ? -6.158  1.535   -7.856  1.00 62.80  ? 101 5N0 B C1    1 
HETATM 406 N N1    . 5N0 C 3 .  ? -5.125  2.087   -6.971  1.00 62.01  ? 101 5N0 B N1    1 
HETATM 407 O O1    . 5N0 C 3 .  ? -4.412  -0.721  -7.502  1.00 57.93  ? 101 5N0 B O1    1 
HETATM 408 C C2    . 5N0 C 3 .  ? -5.021  3.357   -6.543  1.00 58.91  ? 101 5N0 B C2    1 
HETATM 409 N N2    . 5N0 C 3 .  ? -3.403  2.175   -5.644  1.00 57.89  ? 101 5N0 B N2    1 
HETATM 410 O O2    . 5N0 C 3 .  ? -0.561  -6.222  -5.472  1.00 53.34  ? 101 5N0 B O2    1 
HETATM 411 C C3    . 5N0 C 3 .  ? -3.908  3.419   -5.698  1.00 62.54  ? 101 5N0 B C3    1 
HETATM 412 N N3    . 5N0 C 3 .  ? -2.978  -0.789  -5.659  1.00 56.64  ? 101 5N0 B N3    1 
HETATM 413 O O3    . 5N0 C 3 .  ? 3.375   -8.238  -0.140  1.00 59.07  ? 101 5N0 B O3    1 
HETATM 414 C C4    . 5N0 C 3 .  ? -4.153  1.380   -6.409  1.00 61.27  ? 101 5N0 B C4    1 
HETATM 415 N N4    . 5N0 C 3 .  ? -1.789  -2.891  -4.964  1.00 57.94  ? 101 5N0 B N4    1 
HETATM 416 O O4    . 5N0 C 3 .  ? 3.688   -6.659  6.750   1.00 51.51  ? 101 5N0 B O4    1 
HETATM 417 C C5    . 5N0 C 3 .  ? -3.893  -0.121  -6.617  1.00 54.30  ? 101 5N0 B C5    1 
HETATM 418 N N5    . 5N0 C 3 .  ? -2.446  -4.273  -6.522  1.00 58.62  ? 101 5N0 B N5    1 
HETATM 419 O O5    . 5N0 C 3 .  ? 3.667   -4.498  8.257   1.00 92.05  ? 101 5N0 B O5    1 
HETATM 420 C C6    . 5N0 C 3 .  ? -1.706  -4.134  -5.430  1.00 61.27  ? 101 5N0 B C6    1 
HETATM 421 N N6    . 5N0 C 3 .  ? -0.354  -5.083  -3.431  1.00 60.76  ? 101 5N0 B N6    1 
HETATM 422 O O6    . 5N0 C 3 .  ? 6.130   -5.564  2.097   1.00 69.91  ? 101 5N0 B O6    1 
HETATM 423 C C7    . 5N0 C 3 .  ? -2.592  -5.505  -7.278  1.00 47.55  ? 101 5N0 B C7    1 
HETATM 424 N N7    . 5N0 C 3 .  ? 1.802   -7.902  -2.585  1.00 53.33  ? 101 5N0 B N7    1 
HETATM 425 O O7    . 5N0 C 3 .  ? 3.946   -6.021  -4.591  1.00 52.54  ? 101 5N0 B O7    1 
HETATM 426 C C8    . 5N0 C 3 .  ? -3.016  -3.092  -6.778  1.00 55.66  ? 101 5N0 B C8    1 
HETATM 427 N N8    . 5N0 C 3 .  ? 1.851   -6.890  1.014   1.00 49.21  ? 101 5N0 B N8    1 
HETATM 428 O O8    . 5N0 C 3 .  ? -0.299  -2.193  -8.949  1.00 68.37  ? 101 5N0 B O8    1 
HETATM 429 C C9    . 5N0 C 3 .  ? -2.617  -2.211  -5.777  1.00 57.75  ? 101 5N0 B C9    1 
HETATM 430 N N9    . 5N0 C 3 .  ? 4.057   -7.550  3.827   1.00 63.38  ? 101 5N0 B N9    1 
HETATM 431 O O9    . 5N0 C 3 .  ? -2.851  4.486   -8.921  1.00 64.73  ? 101 5N0 B O9    1 
HETATM 432 C C10   . 5N0 C 3 .  ? -0.846  -5.267  -4.811  1.00 66.30  ? 101 5N0 B C10   1 
HETATM 433 N N10   . 5N0 C 3 .  ? 1.431   -6.665  6.583   1.00 51.20  ? 101 5N0 B N10   1 
HETATM 434 C C11   . 5N0 C 3 .  ? 1.723   -7.235  -1.450  1.00 58.60  ? 101 5N0 B C11   1 
HETATM 435 N N11   . 5N0 C 3 .  ? 1.956   -3.728  10.234  1.00 73.10  ? 101 5N0 B N11   1 
HETATM 436 C C12   . 5N0 C 3 .  ? 2.531   -9.166  -2.843  1.00 54.47  ? 101 5N0 B C12   1 
HETATM 437 C C13   . 5N0 C 3 .  ? 1.067   -7.229  -3.474  1.00 63.36  ? 101 5N0 B C13   1 
HETATM 438 C C14   . 5N0 C 3 .  ? 0.508   -6.097  -2.851  1.00 62.99  ? 101 5N0 B C14   1 
HETATM 439 N N14   . 5N0 C 3 .  ? 2.860   -3.162  6.497   1.00 90.02  ? 101 5N0 B N14   1 
HETATM 440 C C15   . 5N0 C 3 .  ? 0.946   -6.080  -1.535  1.00 57.13  ? 101 5N0 B C15   1 
HETATM 441 N N15   . 5N0 C 3 .  ? 3.860   -3.906  4.307   1.00 88.59  ? 101 5N0 B N15   1 
HETATM 442 C C16   . 5N0 C 3 .  ? 2.414   -7.557  -0.145  1.00 49.25  ? 101 5N0 B C16   1 
HETATM 443 N N16   . 5N0 C 3 .  ? 5.943   -4.138  4.750   1.00 89.85  ? 101 5N0 B N16   1 
HETATM 444 C C17   . 5N0 C 3 .  ? 2.976   -7.092  4.486   1.00 64.78  ? 101 5N0 B C17   1 
HETATM 445 N N17   . 5N0 C 3 .  ? 4.481   -4.261  1.173   1.00 67.96  ? 101 5N0 B N17   1 
HETATM 446 C C18   . 5N0 C 3 .  ? 5.315   -8.004  4.440   1.00 64.69  ? 101 5N0 B C18   1 
HETATM 447 N N18   . 5N0 C 3 .  ? 5.491   -5.877  -1.974  1.00 50.53  ? 101 5N0 B N18   1 
HETATM 448 C C19   . 5N0 C 3 .  ? 3.833   -7.571  2.518   1.00 57.29  ? 101 5N0 B C19   1 
HETATM 449 N N19   . 5N0 C 3 .  ? 3.105   -3.894  -4.182  1.00 56.74  ? 101 5N0 B N19   1 
HETATM 450 C C20   . 5N0 C 3 .  ? 2.007   -6.767  3.532   1.00 59.82  ? 101 5N0 B C20   1 
HETATM 451 N N20   . 5N0 C 3 .  ? 1.306   -4.113  -7.319  1.00 47.69  ? 101 5N0 B N20   1 
HETATM 452 C C21   . 5N0 C 3 .  ? 2.538   -7.084  2.297   1.00 57.85  ? 101 5N0 B C21   1 
HETATM 453 N N21   . 5N0 C 3 .  ? 0.174   -0.449  -7.509  1.00 64.72  ? 101 5N0 B N21   1 
HETATM 454 C C22   . 5N0 C 3 .  ? 2.757   -6.840  6.008   1.00 52.44  ? 101 5N0 B C22   1 
HETATM 455 N N22   . 5N0 C 3 .  ? -2.249  1.543   -9.301  1.00 64.89  ? 101 5N0 B N22   1 
HETATM 456 C C23   . 5N0 C 3 .  ? 1.403   -6.384  8.045   1.00 60.06  ? 101 5N0 B C23   1 
HETATM 457 N N23   . 5N0 C 3 .  ? -0.740  4.755   -7.993  1.00 57.45  ? 101 5N0 B N23   1 
HETATM 458 C C24   . 5N0 C 3 .  ? 0.938   -4.959  8.517   1.00 78.47  ? 101 5N0 B C24   1 
HETATM 459 C C25   . 5N0 C 3 .  ? 1.625   -3.620  8.846   1.00 77.68  ? 101 5N0 B C25   1 
HETATM 460 C C26   . 5N0 C 3 .  ? 2.799   -3.785  7.873   1.00 88.29  ? 101 5N0 B C26   1 
HETATM 461 C C27   . 5N0 C 3 .  ? 7.382   -4.421  4.610   1.00 94.46  ? 101 5N0 B C27   1 
HETATM 462 C C28   . 5N0 C 3 .  ? 5.353   -3.709  5.875   1.00 89.00  ? 101 5N0 B C28   1 
HETATM 463 C C29   . 5N0 C 3 .  ? 3.997   -3.525  5.593   1.00 89.68  ? 101 5N0 B C29   1 
HETATM 464 C C30   . 5N0 C 3 .  ? 5.032   -4.257  3.782   1.00 85.43  ? 101 5N0 B C30   1 
HETATM 465 C C31   . 5N0 C 3 .  ? 5.287   -4.750  2.304   1.00 75.71  ? 101 5N0 B C31   1 
HETATM 466 C C32   . 5N0 C 3 .  ? 4.455   -5.149  -2.402  1.00 58.02  ? 101 5N0 B C32   1 
HETATM 467 C C33   . 5N0 C 3 .  ? 6.332   -6.733  -2.850  1.00 60.40  ? 101 5N0 B C33   1 
HETATM 468 C C34   . 5N0 C 3 .  ? 5.684   -5.649  -0.672  1.00 57.99  ? 101 5N0 B C34   1 
HETATM 469 C C35   . 5N0 C 3 .  ? 3.899   -4.452  -1.318  1.00 46.41  ? 101 5N0 B C35   1 
HETATM 470 C C36   . 5N0 C 3 .  ? 4.697   -4.762  -0.203  1.00 58.71  ? 101 5N0 B C36   1 
HETATM 471 C C37   . 5N0 C 3 .  ? 3.838   -5.115  -3.844  1.00 41.86  ? 101 5N0 B C37   1 
HETATM 472 C C38   . 5N0 C 3 .  ? 1.776   -2.513  -5.883  1.00 54.69  ? 101 5N0 B C38   1 
HETATM 473 C C39   . 5N0 C 3 .  ? 1.137   -2.819  -7.099  1.00 56.05  ? 101 5N0 B C39   1 
HETATM 474 C C40   . 5N0 C 3 .  ? 0.786   -4.863  -8.467  1.00 59.32  ? 101 5N0 B C40   1 
HETATM 475 C C41   . 5N0 C 3 .  ? 2.040   -4.680  -6.341  1.00 53.13  ? 101 5N0 B C41   1 
HETATM 476 C C42   . 5N0 C 3 .  ? 2.375   -3.703  -5.426  1.00 45.30  ? 101 5N0 B C42   1 
HETATM 477 C C43   . 5N0 C 3 .  ? 0.286   -1.840  -7.972  1.00 65.62  ? 101 5N0 B C43   1 
HETATM 478 C C44   . 5N0 C 3 .  ? -1.581  2.483   -8.637  1.00 60.28  ? 101 5N0 B C44   1 
HETATM 479 C C45   . 5N0 C 3 .  ? -3.377  1.759   -10.211 1.00 63.54  ? 101 5N0 B C45   1 
HETATM 480 C C46   . 5N0 C 3 .  ? -1.714  0.361   -9.021  1.00 65.11  ? 101 5N0 B C46   1 
HETATM 481 C C47   . 5N0 C 3 .  ? -0.573  1.922   -7.856  1.00 52.28  ? 101 5N0 B C47   1 
HETATM 482 C C48   . 5N0 C 3 .  ? -0.648  0.567   -8.132  1.00 57.37  ? 101 5N0 B C48   1 
HETATM 483 C C49   . 5N0 C 3 .  ? -1.828  3.990   -8.595  1.00 56.33  ? 101 5N0 B C49   1 
HETATM 484 C C50   . 5N0 C 3 .  ? -0.888  6.214   -7.857  1.00 68.53  ? 101 5N0 B C50   1 
HETATM 485 C C51   . 5N0 C 3 .  ? -1.464  6.481   -6.434  1.00 66.89  ? 101 5N0 B C51   1 
HETATM 486 C C52   . 5N0 C 3 .  ? -3.009  6.555   -6.454  1.00 80.13  ? 101 5N0 B C52   1 
HETATM 487 C C53   . 5N0 C 3 .  ? -2.492  8.938   -7.035  1.00 98.43  ? 101 5N0 B C53   1 
HETATM 488 C C54   . 5N0 C 3 .  ? -3.083  10.235  -7.657  1.00 110.07 ? 101 5N0 B C54   1 
HETATM 489 C C55   . 5N0 C 3 .  ? -3.698  11.150  -6.559  1.00 122.51 ? 101 5N0 B C55   1 
HETATM 490 C C56   . 5N0 C 3 .  ? -5.975  11.266  -5.202  1.00 129.97 ? 101 5N0 B C56   1 
HETATM 491 C C57   . 5N0 C 3 .  ? -5.573  12.360  -4.165  1.00 129.52 ? 101 5N0 B C57   1 
HETATM 492 C C58   . 5N0 C 3 .  ? -6.302  13.556  -4.106  1.00 134.08 ? 101 5N0 B C58   1 
HETATM 493 C C59   . 5N0 C 3 .  ? -5.984  14.563  -3.181  1.00 138.51 ? 101 5N0 B C59   1 
HETATM 494 C C60   . 5N0 C 3 .  ? -4.920  14.336  -2.300  1.00 133.42 ? 101 5N0 B C60   1 
HETATM 495 C C61   . 5N0 C 3 .  ? -4.205  13.142  -2.351  1.00 127.08 ? 101 5N0 B C61   1 
HETATM 496 C C62   . 5N0 C 3 .  ? -4.526  12.150  -3.271  1.00 125.21 ? 101 5N0 B C62   1 
HETATM 497 C C63   . 5N0 C 3 .  ? -6.803  15.895  -3.123  1.00 141.44 ? 101 5N0 B C63   1 
HETATM 498 C C64   . 5N0 C 3 .  ? -3.969  7.583   -8.507  1.00 90.74  ? 101 5N0 B C64   1 
HETATM 499 N N24   . 5N0 C 3 .  ? -3.464  7.806   -7.133  1.00 94.47  ? 101 5N0 B N24   1 
HETATM 500 N N25   . 5N0 C 3 .  ? -5.096  10.739  -6.275  1.00 129.90 ? 101 5N0 B N25   1 
HETATM 501 O O10   . 5N0 C 3 .  ? -7.074  10.819  -5.120  1.00 129.00 ? 101 5N0 B O10   1 
HETATM 502 O O11   . 5N0 C 3 .  ? -6.532  16.808  -2.276  1.00 141.98 ? 101 5N0 B O11   1 
HETATM 503 O O12   . 5N0 C 3 .  ? -7.779  16.082  -3.915  1.00 140.02 ? 101 5N0 B O12   1 
HETATM 504 C C     . ACT D 4 .  ? -4.399  -14.070 8.571   1.00 80.77  ? 102 ACT B C     1 
HETATM 505 O O     . ACT D 4 .  ? -4.906  -13.310 7.675   1.00 74.61  ? 102 ACT B O     1 
HETATM 506 O OXT   . ACT D 4 .  ? -4.953  -14.602 9.574   1.00 79.65  ? 102 ACT B OXT   1 
HETATM 507 C CH3   . ACT D 4 .  ? -2.882  -14.408 8.447   1.00 69.69  ? 102 ACT B CH3   1 
HETATM 508 O O     . HOH E 5 .  ? 8.815   -0.021  -6.080  1.00 66.45  ? 101 HOH A O     1 
HETATM 509 O O     . HOH E 5 .  ? -8.486  -6.506  6.134   1.00 58.15  ? 102 HOH A O     1 
HETATM 510 O O     . HOH E 5 .  ? -9.748  -1.596  9.765   1.00 63.07  ? 103 HOH A O     1 
HETATM 511 O O     . HOH E 5 .  ? 1.668   -3.632  -11.956 1.00 66.80  ? 104 HOH A O     1 
HETATM 512 O O     . HOH E 5 .  ? -13.910 -4.163  9.123   1.00 65.39  ? 105 HOH A O     1 
HETATM 513 O O     . HOH E 5 .  ? 8.374   4.864   -5.517  1.00 61.73  ? 106 HOH A O     1 
HETATM 514 O O     . HOH F 5 .  ? 12.606  14.567  -6.721  1.00 58.02  ? 201 HOH B O     1 
HETATM 515 O O     . HOH F 5 .  ? -1.831  -7.707  13.854  1.00 75.92  ? 202 HOH B O     1 
HETATM 516 O O     . HOH F 5 .  ? 0.115   -14.081 5.886   1.00 69.01  ? 203 HOH B O     1 
HETATM 517 O O     . HOH F 5 .  ? 3.533   -14.412 9.157   1.00 44.58  ? 204 HOH B O     1 
HETATM 518 O O     . HOH F 5 .  ? 1.878   -14.383 6.887   1.00 66.43  ? 205 HOH B O     1 
HETATM 519 O O     . HOH F 5 .  ? 0.434   -3.828  12.329  1.00 63.89  ? 206 HOH B O     1 
HETATM 520 O O     . HOH F 5 .  ? -9.156  -6.762  -4.041  1.00 62.73  ? 207 HOH B O     1 
HETATM 521 O O     . HOH F 5 .  ? 1.293   -6.918  11.264  1.00 51.46  ? 208 HOH B O     1 
HETATM 522 O O     . HOH F 5 .  ? 10.265  7.896   -8.308  1.00 55.15  ? 209 HOH B O     1 
HETATM 523 O O     . HOH F 5 .  ? -3.057  -12.442 2.630   1.00 61.06  ? 210 HOH B O     1 
HETATM 524 O O     . HOH F 5 .  ? 8.665   -9.301  1.908   1.00 64.22  ? 211 HOH B O     1 
# 
loop_
_atom_site_anisotrop.id 
_atom_site_anisotrop.type_symbol 
_atom_site_anisotrop.pdbx_label_atom_id 
_atom_site_anisotrop.pdbx_label_alt_id 
_atom_site_anisotrop.pdbx_label_comp_id 
_atom_site_anisotrop.pdbx_label_asym_id 
_atom_site_anisotrop.pdbx_label_seq_id 
_atom_site_anisotrop.pdbx_PDB_ins_code 
_atom_site_anisotrop.U[1][1] 
_atom_site_anisotrop.U[2][2] 
_atom_site_anisotrop.U[3][3] 
_atom_site_anisotrop.U[1][2] 
_atom_site_anisotrop.U[1][3] 
_atom_site_anisotrop.U[2][3] 
_atom_site_anisotrop.pdbx_auth_seq_id 
_atom_site_anisotrop.pdbx_auth_comp_id 
_atom_site_anisotrop.pdbx_auth_asym_id 
_atom_site_anisotrop.pdbx_auth_atom_id 
1   O "O5'" . DC A 1  ? 0.9996 0.9913 1.2136 -0.0397 0.1064  0.0928 1  DC A "O5'" 
2   C "C5'" . DC A 1  ? 1.0166 1.0138 1.2255 -0.0360 0.1187  0.1132 1  DC A "C5'" 
3   C "C4'" . DC A 1  ? 0.8832 0.8700 1.0619 -0.0200 0.1047  0.1245 1  DC A "C4'" 
4   O "O4'" . DC A 1  ? 0.8348 0.7995 1.0232 -0.0219 0.1063  0.1444 1  DC A "O4'" 
5   C "C3'" . DC A 1  ? 0.8033 0.7833 0.9589 -0.0105 0.0820  0.1084 1  DC A "C3'" 
6   O "O3'" . DC A 1  ? 0.8320 0.8060 0.9475 -0.0009 0.0700  0.1142 1  DC A "O3'" 
7   C "C2'" . DC A 1  ? 0.8635 0.8219 1.0359 -0.0174 0.0765  0.1114 1  DC A "C2'" 
8   C "C1'" . DC A 1  ? 0.6597 0.6125 0.8471 -0.0192 0.0896  0.1385 1  DC A "C1'" 
9   N N1    . DC A 1  ? 0.6295 0.5595 0.8451 -0.0242 0.1048  0.1448 1  DC A N1    
10  C C2    . DC A 1  ? 0.6458 0.5697 0.8740 -0.0160 0.1062  0.1702 1  DC A C2    
11  O O2    . DC A 1  ? 0.6776 0.6204 0.8955 -0.0105 0.0895  0.1871 1  DC A O2    
12  N N3    . DC A 1  ? 0.6322 0.5299 0.8814 -0.0139 0.1265  0.1766 1  DC A N3    
13  C C4    . DC A 1  ? 0.6390 0.5096 0.8879 -0.0252 0.1426  0.1555 1  DC A C4    
14  N N4    . DC A 1  ? 0.5793 0.4116 0.8367 -0.0223 0.1656  0.1596 1  DC A N4    
15  C C5    . DC A 1  ? 0.6848 0.5675 0.9227 -0.0400 0.1359  0.1301 1  DC A C5    
16  C C6    . DC A 1  ? 0.6374 0.5537 0.8636 -0.0362 0.1186  0.1276 1  DC A C6    
17  P P     . DC A 2  ? 0.9120 0.8663 0.9873 0.0080  0.0486  0.0957 2  DC A P     
18  O OP1   . DC A 2  ? 0.8971 0.8426 0.9205 0.0193  0.0470  0.0934 2  DC A OP1   
19  O OP2   . DC A 2  ? 0.8355 0.7951 0.9321 0.0102  0.0500  0.0782 2  DC A OP2   
20  O "O5'" . DC A 2  ? 0.9372 0.8731 1.0072 -0.0029 0.0280  0.1069 2  DC A "O5'" 
21  C "C5'" . DC A 2  ? 0.9032 0.8398 0.9509 -0.0077 0.0181  0.1258 2  DC A "C5'" 
22  C "C4'" . DC A 2  ? 0.8484 0.7860 0.9100 -0.0204 -0.0013 0.1420 2  DC A "C4'" 
23  O "O4'" . DC A 2  ? 0.8087 0.7606 0.9267 -0.0200 0.0142  0.1565 2  DC A "O4'" 
24  C "C3'" . DC A 2  ? 0.7633 0.6782 0.8045 -0.0285 -0.0216 0.1267 2  DC A "C3'" 
25  O "O3'" . DC A 2  ? 0.8462 0.7654 0.8721 -0.0450 -0.0461 0.1437 2  DC A "O3'" 
26  C "C2'" . DC A 2  ? 0.8356 0.7568 0.9264 -0.0281 -0.0103 0.1265 2  DC A "C2'" 
27  C "C1'" . DC A 2  ? 0.7077 0.6541 0.8416 -0.0260 0.0050  0.1532 2  DC A "C1'" 
28  N N1    . DC A 2  ? 0.6223 0.5659 0.7975 -0.0212 0.0296  0.1513 2  DC A N1    
29  C C2    . DC A 2  ? 0.6200 0.5728 0.8336 -0.0179 0.0416  0.1763 2  DC A C2    
30  O O2    . DC A 2  ? 0.5916 0.5674 0.8149 -0.0190 0.0290  0.2028 2  DC A O2    
31  N N3    . DC A 2  ? 0.5709 0.5064 0.8073 -0.0135 0.0672  0.1715 2  DC A N3    
32  C C4    . DC A 2  ? 0.5503 0.4678 0.7749 -0.0179 0.0754  0.1439 2  DC A C4    
33  N N4    . DC A 2  ? 0.5087 0.4031 0.7459 -0.0188 0.0977  0.1377 2  DC A N4    
34  C C5    . DC A 2  ? 0.5878 0.5108 0.7849 -0.0208 0.0611  0.1228 2  DC A C5    
35  C C6    . DC A 2  ? 0.5478 0.4800 0.7199 -0.0193 0.0413  0.1270 2  DC A C6    
36  P P     . DT A 3  ? 1.0284 0.9147 1.0104 -0.0627 -0.0731 0.1304 3  DT A P     
37  O OP1   . DT A 3  ? 1.0870 0.9642 1.0138 -0.0781 -0.0960 0.1362 3  DT A OP1   
38  O OP2   . DT A 3  ? 0.8771 0.7277 0.8392 -0.0488 -0.0625 0.1012 3  DT A OP2   
39  O "O5'" . DT A 3  ? 0.9135 0.8282 0.9478 -0.0783 -0.0827 0.1526 3  DT A "O5'" 
40  C "C5'" . DT A 3  ? 0.9460 0.9111 1.0273 -0.0819 -0.0845 0.1883 3  DT A "C5'" 
41  C "C4'" . DT A 3  ? 0.8955 0.8859 1.0346 -0.0848 -0.0789 0.2050 3  DT A "C4'" 
42  O "O4'" . DT A 3  ? 0.9074 0.8971 1.0856 -0.0613 -0.0443 0.2019 3  DT A "O4'" 
43  C "C3'" . DT A 3  ? 0.8642 0.8231 0.9825 -0.0995 -0.0896 0.1855 3  DT A "C3'" 
44  O "O3'" . DT A 3  ? 0.8841 0.8780 1.0464 -0.1137 -0.0962 0.2108 3  DT A "O3'" 
45  C "C2'" . DT A 3  ? 0.7820 0.7150 0.9064 -0.0777 -0.0621 0.1619 3  DT A "C2'" 
46  C "C1'" . DT A 3  ? 0.7148 0.6824 0.8956 -0.0626 -0.0380 0.1840 3  DT A "C1'" 
47  N N1    . DT A 3  ? 0.6156 0.5635 0.8065 -0.0450 -0.0090 0.1652 3  DT A N1    
48  C C2    . DT A 3  ? 0.6095 0.5676 0.8424 -0.0350 0.0155  0.1791 3  DT A C2    
49  O O2    . DT A 3  ? 0.6371 0.6258 0.9061 -0.0327 0.0185  0.2101 3  DT A O2    
50  N N3    . DT A 3  ? 0.6731 0.6058 0.9034 -0.0268 0.0375  0.1580 3  DT A N3    
51  C C4    . DT A 3  ? 0.6701 0.5825 0.8702 -0.0278 0.0342  0.1285 3  DT A C4    
52  O O4    . DT A 3  ? 0.6372 0.5353 0.8389 -0.0256 0.0506  0.1130 3  DT A O4    
53  C C5    . DT A 3  ? 0.5833 0.4922 0.7473 -0.0319 0.0105  0.1186 3  DT A C5    
54  C C7    . DT A 3  ? 0.5446 0.4397 0.6799 -0.0258 0.0086  0.0927 3  DT A C7    
55  C C6    . DT A 3  ? 0.6046 0.5236 0.7603 -0.0410 -0.0089 0.1349 3  DT A C6    
56  P P     . DG A 4  ? 0.9088 0.8910 1.0421 -0.1503 -0.1287 0.2110 4  DG A P     
57  O OP1   . DG A 4  ? 0.9061 0.9057 1.0126 -0.1666 -0.1551 0.2232 4  DG A OP1   
58  O OP2   . DG A 4  ? 0.7338 0.6505 0.8189 -0.1526 -0.1274 0.1780 4  DG A OP2   
59  O "O5'" . DG A 4  ? 0.7916 0.8299 0.9963 -0.1587 -0.1234 0.2449 4  DG A "O5'" 
60  C "C5'" . DG A 4  ? 0.7774 0.8818 1.0489 -0.1431 -0.1102 0.2816 4  DG A "C5'" 
61  C "C4'" . DG A 4  ? 0.7340 0.8581 1.0618 -0.1258 -0.0780 0.2946 4  DG A "C4'" 
62  O "O4'" . DG A 4  ? 0.7183 0.8007 1.0375 -0.0940 -0.0438 0.2703 4  DG A "O4'" 
63  C "C3'" . DG A 4  ? 0.8827 0.9892 1.2023 -0.1473 -0.0827 0.2870 4  DG A "C3'" 
64  O "O3'" . DG A 4  ? 0.9046 1.0626 1.2905 -0.1386 -0.0599 0.3189 4  DG A "O3'" 
65  C "C2'" . DG A 4  ? 0.9552 0.9911 1.2294 -0.1293 -0.0637 0.2456 4  DG A "C2'" 
66  C "C1'" . DG A 4  ? 0.7602 0.8070 1.0653 -0.0946 -0.0311 0.2494 4  DG A "C1'" 
67  N N9    . DG A 4  ? 0.6539 0.6478 0.9204 -0.0779 -0.0168 0.2132 4  DG A N9    
68  C C8    . DG A 4  ? 0.5925 0.5449 0.8041 -0.0829 -0.0331 0.1830 4  DG A C8    
69  N N7    . DG A 4  ? 0.6288 0.5542 0.8265 -0.0655 -0.0150 0.1593 4  DG A N7    
70  C C5    . DG A 4  ? 0.5354 0.4741 0.7720 -0.0518 0.0139  0.1707 4  DG A C5    
71  C C6    . DG A 4  ? 0.5255 0.4412 0.7599 -0.0375 0.0395  0.1533 4  DG A C6    
72  O O6    . DG A 4  ? 0.5762 0.4691 0.7832 -0.0350 0.0389  0.1274 4  DG A O6    
73  N N1    . DG A 4  ? 0.4872 0.4098 0.7545 -0.0260 0.0681  0.1701 4  DG A N1    
74  C C2    . DG A 4  ? 0.6252 0.5853 0.9335 -0.0237 0.0729  0.2044 4  DG A C2    
75  N N2    . DG A 4  ? 0.7808 0.7398 1.1159 -0.0050 0.1080  0.2184 4  DG A N2    
76  N N3    . DG A 4  ? 0.5539 0.5505 0.8745 -0.0391 0.0458  0.2243 4  DG A N3    
77  C C4    . DG A 4  ? 0.5333 0.5114 0.8119 -0.0550 0.0163  0.2038 4  DG A C4    
78  P P     . DA A 5  ? 0.9323 1.1382 1.3500 -0.1750 -0.0788 0.3480 5  DA A P     
79  O OP1   . DA A 5  ? 1.0222 1.2990 1.4733 -0.1905 -0.1072 0.3831 5  DA A OP1   
80  O OP2   . DA A 5  ? 0.7916 0.9341 1.1486 -0.2052 -0.0968 0.3190 5  DA A OP2   
81  O "O5'" . DA A 5  ? 0.6371 0.8791 1.1173 -0.1486 -0.0351 0.3721 5  DA A "O5'" 
82  C "C5'" . DA A 5  ? 0.5057 0.8119 1.0537 -0.1181 -0.0110 0.4095 5  DA A "C5'" 
83  C "C4'" . DA A 5  ? 0.5329 0.8189 1.0981 -0.0800 0.0417  0.4070 5  DA A "C4'" 
84  O "O4'" . DA A 5  ? 0.7262 0.9251 1.2292 -0.0624 0.0570  0.3597 5  DA A "O4'" 
85  C "C3'" . DA A 5  ? 0.6305 0.9220 1.2045 -0.0917 0.0555  0.4121 5  DA A "C3'" 
86  O "O3'" . DA A 5  ? 0.6867 1.0085 1.3050 -0.0523 0.0988  0.4343 5  DA A "O3'" 
87  C "C2'" . DA A 5  ? 0.5714 0.7675 1.0676 -0.0958 0.0587  0.3615 5  DA A "C2'" 
88  C "C1'" . DA A 5  ? 0.6015 0.7521 1.0697 -0.0661 0.0720  0.3348 5  DA A "C1'" 
89  N N9    . DA A 5  ? 0.6647 0.7451 1.0621 -0.0752 0.0524  0.2890 5  DA A N9    
90  C C8    . DA A 5  ? 0.7319 0.7942 1.0903 -0.1026 0.0124  0.2736 5  DA A C8    
91  N N7    . DA A 5  ? 0.6730 0.6758 0.9758 -0.0965 0.0079  0.2353 5  DA A N7    
92  C C5    . DA A 5  ? 0.6098 0.5939 0.9160 -0.0694 0.0426  0.2244 5  DA A C5    
93  C C6    . DA A 5  ? 0.6462 0.5823 0.9130 -0.0562 0.0526  0.1905 5  DA A C6    
94  N N6    . DA A 5  ? 0.5665 0.4721 0.7902 -0.0623 0.0307  0.1644 5  DA A N6    
95  N N1    . DA A 5  ? 0.5286 0.4498 0.8010 -0.0368 0.0867  0.1856 5  DA A N1    
96  C C2    . DA A 5  ? 0.5777 0.5255 0.8915 -0.0241 0.1146  0.2132 5  DA A C2    
97  N N3    . DA A 5  ? 0.6400 0.6426 1.0021 -0.0287 0.1118  0.2504 5  DA A N3    
98  C C4    . DA A 5  ? 0.7371 0.7591 1.0943 -0.0553 0.0719  0.2544 5  DA A C4    
99  P P     . DC A 6  ? 0.9622 1.3170 1.6041 -0.0525 0.1161  0.4516 6  DC A P     
100 O OP1   . DC A 6  ? 0.9726 1.4048 1.6832 -0.0222 0.1306  0.4976 6  DC A OP1   
101 O OP2   . DC A 6  ? 1.0252 1.3739 1.6382 -0.1019 0.0791  0.4414 6  DC A OP2   
102 O "O5'" . DC A 6  ? 0.9898 1.2689 1.5906 -0.0246 0.1649  0.4224 6  DC A "O5'" 
103 C "C5'" . DC A 6  ? 0.8001 1.0352 1.3878 0.0087  0.1942  0.4089 6  DC A "C5'" 
104 C "C4'" . DC A 6  ? 0.6275 0.7761 1.1527 0.0172  0.2254  0.3717 6  DC A "C4'" 
105 O "O4'" . DC A 6  ? 0.6993 0.7894 1.1600 -0.0058 0.1891  0.3279 6  DC A "O4'" 
106 C "C3'" . DC A 6  ? 0.5648 0.7069 1.0751 0.0145  0.2461  0.3714 6  DC A "C3'" 
107 O "O3'" . DC A 6  ? 0.7482 0.8358 1.2290 0.0490  0.2991  0.3579 6  DC A "O3'" 
108 C "C2'" . DC A 6  ? 0.6747 0.7699 1.1258 -0.0239 0.2092  0.3404 6  DC A "C2'" 
109 C "C1'" . DC A 6  ? 0.7557 0.7995 1.1642 -0.0193 0.1898  0.3031 6  DC A "C1'" 
110 N N1    . DC A 6  ? 0.6849 0.7003 1.0494 -0.0497 0.1405  0.2762 6  DC A N1    
111 C C2    . DC A 6  ? 0.7108 0.6651 1.0177 -0.0445 0.1327  0.2348 6  DC A C2    
112 O O2    . DC A 6  ? 0.6754 0.5958 0.9624 -0.0234 0.1619  0.2181 6  DC A O2    
113 N N3    . DC A 6  ? 0.6245 0.5582 0.8978 -0.0634 0.0947  0.2153 6  DC A N3    
114 C C4    . DC A 6  ? 0.6295 0.5874 0.9140 -0.0892 0.0649  0.2314 6  DC A C4    
115 N N4    . DC A 6  ? 0.7422 0.6666 0.9835 -0.1036 0.0326  0.2100 6  DC A N4    
116 C C5    . DC A 6  ? 0.6018 0.6196 0.9413 -0.1020 0.0676  0.2710 6  DC A C5    
117 C C6    . DC A 6  ? 0.6576 0.7093 1.0409 -0.0804 0.1054  0.2942 6  DC A C6    
118 P P     . DC A 7  ? 0.9299 1.0223 1.4130 0.0740  0.3468  0.3717 7  DC A P     
119 O OP1   . DC A 7  ? 0.9394 1.0054 1.4266 0.1218  0.3979  0.3768 7  DC A OP1   
120 O OP2   . DC A 7  ? 0.9313 1.1037 1.4650 0.0579  0.3281  0.4049 7  DC A OP2   
121 O "O5'" . DC A 7  ? 0.8868 0.8945 1.2836 0.0587  0.3560  0.3327 7  DC A "O5'" 
122 C "C5'" . DC A 7  ? 0.8743 0.8088 1.2091 0.0596  0.3446  0.2882 7  DC A "C5'" 
123 C "C4'" . DC A 7  ? 0.7819 0.6695 1.0479 0.0323  0.3145  0.2532 7  DC A "C4'" 
124 O "O4'" . DC A 7  ? 0.7973 0.7108 1.0770 0.0029  0.2612  0.2526 7  DC A "O4'" 
125 C "C3'" . DC A 7  ? 0.8101 0.6908 1.0492 0.0266  0.3330  0.2604 7  DC A "C3'" 
126 O "O3'" . DC A 7  ? 0.9635 0.7695 1.1205 0.0310  0.3443  0.2223 7  DC A "O3'" 
127 C "C2'" . DC A 7  ? 0.7018 0.6067 0.9463 -0.0098 0.2844  0.2667 7  DC A "C2'" 
128 C "C1'" . DC A 7  ? 0.7896 0.6780 1.0238 -0.0181 0.2433  0.2405 7  DC A "C1'" 
129 N N1    . DC A 7  ? 0.7157 0.6281 0.9650 -0.0482 0.1942  0.2468 7  DC A N1    
130 C C2    . DC A 7  ? 0.7004 0.5706 0.9013 -0.0586 0.1579  0.2139 7  DC A C2    
131 O O2    . DC A 7  ? 0.6977 0.5235 0.8519 -0.0462 0.1627  0.1824 7  DC A O2    
132 N N3    . DC A 7  ? 0.5731 0.4520 0.7774 -0.0823 0.1194  0.2178 7  DC A N3    
133 C C4    . DC A 7  ? 0.6479 0.5742 0.8983 -0.1023 0.1106  0.2502 7  DC A C4    
134 N N4    . DC A 7  ? 0.7354 0.6547 0.9738 -0.1288 0.0720  0.2483 7  DC A N4    
135 C C5    . DC A 7  ? 0.6594 0.6433 0.9692 -0.0962 0.1423  0.2871 7  DC A C5    
136 C C6    . DC A 7  ? 0.6046 0.5795 0.9130 -0.0654 0.1858  0.2848 7  DC A C6    
137 P P     . DA A 8  ? 1.1303 0.9033 1.2320 0.0357  0.3787  0.2212 8  DA A P     
138 O OP1   . DA A 8  ? 1.0658 0.7668 1.1009 0.0551  0.4122  0.1892 8  DA A OP1   
139 O OP2   . DA A 8  ? 1.0119 0.8507 1.1781 0.0410  0.4053  0.2688 8  DA A OP2   
140 O "O5'" . DA A 8  ? 1.0617 0.8053 1.1052 0.0069  0.3327  0.1977 8  DA A "O5'" 
141 C "C5'" . DA A 8  ? 0.9319 0.6351 0.9303 -0.0004 0.3010  0.1595 8  DA A "C5'" 
142 C "C4'" . DA A 8  ? 0.8571 0.5606 0.8361 -0.0226 0.2536  0.1540 8  DA A "C4'" 
143 O "O4'" . DA A 8  ? 0.8112 0.5637 0.8540 -0.0350 0.2313  0.1801 8  DA A "O4'" 
144 C "C3'" . DA A 8  ? 0.8603 0.5410 0.7878 -0.0293 0.2594  0.1598 8  DA A "C3'" 
145 O "O3'" . DA A 8  ? 0.9861 0.6236 0.8428 -0.0326 0.2366  0.1284 8  DA A "O3'" 
146 C "C2'" . DA A 8  ? 0.7891 0.5022 0.7550 -0.0493 0.2335  0.1879 8  DA A "C2'" 
147 C "C1'" . DA A 8  ? 0.8656 0.6084 0.8845 -0.0538 0.2042  0.1849 8  DA A "C1'" 
148 N N9    . DA A 8  ? 0.7199 0.5092 0.7993 -0.0722 0.1902  0.2162 8  DA A N9    
149 C C8    . DA A 8  ? 0.7051 0.5446 0.8408 -0.0752 0.2158  0.2523 8  DA A C8    
150 N N7    . DA A 8  ? 0.8243 0.7029 1.0055 -0.1001 0.1901  0.2751 8  DA A N7    
151 C C5    . DA A 8  ? 0.7547 0.5973 0.9019 -0.1105 0.1482  0.2493 8  DA A C5    
152 C C6    . DA A 8  ? 0.8208 0.6672 0.9776 -0.1366 0.1084  0.2525 8  DA A C6    
153 N N6    . DA A 8  ? 0.7379 0.6319 0.9441 -0.1644 0.0990  0.2843 8  DA A N6    
154 N N1    . DA A 8  ? 0.6430 0.4430 0.7537 -0.1342 0.0791  0.2225 8  DA A N1    
155 C C2    . DA A 8  ? 0.7169 0.4815 0.7844 -0.1106 0.0859  0.1951 8  DA A C2    
156 N N3    . DA A 8  ? 0.7124 0.4717 0.7659 -0.0912 0.1165  0.1884 8  DA A N3    
157 C C4    . DA A 8  ? 0.7815 0.5751 0.8723 -0.0912 0.1487  0.2151 8  DA A C4    
158 P P     . DG A 9  ? 1.2539 0.8523 1.0305 -0.0344 0.2449  0.1250 9  DG A P     
159 O OP1   . DG A 9  ? 1.3069 0.8692 1.0190 -0.0339 0.2337  0.0896 9  DG A OP1   
160 O OP2   . DG A 9  ? 1.1777 0.7816 0.9603 -0.0270 0.2928  0.1504 9  DG A OP2   
161 O "O5'" . DG A 9  ? 1.2161 0.8178 0.9882 -0.0476 0.2041  0.1366 9  DG A "O5'" 
162 C "C5'" . DG A 9  ? 1.1089 0.7180 0.8968 -0.0506 0.1625  0.1228 9  DG A "C5'" 
163 C "C4'" . DG A 9  ? 1.1076 0.7141 0.9019 -0.0608 0.1366  0.1418 9  DG A "C4'" 
164 O "O4'" . DG A 9  ? 1.1130 0.7517 0.9742 -0.0721 0.1392  0.1623 9  DG A "O4'" 
165 C "C3'" . DG A 9  ? 1.1585 0.7381 0.9071 -0.0660 0.1472  0.1617 9  DG A "C3'" 
166 O "O3'" . DG A 9  ? 1.1962 0.7496 0.9159 -0.0679 0.1147  0.1642 9  DG A "O3'" 
167 C "C2'" . DG A 9  ? 1.1957 0.8033 0.9994 -0.0803 0.1691  0.1927 9  DG A "C2'" 
168 C "C1'" . DG A 9  ? 1.0386 0.6681 0.8945 -0.0876 0.1407  0.1886 9  DG A "C1'" 
169 N N9    . DG A 9  ? 0.9567 0.6295 0.8800 -0.1036 0.1516  0.2152 9  DG A N9    
170 C C8    . DG A 9  ? 0.9008 0.6126 0.8641 -0.1014 0.1902  0.2369 9  DG A C8    
171 N N7    . DG A 9  ? 0.9818 0.7414 1.0108 -0.1195 0.1880  0.2639 9  DG A N7    
172 C C5    . DG A 9  ? 0.9616 0.7015 0.9833 -0.1383 0.1447  0.2560 9  DG A C5    
173 C C6    . DG A 9  ? 0.9381 0.7050 1.0031 -0.1678 0.1199  0.2736 9  DG A C6    
174 O O6    . DG A 9  ? 0.7441 0.5703 0.8724 -0.1860 0.1279  0.3043 9  DG A O6    
175 N N1    . DG A 9  ? 0.8859 0.6031 0.9100 -0.1768 0.0824  0.2540 9  DG A N1    
176 C C2    . DG A 9  ? 0.9304 0.5925 0.8927 -0.1552 0.0711  0.2255 9  DG A C2    
177 N N2    . DG A 9  ? 0.9945 0.6151 0.9264 -0.1610 0.0393  0.2119 9  DG A N2    
178 N N3    . DG A 9  ? 0.9463 0.5960 0.8766 -0.1297 0.0896  0.2119 9  DG A N3    
179 C C4    . DG A 9  ? 0.9231 0.6078 0.8803 -0.1250 0.1252  0.2265 9  DG A C4    
180 P P     . DG A 10 ? 1.2945 0.8125 0.9349 -0.0563 0.1014  0.1581 10 DG A P     
181 O OP1   . DG A 10 ? 1.2193 0.7507 0.8465 -0.0446 0.0858  0.1283 10 DG A OP1   
182 O OP2   . DG A 10 ? 1.2421 0.7426 0.8429 -0.0609 0.1322  0.1765 10 DG A OP2   
183 O "O5'" . DG A 10 ? 1.2275 0.7148 0.8554 -0.0561 0.0707  0.1712 10 DG A "O5'" 
184 C "C5'" . DG A 10 ? 1.1262 0.6201 0.7931 -0.0560 0.0482  0.1633 10 DG A "C5'" 
185 C "C4'" . DG A 10 ? 1.0934 0.5530 0.7639 -0.0732 0.0424  0.1850 10 DG A "C4'" 
186 O "O4'" . DG A 10 ? 1.0707 0.5620 0.7978 -0.0980 0.0597  0.1971 10 DG A "O4'" 
187 C "C3'" . DG A 10 ? 1.1143 0.5255 0.7301 -0.0779 0.0486  0.2093 10 DG A "C3'" 
188 O "O3'" . DG A 10 ? 1.1932 0.5497 0.7837 -0.0782 0.0275  0.2167 10 DG A "O3'" 
189 C "C2'" . DG A 10 ? 1.1114 0.5428 0.7598 -0.1059 0.0781  0.2318 10 DG A "C2'" 
190 C "C1'" . DG A 10 ? 1.0792 0.5449 0.7941 -0.1210 0.0701  0.2259 10 DG A "C1'" 
191 N N9    . DG A 10 ? 1.0980 0.6156 0.8715 -0.1410 0.0965  0.2437 10 DG A N9    
192 C C8    . DG A 10 ? 1.0623 0.6160 0.8496 -0.1324 0.1315  0.2488 10 DG A C8    
193 N N7    . DG A 10 ? 0.9988 0.6027 0.8493 -0.1485 0.1514  0.2698 10 DG A N7    
194 C C5    . DG A 10 ? 1.0443 0.6480 0.9236 -0.1745 0.1231  0.2774 10 DG A C5    
195 C C6    . DG A 10 ? 1.0619 0.7173 1.0105 -0.2041 0.1224  0.3014 10 DG A C6    
196 O O6    . DG A 10 ? 0.9236 0.6447 0.9327 -0.2084 0.1501  0.3252 10 DG A O6    
197 N N1    . DG A 10 ? 0.9597 0.5861 0.9022 -0.2289 0.0853  0.2971 10 DG A N1    
198 C C2    . DG A 10 ? 1.0885 0.6421 0.9673 -0.2197 0.0589  0.2739 10 DG A C2    
199 N N2    . DG A 10 ? 0.9534 0.4902 0.8319 -0.2361 0.0322  0.2631 10 DG A N2    
200 N N3    . DG A 10 ? 1.1907 0.7034 1.0135 -0.1881 0.0611  0.2567 10 DG A N3    
201 C C4    . DG A 10 ? 1.0733 0.6169 0.9003 -0.1697 0.0912  0.2594 10 DG A C4    
202 O "O5'" . DC B 1  ? 1.1806 1.2291 1.3345 -0.0626 0.1789  0.2988 1  DC B "O5'" 
203 C "C5'" . DC B 1  ? 0.9846 1.0120 1.1396 -0.0554 0.1568  0.2897 1  DC B "C5'" 
204 C "C4'" . DC B 1  ? 0.8257 0.8278 0.9413 -0.0384 0.1477  0.2926 1  DC B "C4'" 
205 O "O4'" . DC B 1  ? 0.7182 0.7322 0.8070 -0.0323 0.1597  0.3002 1  DC B "O4'" 
206 C "C3'" . DC B 1  ? 0.7851 0.7913 0.8992 -0.0217 0.1316  0.2750 1  DC B "C3'" 
207 O "O3'" . DC B 1  ? 0.8204 0.7920 0.9204 -0.0140 0.1191  0.2755 1  DC B "O3'" 
208 C "C2'" . DC B 1  ? 0.8183 0.8468 0.9135 -0.0083 0.1361  0.2726 1  DC B "C2'" 
209 C "C1'" . DC B 1  ? 0.7580 0.7771 0.8288 -0.0131 0.1490  0.2907 1  DC B "C1'" 
210 N N1    . DC B 1  ? 0.7015 0.7480 0.7596 -0.0094 0.1614  0.2889 1  DC B N1    
211 C C2    . DC B 1  ? 0.7671 0.8092 0.7914 0.0037  0.1563  0.2911 1  DC B C2    
212 O O2    . DC B 1  ? 0.9069 0.9260 0.9174 0.0132  0.1414  0.2949 1  DC B O2    
213 N N3    . DC B 1  ? 0.6617 0.7252 0.6715 0.0062  0.1667  0.2875 1  DC B N3    
214 C C4    . DC B 1  ? 0.6347 0.7233 0.6651 -0.0020 0.1833  0.2812 1  DC B C4    
215 N N4    . DC B 1  ? 0.5926 0.6993 0.6076 0.0020  0.1938  0.2748 1  DC B N4    
216 C C5    . DC B 1  ? 0.7282 0.8247 0.7984 -0.0145 0.1892  0.2802 1  DC B C5    
217 C C6    . DC B 1  ? 0.8389 0.9137 0.9205 -0.0187 0.1769  0.2844 1  DC B C6    
218 P P     . DC B 2  ? 0.8348 0.8028 0.9387 -0.0022 0.1043  0.2556 2  DC B P     
219 O OP1   . DC B 2  ? 1.0221 0.9488 1.1223 -0.0015 0.0952  0.2567 2  DC B OP1   
220 O OP2   . DC B 2  ? 0.6750 0.6716 0.7980 -0.0076 0.1031  0.2423 2  DC B OP2   
221 O "O5'" . DC B 2  ? 0.8662 0.8453 0.9505 0.0175  0.1021  0.2522 2  DC B "O5'" 
222 C "C5'" . DC B 2  ? 0.7140 0.6751 0.7780 0.0265  0.1005  0.2652 2  DC B "C5'" 
223 C "C4'" . DC B 2  ? 0.7592 0.7401 0.8135 0.0436  0.0961  0.2579 2  DC B "C4'" 
224 O "O4'" . DC B 2  ? 0.7629 0.7696 0.8084 0.0404  0.1050  0.2624 2  DC B "O4'" 
225 C "C3'" . DC B 2  ? 0.7334 0.7315 0.8004 0.0505  0.0917  0.2375 2  DC B "C3'" 
226 O "O3'" . DC B 2  ? 0.7518 0.7451 0.8157 0.0679  0.0837  0.2322 2  DC B "O3'" 
227 C "C2'" . DC B 2  ? 0.7547 0.7881 0.8235 0.0470  0.0980  0.2333 2  DC B "C2'" 
228 C "C1'" . DC B 2  ? 0.7429 0.7779 0.7947 0.0472  0.1034  0.2481 2  DC B "C1'" 
229 N N1    . DC B 2  ? 0.5818 0.6394 0.6350 0.0384  0.1145  0.2493 2  DC B N1    
230 C C2    . DC B 2  ? 0.5529 0.6218 0.5868 0.0433  0.1176  0.2528 2  DC B C2    
231 O O2    . DC B 2  ? 0.6220 0.6846 0.6402 0.0542  0.1085  0.2552 2  DC B O2    
232 N N3    . DC B 2  ? 0.6243 0.7114 0.6588 0.0366  0.1297  0.2518 2  DC B N3    
233 C C4    . DC B 2  ? 0.6548 0.7514 0.7135 0.0262  0.1379  0.2489 2  DC B C4    
234 N N4    . DC B 2  ? 0.6563 0.7724 0.7201 0.0220  0.1510  0.2464 2  DC B N4    
235 C C5    . DC B 2  ? 0.6701 0.7561 0.7502 0.0197  0.1324  0.2474 2  DC B C5    
236 C C6    . DC B 2  ? 0.6622 0.7265 0.7354 0.0256  0.1213  0.2475 2  DC B C6    
237 P P     . DT B 3  ? 0.8166 0.8312 0.8904 0.0767  0.0823  0.2119 3  DT B P     
238 O OP1   . DT B 3  ? 0.7997 0.8013 0.8782 0.0943  0.0750  0.2079 3  DT B OP1   
239 O OP2   . DT B 3  ? 0.8934 0.9123 0.9729 0.0638  0.0857  0.2016 3  DT B OP2   
240 O "O5'" . DT B 3  ? 0.7359 0.7844 0.8063 0.0790  0.0845  0.2120 3  DT B "O5'" 
241 C "C5'" . DT B 3  ? 0.6710 0.7283 0.7406 0.0931  0.0783  0.2129 3  DT B "C5'" 
242 C "C4'" . DT B 3  ? 0.6616 0.7504 0.7298 0.0914  0.0799  0.2095 3  DT B "C4'" 
243 O "O4'" . DT B 3  ? 0.6571 0.7483 0.7136 0.0800  0.0860  0.2178 3  DT B "O4'" 
244 C "C3'" . DT B 3  ? 0.7514 0.8615 0.8305 0.0876  0.0844  0.1943 3  DT B "C3'" 
245 O "O3'" . DT B 3  ? 0.8226 0.9565 0.9061 0.0927  0.0814  0.1907 3  DT B "O3'" 
246 C "C2'" . DT B 3  ? 0.6992 0.8120 0.7735 0.0733  0.0899  0.1969 3  DT B "C2'" 
247 C "C1'" . DT B 3  ? 0.6248 0.7381 0.6877 0.0739  0.0898  0.2086 3  DT B "C1'" 
248 N N1    . DT B 3  ? 0.6281 0.7425 0.6888 0.0631  0.0969  0.2132 3  DT B N1    
249 C C2    . DT B 3  ? 0.5465 0.6703 0.5963 0.0625  0.1002  0.2171 3  DT B C2    
250 O O2    . DT B 3  ? 0.6362 0.7645 0.6739 0.0697  0.0949  0.2181 3  DT B O2    
251 N N3    . DT B 3  ? 0.5042 0.6316 0.5582 0.0537  0.1093  0.2188 3  DT B N3    
252 C C4    . DT B 3  ? 0.6366 0.7605 0.7078 0.0448  0.1128  0.2186 3  DT B C4    
253 O O4    . DT B 3  ? 0.5998 0.7316 0.6814 0.0380  0.1208  0.2195 3  DT B O4    
254 C C5    . DT B 3  ? 0.6588 0.7710 0.7371 0.0447  0.1061  0.2150 3  DT B C5    
255 C C7    . DT B 3  ? 0.5848 0.6913 0.6793 0.0344  0.1056  0.2133 3  DT B C7    
256 C C6    . DT B 3  ? 0.6469 0.7542 0.7183 0.0539  0.0999  0.2119 3  DT B C6    
257 P P     . DG B 4  ? 0.8022 0.9533 0.9043 0.1016  0.0813  0.1775 4  DG B P     
258 O OP1   . DG B 4  ? 0.6106 0.7476 0.7208 0.1168  0.0741  0.1798 4  DG B OP1   
259 O OP2   . DG B 4  ? 0.7966 0.9493 0.8981 0.0919  0.0902  0.1672 4  DG B OP2   
260 O "O5'" . DG B 4  ? 0.7968 0.9759 0.9039 0.1013  0.0773  0.1765 4  DG B "O5'" 
261 C "C5'" . DG B 4  ? 0.8105 0.9910 0.9141 0.1092  0.0660  0.1849 4  DG B "C5'" 
262 C "C4'" . DG B 4  ? 0.7448 0.9452 0.8446 0.1024  0.0629  0.1838 4  DG B "C4'" 
263 O "O4'" . DG B 4  ? 0.7619 0.9508 0.8402 0.0923  0.0676  0.1896 4  DG B "O4'" 
264 C "C3'" . DG B 4  ? 0.7102 0.9352 0.8270 0.0951  0.0683  0.1725 4  DG B "C3'" 
265 O "O3'" . DG B 4  ? 0.8389 1.0826 0.9617 0.0948  0.0591  0.1711 4  DG B "O3'" 
266 C "C2'" . DG B 4  ? 0.6040 0.8197 0.7068 0.0815  0.0770  0.1730 4  DG B "C2'" 
267 C "C1'" . DG B 4  ? 0.5466 0.7453 0.6293 0.0814  0.0744  0.1827 4  DG B "C1'" 
268 N N9    . DG B 4  ? 0.6143 0.7973 0.6893 0.0743  0.0821  0.1862 4  DG B N9    
269 C C8    . DG B 4  ? 0.6339 0.8053 0.7128 0.0720  0.0868  0.1850 4  DG B C8    
270 N N7    . DG B 4  ? 0.6537 0.8155 0.7287 0.0643  0.0906  0.1887 4  DG B N7    
271 C C5    . DG B 4  ? 0.4952 0.6624 0.5638 0.0628  0.0910  0.1918 4  DG B C5    
272 C C6    . DG B 4  ? 0.5101 0.6747 0.5780 0.0571  0.0964  0.1945 4  DG B C6    
273 O O6    . DG B 4  ? 0.6866 0.8451 0.7626 0.0513  0.1000  0.1964 4  DG B O6    
274 N N1    . DG B 4  ? 0.5157 0.6869 0.5747 0.0586  0.0970  0.1933 4  DG B N1    
275 C C2    . DG B 4  ? 0.6412 0.8193 0.6911 0.0636  0.0902  0.1907 4  DG B C2    
276 N N2    . DG B 4  ? 0.7383 0.9191 0.7758 0.0636  0.0907  0.1877 4  DG B N2    
277 N N3    . DG B 4  ? 0.6512 0.8343 0.7059 0.0685  0.0833  0.1896 4  DG B N3    
278 C C4    . DG B 4  ? 0.5946 0.7724 0.6596 0.0684  0.0854  0.1898 4  DG B C4    
279 P P     . DG B 5  ? 0.6636 0.9370 0.8102 0.0873  0.0617  0.1610 5  DG B P     
280 O OP1   . DG B 5  ? 0.8377 1.1315 1.0107 0.0994  0.0517  0.1578 5  DG B OP1   
281 O OP2   . DG B 5  ? 0.5078 0.7816 0.6555 0.0772  0.0766  0.1558 5  DG B OP2   
282 O "O5'" . DG B 5  ? 0.6911 0.9641 0.8230 0.0771  0.0554  0.1625 5  DG B "O5'" 
283 C "C5'" . DG B 5  ? 0.6855 0.9523 0.8024 0.0829  0.0421  0.1672 5  DG B "C5'" 
284 C "C4'" . DG B 5  ? 0.5783 0.8368 0.6756 0.0731  0.0414  0.1659 5  DG B "C4'" 
285 O "O4'" . DG B 5  ? 0.5852 0.8240 0.6664 0.0698  0.0530  0.1696 5  DG B "O4'" 
286 C "C3'" . DG B 5  ? 0.4513 0.7241 0.5635 0.0607  0.0416  0.1583 5  DG B "C3'" 
287 O "O3'" . DG B 5  ? 0.5361 0.8053 0.6350 0.0576  0.0313  0.1550 5  DG B "O3'" 
288 C "C2'" . DG B 5  ? 0.5910 0.8511 0.6982 0.0523  0.0547  0.1593 5  DG B "C2'" 
289 C "C1'" . DG B 5  ? 0.5275 0.7664 0.6134 0.0587  0.0589  0.1653 5  DG B "C1'" 
290 N N9    . DG B 5  ? 0.6268 0.8556 0.7132 0.0573  0.0691  0.1687 5  DG B N9    
291 C C8    . DG B 5  ? 0.6842 0.9163 0.7804 0.0599  0.0738  0.1688 5  DG B C8    
292 N N7    . DG B 5  ? 0.7136 0.9320 0.8044 0.0571  0.0803  0.1713 5  DG B N7    
293 C C5    . DG B 5  ? 0.6003 0.8089 0.6822 0.0535  0.0802  0.1738 5  DG B C5    
294 C C6    . DG B 5  ? 0.5879 0.7840 0.6674 0.0497  0.0843  0.1768 5  DG B C6    
295 O O6    . DG B 5  ? 0.6009 0.7895 0.6824 0.0473  0.0870  0.1785 5  DG B O6    
296 N N1    . DG B 5  ? 0.4496 0.6428 0.5265 0.0487  0.0844  0.1763 5  DG B N1    
297 C C2    . DG B 5  ? 0.6222 0.8199 0.6930 0.0505  0.0808  0.1723 5  DG B C2    
298 N N2    . DG B 5  ? 0.7434 0.9358 0.8114 0.0503  0.0834  0.1694 5  DG B N2    
299 N N3    . DG B 5  ? 0.5569 0.7643 0.6264 0.0525  0.0747  0.1699 5  DG B N3    
300 C C4    . DG B 5  ? 0.6024 0.8164 0.6802 0.0541  0.0747  0.1714 5  DG B C4    
301 P P     . DT B 6  ? 0.6466 0.9293 0.7611 0.0451  0.0241  0.1468 6  DT B P     
302 O OP1   . DT B 6  ? 0.4934 0.7735 0.5925 0.0470  0.0081  0.1426 6  DT B OP1   
303 O OP2   . DT B 6  ? 0.6292 0.9364 0.7770 0.0387  0.0286  0.1450 6  DT B OP2   
304 O "O5'" . DT B 6  ? 0.5166 0.7791 0.6189 0.0360  0.0332  0.1458 6  DT B "O5'" 
305 C "C5'" . DT B 6  ? 0.5441 0.7866 0.6212 0.0407  0.0348  0.1453 6  DT B "C5'" 
306 C "C4'" . DT B 6  ? 0.5034 0.7301 0.5796 0.0351  0.0438  0.1453 6  DT B "C4'" 
307 O "O4'" . DT B 6  ? 0.4904 0.7155 0.5712 0.0373  0.0540  0.1529 6  DT B "O4'" 
308 C "C3'" . DT B 6  ? 0.5629 0.7880 0.6529 0.0217  0.0401  0.1418 6  DT B "C3'" 
309 O "O3'" . DT B 6  ? 0.6328 0.8403 0.7124 0.0205  0.0348  0.1332 6  DT B "O3'" 
310 C "C2'" . DT B 6  ? 0.6372 0.8560 0.7329 0.0178  0.0494  0.1495 6  DT B "C2'" 
311 C "C1'" . DT B 6  ? 0.5115 0.7262 0.5976 0.0295  0.0571  0.1537 6  DT B "C1'" 
312 N N1    . DT B 6  ? 0.5607 0.7768 0.6512 0.0287  0.0644  0.1605 6  DT B N1    
313 C C2    . DT B 6  ? 0.4915 0.6945 0.5788 0.0308  0.0687  0.1641 6  DT B C2    
314 O O2    . DT B 6  ? 0.5797 0.7729 0.6653 0.0334  0.0685  0.1619 6  DT B O2    
315 N N3    . DT B 6  ? 0.4855 0.6883 0.5738 0.0296  0.0733  0.1688 6  DT B N3    
316 C C4    . DT B 6  ? 0.5852 0.7989 0.6761 0.0279  0.0764  0.1686 6  DT B C4    
317 O O4    . DT B 6  ? 0.6172 0.8275 0.7055 0.0269  0.0808  0.1703 6  DT B O4    
318 C C5    . DT B 6  ? 0.4814 0.7122 0.5805 0.0274  0.0739  0.1644 6  DT B C5    
319 C C7    . DT B 6  ? 0.7230 0.9713 0.8328 0.0272  0.0795  0.1618 6  DT B C7    
320 C C6    . DT B 6  ? 0.4689 0.7004 0.5681 0.0272  0.0668  0.1612 6  DT B C6    
321 P P     . DC B 7  ? 0.7954 0.9934 0.8853 0.0068  0.0260  0.1277 7  DC B P     
322 O OP1   . DC B 7  ? 0.6965 0.8807 0.7712 0.0103  0.0187  0.1146 7  DC B OP1   
323 O OP2   . DC B 7  ? 0.6807 0.8978 0.7900 -0.0058 0.0225  0.1314 7  DC B OP2   
324 O "O5'" . DC B 7  ? 0.6494 0.8286 0.7430 0.0048  0.0320  0.1336 7  DC B "O5'" 
325 C "C5'" . DC B 7  ? 0.6400 0.8100 0.7264 0.0165  0.0393  0.1332 7  DC B "C5'" 
326 C "C4'" . DC B 7  ? 0.4435 0.6013 0.5394 0.0139  0.0413  0.1413 7  DC B "C4'" 
327 O "O4'" . DC B 7  ? 0.5566 0.7268 0.6534 0.0120  0.0470  0.1515 7  DC B "O4'" 
328 C "C3'" . DC B 7  ? 0.4841 0.6247 0.5879 0.0016  0.0316  0.1437 7  DC B "C3'" 
329 O "O3'" . DC B 7  ? 0.5037 0.6226 0.6134 0.0083  0.0281  0.1394 7  DC B "O3'" 
330 C "C2'" . DC B 7  ? 0.4816 0.6267 0.5860 -0.0081 0.0339  0.1575 7  DC B "C2'" 
331 C "C1'" . DC B 7  ? 0.4930 0.6523 0.5937 0.0024  0.0437  0.1600 7  DC B "C1'" 
332 N N1    . DC B 7  ? 0.4482 0.6236 0.5459 -0.0028 0.0499  0.1661 7  DC B N1    
333 C C2    . DC B 7  ? 0.5257 0.7017 0.6195 0.0013  0.0553  0.1714 7  DC B C2    
334 O O2    . DC B 7  ? 0.4599 0.6239 0.5559 0.0065  0.0529  0.1731 7  DC B O2    
335 N N3    . DC B 7  ? 0.4870 0.6761 0.5770 -0.0015 0.0622  0.1736 7  DC B N3    
336 C C4    . DC B 7  ? 0.5694 0.7758 0.6646 -0.0060 0.0654  0.1706 7  DC B C4    
337 N N4    . DC B 7  ? 0.5088 0.7293 0.6040 -0.0063 0.0741  0.1704 7  DC B N4    
338 C C5    . DC B 7  ? 0.5931 0.8034 0.6961 -0.0107 0.0592  0.1662 7  DC B C5    
339 C C6    . DC B 7  ? 0.5112 0.7039 0.6129 -0.0090 0.0512  0.1638 7  DC B C6    
340 P P     . DA B 8  ? 0.6394 0.7304 0.7571 -0.0012 0.0149  0.1412 8  DA B P     
341 O OP1   . DA B 8  ? 0.5530 0.6245 0.6789 0.0108  0.0117  0.1279 8  DA B OP1   
342 O OP2   . DA B 8  ? 0.5902 0.6821 0.7052 -0.0184 0.0092  0.1441 8  DA B OP2   
343 O "O5'" . DA B 8  ? 0.5712 0.6555 0.6922 -0.0042 0.0126  0.1571 8  DA B "O5'" 
344 C "C5'" . DA B 8  ? 0.5357 0.6292 0.6618 0.0080  0.0191  0.1583 8  DA B "C5'" 
345 C "C4'" . DA B 8  ? 0.4625 0.5529 0.5849 0.0006  0.0149  0.1737 8  DA B "C4'" 
346 O "O4'" . DA B 8  ? 0.5080 0.6167 0.6154 -0.0085 0.0233  0.1787 8  DA B "O4'" 
347 C "C3'" . DA B 8  ? 0.5320 0.5948 0.6521 -0.0115 -0.0005 0.1846 8  DA B "C3'" 
348 O "O3'" . DA B 8  ? 0.7078 0.7608 0.8312 -0.0090 -0.0091 0.1943 8  DA B "O3'" 
349 C "C2'" . DA B 8  ? 0.6522 0.7229 0.7534 -0.0299 0.0042  0.1927 8  DA B "C2'" 
350 C "C1'" . DA B 8  ? 0.5182 0.6154 0.6139 -0.0242 0.0174  0.1913 8  DA B "C1'" 
351 N N9    . DA B 8  ? 0.5177 0.6355 0.6035 -0.0341 0.0283  0.1919 8  DA B N9    
352 C C8    . DA B 8  ? 0.5403 0.6692 0.6303 -0.0411 0.0313  0.1867 8  DA B C8    
353 N N7    . DA B 8  ? 0.6343 0.7875 0.7219 -0.0466 0.0425  0.1866 8  DA B N7    
354 C C5    . DA B 8  ? 0.5931 0.7472 0.6697 -0.0422 0.0476  0.1910 8  DA B C5    
355 C C6    . DA B 8  ? 0.6082 0.7797 0.6773 -0.0433 0.0596  0.1909 8  DA B C6    
356 N N6    . DA B 8  ? 0.5391 0.7350 0.6150 -0.0482 0.0704  0.1864 8  DA B N6    
357 N N1    . DA B 8  ? 0.4398 0.6034 0.4971 -0.0386 0.0598  0.1938 8  DA B N1    
358 C C2    . DA B 8  ? 0.4739 0.6170 0.5309 -0.0344 0.0481  0.1983 8  DA B C2    
359 N N3    . DA B 8  ? 0.5237 0.6525 0.5923 -0.0308 0.0372  0.1986 8  DA B N3    
360 C C4    . DA B 8  ? 0.5299 0.6633 0.6054 -0.0352 0.0380  0.1945 8  DA B C4    
361 P P     . DG B 9  ? 0.6986 0.7166 0.8314 -0.0101 -0.0307 0.2029 9  DG B P     
362 O OP1   . DG B 9  ? 0.9055 0.9250 1.0696 0.0099  -0.0337 0.1933 9  DG B OP1   
363 O OP2   . DG B 9  ? 0.6088 0.6058 0.7311 -0.0245 -0.0368 0.2069 9  DG B OP2   
364 O "O5'" . DG B 9  ? 0.6875 0.7003 0.8022 -0.0200 -0.0390 0.2202 9  DG B "O5'" 
365 C "C5'" . DG B 9  ? 0.5164 0.5503 0.6324 -0.0139 -0.0319 0.2185 9  DG B "C5'" 
366 C "C4'" . DG B 9  ? 0.6319 0.6610 0.7163 -0.0292 -0.0355 0.2324 9  DG B "C4'" 
367 O "O4'" . DG B 9  ? 0.6368 0.6820 0.6990 -0.0403 -0.0178 0.2304 9  DG B "O4'" 
368 C "C3'" . DG B 9  ? 0.5749 0.5699 0.6412 -0.0423 -0.0565 0.2499 9  DG B "C3'" 
369 O "O3'" . DG B 9  ? 0.6719 0.6609 0.7294 -0.0428 -0.0699 0.2586 9  DG B "O3'" 
370 C "C2'" . DG B 9  ? 0.5898 0.5840 0.6232 -0.0631 -0.0450 0.2563 9  DG B "C2'" 
371 C "C1'" . DG B 9  ? 0.5554 0.5845 0.5862 -0.0601 -0.0218 0.2441 9  DG B "C1'" 
372 N N9    . DG B 9  ? 0.5473 0.5936 0.5733 -0.0693 -0.0044 0.2390 9  DG B N9    
373 C C8    . DG B 9  ? 0.6435 0.6915 0.6866 -0.0689 -0.0023 0.2323 9  DG B C8    
374 N N7    . DG B 9  ? 0.6042 0.6745 0.6446 -0.0773 0.0132  0.2276 9  DG B N7    
375 C C5    . DG B 9  ? 0.5559 0.6412 0.5783 -0.0807 0.0244  0.2292 9  DG B C5    
376 C C6    . DG B 9  ? 0.6388 0.7525 0.6571 -0.0861 0.0435  0.2234 9  DG B C6    
377 O O6    . DG B 9  ? 0.5617 0.6963 0.5942 -0.0903 0.0533  0.2171 9  DG B O6    
378 N N1    . DG B 9  ? 0.5247 0.6417 0.5221 -0.0866 0.0502  0.2245 9  DG B N1    
379 C C2    . DG B 9  ? 0.6725 0.7694 0.6546 -0.0836 0.0380  0.2307 9  DG B C2    
380 N N2    . DG B 9  ? 0.5449 0.6465 0.5048 -0.0859 0.0459  0.2288 9  DG B N2    
381 N N3    . DG B 9  ? 0.5437 0.6172 0.5334 -0.0785 0.0184  0.2372 9  DG B N3    
382 C C4    . DG B 9  ? 0.6907 0.7602 0.7018 -0.0761 0.0138  0.2354 9  DG B C4    
383 P P     . DG B 10 ? 0.6900 0.6413 0.7318 -0.0514 -0.0996 0.2785 10 DG B P     
384 O OP1   . DG B 10 ? 0.6336 0.5924 0.6829 -0.0442 -0.1119 0.2791 10 DG B OP1   
385 O OP2   . DG B 10 ? 0.6816 0.6091 0.7493 -0.0441 -0.1144 0.2803 10 DG B OP2   
386 O "O5'" . DG B 10 ? 0.6674 0.6089 0.6547 -0.0769 -0.0914 0.2910 10 DG B "O5'" 
387 C "C5'" . DG B 10 ? 0.7713 0.7287 0.7284 -0.0845 -0.0795 0.2891 10 DG B "C5'" 
388 C "C4'" . DG B 10 ? 0.7640 0.7166 0.6749 -0.1080 -0.0653 0.2973 10 DG B "C4'" 
389 O "O4'" . DG B 10 ? 0.8226 0.8054 0.7457 -0.1075 -0.0373 0.2833 10 DG B "O4'" 
390 C "C3'" . DG B 10 ? 0.7466 0.6653 0.6406 -0.1234 -0.0787 0.3156 10 DG B "C3'" 
391 O "O3'" . DG B 10 ? 1.1341 1.0189 0.9916 -0.1336 -0.1039 0.3350 10 DG B "O3'" 
392 C "C2'" . DG B 10 ? 0.8093 0.7415 0.6785 -0.1432 -0.0521 0.3153 10 DG B "C2'" 
393 C "C1'" . DG B 10 ? 0.7458 0.7216 0.6390 -0.1301 -0.0269 0.2929 10 DG B "C1'" 
394 N N9    . DG B 10 ? 0.6876 0.6820 0.6086 -0.1295 -0.0122 0.2838 10 DG B N9    
395 C C8    . DG B 10 ? 0.7449 0.7272 0.6951 -0.1237 -0.0227 0.2829 10 DG B C8    
396 N N7    . DG B 10 ? 0.7229 0.7272 0.6912 -0.1265 -0.0068 0.2727 10 DG B N7    
397 C C5    . DG B 10 ? 0.8293 0.8637 0.7833 -0.1332 0.0156  0.2674 10 DG B C5    
398 C C6    . DG B 10 ? 0.7750 0.8448 0.7437 -0.1374 0.0376  0.2562 10 DG B C6    
399 O O6    . DG B 10 ? 0.6113 0.6924 0.6062 -0.1382 0.0398  0.2495 10 DG B O6    
400 N N1    . DG B 10 ? 0.6173 0.7095 0.5681 -0.1410 0.0565  0.2519 10 DG B N1    
401 C C2    . DG B 10 ? 0.7736 0.8531 0.6914 -0.1418 0.0544  0.2568 10 DG B C2    
402 N N2    . DG B 10 ? 0.6306 0.7325 0.5334 -0.1451 0.0753  0.2488 10 DG B N2    
403 N N3    . DG B 10 ? 0.7068 0.7533 0.6081 -0.1399 0.0319  0.2682 10 DG B N3    
404 C C4    . DG B 10 ? 0.7587 0.7856 0.6819 -0.1350 0.0136  0.2733 10 DG B C4    
# 
